data_8W7C
#
_entry.id   8W7C
#
_cell.length_a   142.245
_cell.length_b   153.591
_cell.length_c   104.617
_cell.angle_alpha   90.00
_cell.angle_beta   117.96
_cell.angle_gamma   90.00
#
_symmetry.space_group_name_H-M   'C 1 2 1'
#
loop_
_entity.id
_entity.type
_entity.pdbx_description
1 polymer 'ATP-dependent Clp protease proteolytic subunit, mitochondrial'
2 non-polymer 11-[(3-chlorophenyl)methyl]-7-[[4-(trifluoromethyl)phenyl]methyl]-2,5,7,11-tetrazatricyclo[7.4.0.0^{2,6}]trideca-1(9),3,5-trien-8-one
#
_entity_poly.entity_id   1
_entity_poly.type   'polypeptide(L)'
_entity_poly.pdbx_seq_one_letter_code
;GSSLIPIVVEQTGRGERAYDIYSRLLRERIVCVMGPIDDSVASLVIAQLLFLQSESNKKPIHMYINSPGGVVTAGLAIYD
TMQYILNPICTWCVGQAASMGSLLLAAGTPGMRHSLPNSRIMIHQPSGGARGQATDIAIQAEEIMKLKKQLYNIYAKHTK
QSLQVIESAMERDRYMSPMEAQEFGILDKVLVHPPQDGEDEPTLVQKEPVEAAPAAEPVPAST
;
_entity_poly.pdbx_strand_id   A,B,C,D,E,F,G
#
loop_
_chem_comp.id
_chem_comp.type
_chem_comp.name
_chem_comp.formula
R89 non-polymer 11-[(3-chlorophenyl)methyl]-7-[[4-(trifluoromethyl)phenyl]methyl]-2,5,7,11-tetrazatricyclo[7.4.0.0^{2,6}]trideca-1(9),3,5-trien-8-one 'C24 H20 Cl F3 N4 O'
#
# COMPACT_ATOMS: atom_id res chain seq x y z
N LEU A 4 -3.54 8.60 9.59
CA LEU A 4 -4.10 8.78 8.27
C LEU A 4 -5.52 8.22 8.16
N ILE A 5 -5.62 6.92 7.94
CA ILE A 5 -6.87 6.26 7.56
C ILE A 5 -7.66 5.83 8.78
N PRO A 6 -8.93 6.23 8.89
CA PRO A 6 -9.70 5.90 10.09
C PRO A 6 -10.10 4.43 10.14
N ILE A 7 -10.34 3.97 11.36
CA ILE A 7 -10.88 2.64 11.62
C ILE A 7 -12.32 2.81 12.06
N VAL A 8 -13.21 1.97 11.53
CA VAL A 8 -14.60 1.98 11.96
C VAL A 8 -14.99 0.58 12.42
N VAL A 9 -15.88 0.53 13.41
CA VAL A 9 -16.31 -0.74 14.01
C VAL A 9 -17.10 -1.58 13.01
N ASP A 20 -11.42 -0.42 9.63
CA ASP A 20 -10.71 0.30 8.58
C ASP A 20 -11.76 0.71 7.53
N ILE A 21 -11.70 1.96 7.09
CA ILE A 21 -12.79 2.50 6.27
C ILE A 21 -12.67 2.05 4.80
N TYR A 22 -11.47 1.90 4.27
CA TYR A 22 -11.35 1.45 2.89
C TYR A 22 -11.69 -0.03 2.76
N SER A 23 -11.37 -0.83 3.78
CA SER A 23 -11.80 -2.22 3.78
C SER A 23 -13.30 -2.34 4.03
N ARG A 24 -13.88 -1.38 4.77
CA ARG A 24 -15.32 -1.42 4.99
C ARG A 24 -16.08 -1.07 3.71
N LEU A 25 -15.53 -0.18 2.87
CA LEU A 25 -16.12 0.07 1.57
C LEU A 25 -16.14 -1.20 0.73
N LEU A 26 -15.07 -2.00 0.83
CA LEU A 26 -15.01 -3.25 0.09
C LEU A 26 -16.01 -4.28 0.61
N ARG A 27 -16.32 -4.26 1.92
CA ARG A 27 -17.37 -5.13 2.43
C ARG A 27 -18.74 -4.77 1.86
N GLU A 28 -18.90 -3.55 1.35
CA GLU A 28 -20.15 -3.13 0.72
C GLU A 28 -20.09 -3.24 -0.80
N ARG A 29 -19.11 -3.98 -1.31
CA ARG A 29 -18.96 -4.23 -2.75
C ARG A 29 -18.67 -2.92 -3.49
N ILE A 30 -17.88 -2.05 -2.87
CA ILE A 30 -17.50 -0.75 -3.44
C ILE A 30 -15.99 -0.74 -3.68
N VAL A 31 -15.60 -0.69 -4.95
CA VAL A 31 -14.21 -0.52 -5.34
C VAL A 31 -13.99 0.94 -5.73
N CYS A 32 -12.93 1.55 -5.21
CA CYS A 32 -12.59 2.94 -5.49
C CYS A 32 -11.40 3.03 -6.45
N VAL A 33 -11.53 3.84 -7.50
CA VAL A 33 -10.47 4.03 -8.47
C VAL A 33 -10.02 5.49 -8.46
N MET A 34 -10.24 6.17 -7.33
CA MET A 34 -9.70 7.52 -7.16
C MET A 34 -8.19 7.54 -7.36
N GLY A 35 -7.68 8.64 -7.91
CA GLY A 35 -6.27 8.80 -8.20
C GLY A 35 -5.83 8.21 -9.53
N PRO A 36 -4.59 8.49 -9.92
CA PRO A 36 -4.06 8.00 -11.19
C PRO A 36 -3.96 6.48 -11.23
N ILE A 37 -4.07 5.93 -12.43
CA ILE A 37 -4.02 4.48 -12.64
C ILE A 37 -2.62 4.09 -13.10
N ASP A 38 -2.00 3.19 -12.36
CA ASP A 38 -0.76 2.54 -12.77
C ASP A 38 -0.92 1.03 -12.53
N ASP A 39 0.15 0.27 -12.81
CA ASP A 39 0.07 -1.18 -12.68
C ASP A 39 -0.25 -1.61 -11.26
N SER A 40 0.25 -0.90 -10.25
CA SER A 40 -0.05 -1.27 -8.87
C SER A 40 -1.51 -1.00 -8.55
N VAL A 41 -2.07 0.10 -9.08
CA VAL A 41 -3.50 0.35 -8.95
C VAL A 41 -4.29 -0.73 -9.67
N ALA A 42 -3.85 -1.11 -10.87
CA ALA A 42 -4.56 -2.11 -11.65
C ALA A 42 -4.62 -3.45 -10.93
N SER A 43 -3.48 -3.89 -10.38
CA SER A 43 -3.43 -5.16 -9.65
C SER A 43 -4.41 -5.15 -8.49
N LEU A 44 -4.46 -4.06 -7.75
CA LEU A 44 -5.32 -3.97 -6.58
C LEU A 44 -6.80 -3.97 -6.98
N VAL A 45 -7.17 -3.14 -7.97
CA VAL A 45 -8.55 -3.15 -8.47
C VAL A 45 -8.93 -4.53 -9.02
N ILE A 46 -8.04 -5.12 -9.82
CA ILE A 46 -8.32 -6.45 -10.38
C ILE A 46 -8.54 -7.46 -9.27
N ALA A 47 -7.68 -7.44 -8.26
CA ALA A 47 -7.82 -8.39 -7.14
C ALA A 47 -9.15 -8.20 -6.42
N GLN A 48 -9.57 -6.96 -6.20
CA GLN A 48 -10.83 -6.71 -5.52
C GLN A 48 -12.01 -7.12 -6.38
N LEU A 49 -11.93 -6.88 -7.69
CA LEU A 49 -13.01 -7.30 -8.58
C LEU A 49 -13.13 -8.81 -8.62
N LEU A 50 -11.99 -9.51 -8.75
CA LEU A 50 -12.00 -10.97 -8.74
C LEU A 50 -12.46 -11.50 -7.39
N PHE A 51 -12.09 -10.81 -6.31
CA PHE A 51 -12.53 -11.20 -4.97
C PHE A 51 -14.03 -11.01 -4.80
N LEU A 52 -14.56 -9.90 -5.28
CA LEU A 52 -15.99 -9.62 -5.11
C LEU A 52 -16.84 -10.61 -5.86
N GLN A 53 -16.34 -11.16 -6.97
CA GLN A 53 -17.07 -12.19 -7.70
C GLN A 53 -17.19 -13.48 -6.88
N SER A 54 -16.20 -13.78 -6.03
CA SER A 54 -16.25 -15.01 -5.23
C SER A 54 -17.34 -14.99 -4.16
N GLU A 55 -17.67 -13.82 -3.58
CA GLU A 55 -18.81 -13.77 -2.67
C GLU A 55 -20.13 -13.99 -3.39
N SER A 56 -20.27 -13.43 -4.57
CA SER A 56 -21.54 -13.51 -5.28
C SER A 56 -21.27 -13.47 -6.77
N ASN A 57 -21.85 -14.45 -7.46
CA ASN A 57 -21.67 -14.54 -8.90
C ASN A 57 -22.26 -13.33 -9.60
N LYS A 58 -23.41 -12.85 -9.13
CA LYS A 58 -24.14 -11.81 -9.85
C LYS A 58 -24.55 -10.60 -9.00
N LYS A 59 -24.07 -10.45 -7.77
CA LYS A 59 -24.41 -9.25 -7.02
C LYS A 59 -23.66 -8.06 -7.62
N PRO A 60 -24.33 -6.92 -7.79
CA PRO A 60 -23.68 -5.79 -8.46
C PRO A 60 -22.47 -5.28 -7.67
N ILE A 61 -21.45 -4.85 -8.40
CA ILE A 61 -20.26 -4.22 -7.86
C ILE A 61 -20.32 -2.74 -8.18
N HIS A 62 -19.94 -1.90 -7.22
CA HIS A 62 -19.92 -0.46 -7.40
C HIS A 62 -18.50 0.04 -7.53
N MET A 63 -18.28 0.95 -8.48
CA MET A 63 -16.94 1.44 -8.80
C MET A 63 -16.96 2.96 -8.78
N TYR A 64 -16.17 3.55 -7.88
CA TYR A 64 -16.08 5.00 -7.72
C TYR A 64 -14.87 5.49 -8.50
N ILE A 65 -15.07 6.43 -9.41
CA ILE A 65 -14.01 6.94 -10.26
C ILE A 65 -13.85 8.44 -10.00
N ASN A 66 -12.63 8.84 -9.61
CA ASN A 66 -12.21 10.23 -9.56
C ASN A 66 -10.75 10.24 -9.98
N SER A 67 -10.52 9.96 -11.26
CA SER A 67 -9.17 9.73 -11.76
C SER A 67 -8.88 10.61 -12.97
N PRO A 68 -7.66 11.16 -13.05
CA PRO A 68 -7.23 11.88 -14.26
C PRO A 68 -6.65 11.01 -15.36
N GLY A 69 -6.68 9.69 -15.22
CA GLY A 69 -6.12 8.79 -16.20
C GLY A 69 -4.90 8.06 -15.69
N GLY A 70 -4.12 7.54 -16.63
CA GLY A 70 -2.90 6.84 -16.23
C GLY A 70 -2.37 5.99 -17.37
N VAL A 71 -1.66 4.92 -16.98
CA VAL A 71 -1.03 4.01 -17.93
C VAL A 71 -2.12 3.29 -18.72
N VAL A 72 -1.97 3.25 -20.04
CA VAL A 72 -3.02 2.71 -20.91
C VAL A 72 -3.15 1.20 -20.74
N THR A 73 -2.03 0.47 -20.72
CA THR A 73 -2.12 -0.98 -20.56
C THR A 73 -2.66 -1.35 -19.19
N ALA A 74 -2.35 -0.56 -18.17
CA ALA A 74 -2.93 -0.81 -16.85
C ALA A 74 -4.42 -0.49 -16.84
N GLY A 75 -4.84 0.53 -17.59
CA GLY A 75 -6.26 0.82 -17.70
C GLY A 75 -7.01 -0.27 -18.45
N LEU A 76 -6.44 -0.76 -19.55
CA LEU A 76 -7.08 -1.85 -20.28
C LEU A 76 -7.15 -3.12 -19.43
N ALA A 77 -6.16 -3.33 -18.55
CA ALA A 77 -6.18 -4.49 -17.67
C ALA A 77 -7.42 -4.48 -16.76
N ILE A 78 -7.77 -3.32 -16.21
CA ILE A 78 -8.99 -3.21 -15.41
C ILE A 78 -10.21 -3.39 -16.31
N TYR A 79 -10.22 -2.73 -17.46
CA TYR A 79 -11.35 -2.84 -18.39
C TYR A 79 -11.65 -4.29 -18.74
N ASP A 80 -10.61 -5.05 -19.09
CA ASP A 80 -10.80 -6.45 -19.44
C ASP A 80 -11.33 -7.24 -18.26
N THR A 81 -10.93 -6.89 -17.03
CA THR A 81 -11.44 -7.59 -15.86
C THR A 81 -12.90 -7.29 -15.62
N MET A 82 -13.32 -6.03 -15.83
CA MET A 82 -14.73 -5.69 -15.70
C MET A 82 -15.57 -6.48 -16.71
N GLN A 83 -15.13 -6.53 -17.96
CA GLN A 83 -15.85 -7.28 -18.98
C GLN A 83 -15.84 -8.78 -18.69
N TYR A 84 -14.75 -9.28 -18.10
CA TYR A 84 -14.62 -10.71 -17.84
C TYR A 84 -15.62 -11.19 -16.78
N ILE A 85 -15.66 -10.50 -15.63
CA ILE A 85 -16.44 -10.99 -14.51
C ILE A 85 -17.93 -10.94 -14.83
N LEU A 86 -18.69 -11.82 -14.17
CA LEU A 86 -20.11 -11.96 -14.48
C LEU A 86 -20.96 -10.88 -13.83
N ASN A 87 -20.43 -10.19 -12.83
CA ASN A 87 -21.26 -9.25 -12.07
C ASN A 87 -21.60 -8.04 -12.92
N PRO A 88 -22.83 -7.53 -12.80
CA PRO A 88 -23.10 -6.17 -13.28
C PRO A 88 -22.32 -5.15 -12.46
N ILE A 89 -21.80 -4.13 -13.14
CA ILE A 89 -20.94 -3.13 -12.50
C ILE A 89 -21.56 -1.75 -12.67
N CYS A 90 -21.89 -1.11 -11.55
CA CYS A 90 -22.33 0.27 -11.56
C CYS A 90 -21.11 1.17 -11.36
N THR A 91 -20.84 2.01 -12.34
CA THR A 91 -19.76 2.99 -12.25
C THR A 91 -20.30 4.34 -11.82
N TRP A 92 -19.56 5.01 -10.93
CA TRP A 92 -19.94 6.29 -10.37
C TRP A 92 -18.79 7.27 -10.53
N CYS A 93 -19.01 8.33 -11.29
CA CYS A 93 -18.01 9.38 -11.48
C CYS A 93 -18.31 10.52 -10.51
N VAL A 94 -17.38 10.78 -9.61
CA VAL A 94 -17.42 11.94 -8.74
C VAL A 94 -16.09 12.67 -8.91
N GLY A 95 -16.13 13.99 -8.92
CA GLY A 95 -14.92 14.75 -9.19
C GLY A 95 -14.63 14.85 -10.68
N GLN A 96 -13.91 13.87 -11.24
CA GLN A 96 -13.64 13.87 -12.67
C GLN A 96 -13.21 12.48 -13.11
N ALA A 97 -13.34 12.25 -14.43
CA ALA A 97 -12.92 11.00 -15.06
C ALA A 97 -12.36 11.35 -16.42
N ALA A 98 -11.03 11.37 -16.53
CA ALA A 98 -10.35 11.77 -17.76
C ALA A 98 -9.48 10.63 -18.27
N SER A 99 -9.28 10.60 -19.58
CA SER A 99 -8.41 9.64 -20.26
C SER A 99 -8.92 8.23 -19.94
N MET A 100 -8.07 7.33 -19.43
CA MET A 100 -8.53 5.98 -19.08
C MET A 100 -9.63 6.01 -18.03
N GLY A 101 -9.67 7.07 -17.22
CA GLY A 101 -10.72 7.17 -16.21
C GLY A 101 -12.11 7.14 -16.80
N SER A 102 -12.33 7.92 -17.87
CA SER A 102 -13.64 7.95 -18.50
C SER A 102 -13.94 6.65 -19.23
N LEU A 103 -12.90 5.95 -19.70
CA LEU A 103 -13.13 4.66 -20.36
C LEU A 103 -13.68 3.64 -19.37
N LEU A 104 -13.11 3.57 -18.17
CA LEU A 104 -13.64 2.70 -17.14
C LEU A 104 -15.06 3.10 -16.76
N LEU A 105 -15.32 4.40 -16.65
CA LEU A 105 -16.66 4.89 -16.36
C LEU A 105 -17.65 4.47 -17.45
N ALA A 106 -17.28 4.67 -18.71
CA ALA A 106 -18.17 4.27 -19.82
C ALA A 106 -18.31 2.76 -19.93
N ALA A 107 -17.42 2.00 -19.31
CA ALA A 107 -17.41 0.54 -19.44
C ALA A 107 -18.32 -0.15 -18.42
N GLY A 108 -19.05 0.61 -17.62
CA GLY A 108 -19.99 0.01 -16.69
C GLY A 108 -21.13 -0.70 -17.41
N THR A 109 -21.90 -1.44 -16.63
CA THR A 109 -23.05 -2.14 -17.19
C THR A 109 -24.04 -1.13 -17.75
N PRO A 110 -24.58 -1.35 -18.95
CA PRO A 110 -25.51 -0.36 -19.53
C PRO A 110 -26.69 -0.08 -18.60
N GLY A 111 -27.03 1.20 -18.49
CA GLY A 111 -28.04 1.68 -17.58
C GLY A 111 -27.56 1.96 -16.18
N MET A 112 -26.27 1.72 -15.88
CA MET A 112 -25.77 1.86 -14.52
C MET A 112 -24.48 2.69 -14.47
N ARG A 113 -24.26 3.56 -15.44
CA ARG A 113 -23.11 4.46 -15.43
C ARG A 113 -23.58 5.84 -15.01
N HIS A 114 -23.07 6.33 -13.89
CA HIS A 114 -23.59 7.53 -13.27
C HIS A 114 -22.50 8.59 -13.11
N SER A 115 -22.94 9.82 -12.92
CA SER A 115 -22.07 10.92 -12.55
C SER A 115 -22.81 11.83 -11.56
N LEU A 116 -22.05 12.48 -10.72
CA LEU A 116 -22.63 13.49 -9.85
C LEU A 116 -22.66 14.82 -10.58
N PRO A 117 -23.47 15.79 -10.10
CA PRO A 117 -23.75 16.97 -10.95
C PRO A 117 -22.54 17.77 -11.40
N ASN A 118 -21.53 17.96 -10.56
CA ASN A 118 -20.43 18.87 -10.86
C ASN A 118 -19.16 18.15 -11.34
N SER A 119 -19.29 16.97 -11.92
CA SER A 119 -18.13 16.21 -12.39
C SER A 119 -17.71 16.61 -13.80
N ARG A 120 -16.42 16.41 -14.09
CA ARG A 120 -15.84 16.72 -15.38
C ARG A 120 -15.43 15.41 -16.06
N ILE A 121 -15.76 15.26 -17.35
CA ILE A 121 -15.45 14.04 -18.09
C ILE A 121 -14.67 14.40 -19.35
N MET A 122 -13.60 13.66 -19.62
CA MET A 122 -12.76 13.87 -20.79
C MET A 122 -12.30 12.54 -21.35
N ILE A 123 -12.51 12.35 -22.66
CA ILE A 123 -12.05 11.15 -23.35
C ILE A 123 -10.78 11.40 -24.16
N HIS A 124 -10.48 12.65 -24.50
CA HIS A 124 -9.23 13.00 -25.16
C HIS A 124 -8.05 12.42 -24.39
N GLN A 125 -7.09 11.84 -25.13
CA GLN A 125 -6.04 11.32 -24.28
C GLN A 125 -4.89 12.32 -24.17
N PRO A 126 -4.26 12.43 -23.00
CA PRO A 126 -3.17 13.39 -22.85
C PRO A 126 -1.91 12.91 -23.55
N SER A 127 -1.05 13.86 -23.88
CA SER A 127 0.12 13.60 -24.72
C SER A 127 1.32 13.18 -23.89
N ALA A 134 2.35 7.55 -19.02
CA ALA A 134 1.45 7.27 -20.14
C ALA A 134 1.61 5.82 -20.60
N THR A 135 2.85 5.34 -20.60
CA THR A 135 3.14 3.95 -20.96
C THR A 135 4.13 3.35 -19.98
N ASP A 136 4.06 2.03 -19.83
CA ASP A 136 5.01 1.31 -19.00
C ASP A 136 6.44 1.49 -19.52
N ILE A 137 6.65 1.24 -20.80
CA ILE A 137 7.96 1.34 -21.43
C ILE A 137 7.86 2.17 -22.71
N ALA A 138 9.02 2.63 -23.17
CA ALA A 138 9.09 3.41 -24.39
C ALA A 138 8.77 2.52 -25.60
N ILE A 139 7.88 2.99 -26.46
CA ILE A 139 7.35 2.19 -27.56
C ILE A 139 7.43 2.96 -28.88
N GLN A 140 7.18 2.23 -29.97
CA GLN A 140 7.23 2.72 -31.33
C GLN A 140 5.91 3.40 -31.72
N ALA A 141 5.93 4.07 -32.88
CA ALA A 141 4.74 4.77 -33.36
C ALA A 141 3.62 3.82 -33.74
N GLU A 142 3.93 2.62 -34.22
CA GLU A 142 2.89 1.69 -34.63
C GLU A 142 2.11 1.16 -33.42
N GLU A 143 2.79 0.96 -32.30
CA GLU A 143 2.10 0.42 -31.12
C GLU A 143 1.21 1.46 -30.45
N ILE A 144 1.66 2.71 -30.37
CA ILE A 144 0.83 3.75 -29.79
C ILE A 144 -0.46 3.93 -30.60
N MET A 145 -0.36 3.74 -31.92
CA MET A 145 -1.56 3.87 -32.75
C MET A 145 -2.48 2.66 -32.59
N LYS A 146 -1.90 1.45 -32.48
CA LYS A 146 -2.72 0.28 -32.20
C LYS A 146 -3.46 0.42 -30.88
N LEU A 147 -2.81 0.97 -29.86
CA LEU A 147 -3.49 1.20 -28.59
C LEU A 147 -4.57 2.28 -28.74
N LYS A 148 -4.25 3.33 -29.50
CA LYS A 148 -5.23 4.39 -29.74
C LYS A 148 -6.45 3.85 -30.49
N LYS A 149 -6.20 3.02 -31.50
CA LYS A 149 -7.30 2.36 -32.20
C LYS A 149 -8.06 1.42 -31.29
N GLN A 150 -7.35 0.72 -30.40
CA GLN A 150 -8.02 -0.12 -29.41
C GLN A 150 -8.97 0.71 -28.54
N LEU A 151 -8.56 1.94 -28.21
CA LEU A 151 -9.44 2.80 -27.42
C LEU A 151 -10.65 3.25 -28.23
N TYR A 152 -10.45 3.53 -29.53
CA TYR A 152 -11.56 3.88 -30.41
C TYR A 152 -12.65 2.81 -30.39
N ASN A 153 -12.26 1.55 -30.57
CA ASN A 153 -13.23 0.47 -30.67
C ASN A 153 -13.97 0.27 -29.35
N ILE A 154 -13.26 0.38 -28.23
CA ILE A 154 -13.92 0.26 -26.92
C ILE A 154 -14.91 1.40 -26.73
N TYR A 155 -14.47 2.63 -26.97
CA TYR A 155 -15.35 3.79 -26.85
C TYR A 155 -16.55 3.68 -27.77
N ALA A 156 -16.32 3.32 -29.04
CA ALA A 156 -17.42 3.16 -29.98
C ALA A 156 -18.40 2.08 -29.53
N LYS A 157 -17.89 0.99 -28.95
CA LYS A 157 -18.76 -0.10 -28.52
C LYS A 157 -19.73 0.34 -27.44
N HIS A 158 -19.24 1.04 -26.42
CA HIS A 158 -20.03 1.32 -25.24
C HIS A 158 -20.83 2.61 -25.34
N THR A 159 -20.42 3.54 -26.19
CA THR A 159 -21.21 4.74 -26.44
C THR A 159 -22.25 4.55 -27.55
N LYS A 160 -22.10 3.49 -28.36
CA LYS A 160 -22.95 3.22 -29.52
C LYS A 160 -22.80 4.28 -30.59
N GLN A 161 -21.65 4.94 -30.61
CA GLN A 161 -21.27 5.93 -31.60
C GLN A 161 -20.40 5.29 -32.68
N SER A 162 -20.44 5.90 -33.86
CA SER A 162 -19.59 5.45 -34.96
C SER A 162 -18.13 5.72 -34.64
N LEU A 163 -17.24 4.99 -35.32
CA LEU A 163 -15.81 5.22 -35.14
C LEU A 163 -15.44 6.66 -35.49
N GLN A 164 -16.04 7.21 -36.54
CA GLN A 164 -15.73 8.57 -36.97
C GLN A 164 -16.03 9.61 -35.90
N VAL A 165 -17.21 9.52 -35.27
CA VAL A 165 -17.53 10.54 -34.27
C VAL A 165 -16.65 10.39 -33.04
N ILE A 166 -16.26 9.16 -32.70
CA ILE A 166 -15.39 8.92 -31.55
C ILE A 166 -14.03 9.55 -31.79
N GLU A 167 -13.45 9.30 -32.97
CA GLU A 167 -12.14 9.87 -33.27
C GLU A 167 -12.17 11.39 -33.21
N SER A 168 -13.25 11.99 -33.70
CA SER A 168 -13.39 13.44 -33.67
C SER A 168 -13.52 13.95 -32.24
N ALA A 169 -14.24 13.23 -31.38
CA ALA A 169 -14.39 13.65 -29.99
C ALA A 169 -13.05 13.69 -29.28
N MET A 170 -12.27 12.61 -29.41
CA MET A 170 -10.98 12.52 -28.75
C MET A 170 -9.96 13.53 -29.28
N GLU A 171 -10.15 14.04 -30.50
CA GLU A 171 -9.20 15.00 -31.05
C GLU A 171 -9.21 16.34 -30.33
N ARG A 172 -10.28 16.65 -29.61
CA ARG A 172 -10.46 17.93 -28.93
C ARG A 172 -10.02 17.90 -27.46
N ASP A 173 -9.21 18.87 -27.06
CA ASP A 173 -8.74 19.01 -25.67
C ASP A 173 -9.77 19.76 -24.82
N ARG A 174 -10.92 19.12 -24.63
CA ARG A 174 -11.99 19.73 -23.86
C ARG A 174 -12.62 18.71 -22.91
N TYR A 175 -13.11 19.19 -21.78
CA TYR A 175 -13.92 18.39 -20.88
C TYR A 175 -15.40 18.59 -21.19
N MET A 176 -16.21 17.60 -20.82
CA MET A 176 -17.66 17.69 -20.97
C MET A 176 -18.32 17.56 -19.60
N SER A 177 -19.51 18.16 -19.48
CA SER A 177 -20.30 18.11 -18.27
C SER A 177 -21.01 16.76 -18.15
N PRO A 178 -21.41 16.37 -16.94
CA PRO A 178 -22.08 15.06 -16.78
C PRO A 178 -23.31 14.89 -17.63
N MET A 179 -24.13 15.95 -17.73
CA MET A 179 -25.38 15.85 -18.46
C MET A 179 -25.16 15.80 -19.98
N GLU A 180 -24.02 16.31 -20.44
CA GLU A 180 -23.64 16.21 -21.85
C GLU A 180 -22.93 14.91 -22.18
N ALA A 181 -22.18 14.36 -21.22
CA ALA A 181 -21.58 13.04 -21.42
C ALA A 181 -22.68 11.99 -21.54
N GLN A 182 -23.84 12.25 -20.93
CA GLN A 182 -24.99 11.37 -21.08
C GLN A 182 -25.47 11.31 -22.52
N GLU A 183 -25.56 12.47 -23.18
CA GLU A 183 -26.03 12.47 -24.57
C GLU A 183 -25.02 11.82 -25.49
N PHE A 184 -23.73 11.89 -25.14
CA PHE A 184 -22.70 11.25 -25.92
C PHE A 184 -22.71 9.73 -25.72
N GLY A 185 -23.26 9.26 -24.60
CA GLY A 185 -23.31 7.85 -24.33
C GLY A 185 -22.27 7.33 -23.36
N ILE A 186 -21.50 8.21 -22.72
CA ILE A 186 -20.47 7.77 -21.79
C ILE A 186 -21.11 7.28 -20.49
N LEU A 187 -22.18 7.94 -20.07
CA LEU A 187 -22.90 7.56 -18.88
C LEU A 187 -24.39 7.67 -19.15
N ASP A 188 -25.19 7.22 -18.20
CA ASP A 188 -26.61 7.06 -18.43
C ASP A 188 -27.47 7.94 -17.54
N LYS A 189 -27.00 8.27 -16.34
CA LYS A 189 -27.79 8.98 -15.35
C LYS A 189 -26.90 9.92 -14.55
N VAL A 190 -27.27 11.20 -14.51
CA VAL A 190 -26.62 12.21 -13.68
C VAL A 190 -27.53 12.48 -12.48
N LEU A 191 -27.14 11.98 -11.31
CA LEU A 191 -28.00 11.95 -10.14
C LEU A 191 -27.58 12.99 -9.11
N VAL A 192 -28.55 13.36 -8.29
CA VAL A 192 -28.38 14.45 -7.33
C VAL A 192 -28.61 13.99 -5.89
N HIS A 193 -29.31 12.88 -5.65
CA HIS A 193 -29.72 12.46 -4.31
C HIS A 193 -30.14 11.00 -4.29
N LEU B 4 -57.10 -10.05 -31.58
CA LEU B 4 -55.78 -10.67 -31.66
C LEU B 4 -54.75 -9.77 -30.97
N ILE B 5 -53.51 -10.23 -30.95
CA ILE B 5 -52.38 -9.45 -30.47
C ILE B 5 -52.29 -8.16 -31.27
N PRO B 6 -52.25 -6.99 -30.64
CA PRO B 6 -52.23 -5.73 -31.41
C PRO B 6 -50.88 -5.55 -32.09
N ILE B 7 -50.89 -4.75 -33.14
CA ILE B 7 -49.70 -4.46 -33.93
C ILE B 7 -49.23 -3.05 -33.61
N VAL B 8 -47.91 -2.89 -33.45
CA VAL B 8 -47.31 -1.57 -33.23
C VAL B 8 -46.25 -1.33 -34.29
N VAL B 9 -46.01 -0.05 -34.58
CA VAL B 9 -45.08 0.37 -35.62
C VAL B 9 -44.28 1.57 -35.16
N ASP B 20 -45.77 -5.83 -34.05
CA ASP B 20 -46.42 -6.73 -33.12
C ASP B 20 -45.95 -6.39 -31.70
N ILE B 21 -46.88 -6.32 -30.75
CA ILE B 21 -46.56 -5.72 -29.45
C ILE B 21 -45.76 -6.66 -28.55
N TYR B 22 -46.02 -7.97 -28.62
CA TYR B 22 -45.22 -8.87 -27.81
C TYR B 22 -43.82 -9.02 -28.37
N SER B 23 -43.67 -8.92 -29.68
CA SER B 23 -42.35 -8.89 -30.29
C SER B 23 -41.64 -7.57 -30.02
N ARG B 24 -42.41 -6.49 -29.87
CA ARG B 24 -41.82 -5.20 -29.54
C ARG B 24 -41.29 -5.19 -28.10
N LEU B 25 -41.97 -5.90 -27.20
CA LEU B 25 -41.44 -6.08 -25.85
C LEU B 25 -40.09 -6.79 -25.87
N LEU B 26 -39.94 -7.79 -26.75
CA LEU B 26 -38.66 -8.46 -26.84
C LEU B 26 -37.58 -7.56 -27.42
N ARG B 27 -37.94 -6.63 -28.30
CA ARG B 27 -36.98 -5.64 -28.78
C ARG B 27 -36.50 -4.73 -27.65
N GLU B 28 -37.26 -4.63 -26.57
CA GLU B 28 -36.88 -3.84 -25.41
C GLU B 28 -36.28 -4.69 -24.30
N ARG B 29 -35.92 -5.94 -24.61
CA ARG B 29 -35.33 -6.85 -23.64
C ARG B 29 -36.30 -7.16 -22.49
N ILE B 30 -37.57 -7.31 -22.84
CA ILE B 30 -38.64 -7.63 -21.90
C ILE B 30 -39.14 -9.03 -22.25
N VAL B 31 -38.89 -9.99 -21.36
CA VAL B 31 -39.41 -11.34 -21.47
C VAL B 31 -40.62 -11.45 -20.56
N CYS B 32 -41.72 -12.01 -21.09
CA CYS B 32 -42.95 -12.14 -20.34
C CYS B 32 -43.13 -13.59 -19.88
N VAL B 33 -43.35 -13.75 -18.57
CA VAL B 33 -43.61 -15.04 -17.94
C VAL B 33 -44.97 -14.91 -17.27
N MET B 34 -45.91 -14.26 -17.96
CA MET B 34 -47.28 -14.11 -17.47
C MET B 34 -48.14 -15.30 -17.89
N GLY B 35 -48.63 -16.05 -16.90
CA GLY B 35 -49.41 -17.25 -17.16
C GLY B 35 -48.77 -18.49 -16.56
N PRO B 36 -49.49 -19.61 -16.59
CA PRO B 36 -48.95 -20.85 -16.01
C PRO B 36 -47.71 -21.33 -16.75
N ILE B 37 -46.79 -21.94 -16.00
CA ILE B 37 -45.55 -22.45 -16.56
C ILE B 37 -45.76 -23.87 -17.07
N ASP B 38 -45.54 -24.08 -18.35
CA ASP B 38 -45.49 -25.43 -18.91
C ASP B 38 -44.25 -25.51 -19.81
N ASP B 39 -44.05 -26.68 -20.40
CA ASP B 39 -42.86 -26.92 -21.22
C ASP B 39 -42.81 -26.01 -22.44
N SER B 40 -43.96 -25.71 -23.05
CA SER B 40 -43.95 -24.85 -24.22
C SER B 40 -43.60 -23.41 -23.83
N VAL B 41 -44.08 -22.97 -22.66
CA VAL B 41 -43.66 -21.67 -22.12
C VAL B 41 -42.16 -21.70 -21.83
N ALA B 42 -41.67 -22.81 -21.27
CA ALA B 42 -40.26 -22.92 -20.93
C ALA B 42 -39.38 -22.74 -22.16
N SER B 43 -39.73 -23.42 -23.26
CA SER B 43 -38.96 -23.29 -24.49
C SER B 43 -38.91 -21.84 -24.96
N LEU B 44 -40.04 -21.13 -24.92
CA LEU B 44 -40.09 -19.76 -25.42
C LEU B 44 -39.26 -18.82 -24.56
N VAL B 45 -39.42 -18.89 -23.23
CA VAL B 45 -38.62 -18.04 -22.34
C VAL B 45 -37.14 -18.32 -22.51
N ILE B 46 -36.75 -19.61 -22.51
CA ILE B 46 -35.34 -19.97 -22.68
C ILE B 46 -34.81 -19.45 -24.01
N ALA B 47 -35.58 -19.64 -25.08
CA ALA B 47 -35.16 -19.17 -26.40
C ALA B 47 -34.96 -17.65 -26.42
N GLN B 48 -35.86 -16.90 -25.79
CA GLN B 48 -35.74 -15.44 -25.80
C GLN B 48 -34.56 -14.99 -24.96
N LEU B 49 -34.31 -15.65 -23.83
CA LEU B 49 -33.17 -15.28 -22.99
C LEU B 49 -31.86 -15.53 -23.71
N LEU B 50 -31.75 -16.69 -24.37
CA LEU B 50 -30.54 -17.00 -25.13
C LEU B 50 -30.38 -16.02 -26.30
N PHE B 51 -31.49 -15.61 -26.91
CA PHE B 51 -31.43 -14.64 -28.00
C PHE B 51 -30.96 -13.27 -27.50
N LEU B 52 -31.52 -12.83 -26.37
CA LEU B 52 -31.14 -11.51 -25.86
C LEU B 52 -29.69 -11.47 -25.39
N GLN B 53 -29.17 -12.60 -24.90
CA GLN B 53 -27.75 -12.65 -24.55
C GLN B 53 -26.87 -12.56 -25.79
N SER B 54 -27.31 -13.13 -26.91
CA SER B 54 -26.50 -13.06 -28.12
C SER B 54 -26.41 -11.63 -28.64
N GLU B 55 -27.44 -10.82 -28.42
CA GLU B 55 -27.36 -9.41 -28.76
C GLU B 55 -26.42 -8.66 -27.83
N SER B 56 -26.47 -8.95 -26.53
CA SER B 56 -25.58 -8.27 -25.58
C SER B 56 -25.39 -9.16 -24.36
N ASN B 57 -24.13 -9.50 -24.06
CA ASN B 57 -23.82 -10.27 -22.88
C ASN B 57 -23.94 -9.46 -21.58
N LYS B 58 -24.07 -8.13 -21.65
CA LYS B 58 -24.04 -7.29 -20.47
C LYS B 58 -25.25 -6.39 -20.28
N LYS B 59 -26.03 -6.13 -21.33
CA LYS B 59 -27.18 -5.26 -21.14
C LYS B 59 -28.26 -6.01 -20.36
N PRO B 60 -28.87 -5.38 -19.35
CA PRO B 60 -29.83 -6.11 -18.51
C PRO B 60 -31.06 -6.56 -19.26
N ILE B 61 -31.57 -7.72 -18.85
CA ILE B 61 -32.82 -8.28 -19.35
C ILE B 61 -33.87 -8.12 -18.25
N HIS B 62 -35.08 -7.74 -18.64
CA HIS B 62 -36.18 -7.56 -17.70
C HIS B 62 -37.18 -8.69 -17.88
N MET B 63 -37.70 -9.19 -16.78
CA MET B 63 -38.59 -10.35 -16.80
C MET B 63 -39.85 -10.02 -16.01
N TYR B 64 -40.99 -10.07 -16.68
CA TYR B 64 -42.29 -9.75 -16.09
C TYR B 64 -42.94 -11.06 -15.66
N ILE B 65 -43.32 -11.14 -14.39
CA ILE B 65 -43.86 -12.36 -13.81
C ILE B 65 -45.25 -12.07 -13.31
N ASN B 66 -46.25 -12.80 -13.84
CA ASN B 66 -47.62 -12.83 -13.36
C ASN B 66 -48.11 -14.26 -13.57
N SER B 67 -47.59 -15.18 -12.75
CA SER B 67 -47.80 -16.60 -12.95
C SER B 67 -48.33 -17.24 -11.67
N PRO B 68 -49.29 -18.16 -11.77
CA PRO B 68 -49.71 -18.96 -10.62
C PRO B 68 -48.87 -20.21 -10.37
N GLY B 69 -47.78 -20.39 -11.11
CA GLY B 69 -46.94 -21.56 -10.98
C GLY B 69 -47.01 -22.42 -12.23
N GLY B 70 -46.61 -23.68 -12.07
CA GLY B 70 -46.69 -24.59 -13.20
C GLY B 70 -45.84 -25.83 -12.96
N VAL B 71 -45.40 -26.42 -14.09
CA VAL B 71 -44.58 -27.62 -14.03
C VAL B 71 -43.24 -27.30 -13.40
N VAL B 72 -42.82 -28.13 -12.45
CA VAL B 72 -41.61 -27.84 -11.69
C VAL B 72 -40.38 -27.97 -12.57
N THR B 73 -40.31 -29.04 -13.37
CA THR B 73 -39.15 -29.23 -14.25
C THR B 73 -39.06 -28.13 -15.29
N ALA B 74 -40.20 -27.63 -15.77
CA ALA B 74 -40.18 -26.52 -16.71
C ALA B 74 -39.75 -25.22 -16.03
N GLY B 75 -40.17 -25.02 -14.78
CA GLY B 75 -39.73 -23.84 -14.05
C GLY B 75 -38.25 -23.86 -13.73
N LEU B 76 -37.73 -25.02 -13.28
CA LEU B 76 -36.30 -25.14 -13.02
C LEU B 76 -35.49 -24.98 -14.31
N ALA B 77 -36.06 -25.40 -15.45
CA ALA B 77 -35.39 -25.20 -16.73
C ALA B 77 -35.19 -23.71 -17.01
N ILE B 78 -36.22 -22.89 -16.75
CA ILE B 78 -36.06 -21.45 -16.89
C ILE B 78 -35.05 -20.93 -15.87
N TYR B 79 -35.18 -21.40 -14.62
CA TYR B 79 -34.27 -20.96 -13.56
C TYR B 79 -32.83 -21.22 -13.95
N ASP B 80 -32.54 -22.43 -14.46
CA ASP B 80 -31.17 -22.75 -14.85
C ASP B 80 -30.68 -21.84 -15.97
N THR B 81 -31.59 -21.45 -16.87
CA THR B 81 -31.20 -20.55 -17.95
C THR B 81 -30.90 -19.15 -17.44
N MET B 82 -31.67 -18.66 -16.45
CA MET B 82 -31.37 -17.36 -15.87
C MET B 82 -29.98 -17.35 -15.23
N GLN B 83 -29.65 -18.40 -14.48
CA GLN B 83 -28.33 -18.47 -13.86
C GLN B 83 -27.22 -18.58 -14.91
N TYR B 84 -27.50 -19.26 -16.02
CA TYR B 84 -26.48 -19.53 -17.04
C TYR B 84 -26.03 -18.24 -17.72
N ILE B 85 -26.98 -17.42 -18.19
CA ILE B 85 -26.64 -16.27 -19.01
C ILE B 85 -25.89 -15.23 -18.19
N LEU B 86 -25.06 -14.43 -18.88
CA LEU B 86 -24.21 -13.44 -18.23
C LEU B 86 -24.96 -12.18 -17.86
N ASN B 87 -26.12 -11.93 -18.47
CA ASN B 87 -26.82 -10.68 -18.28
C ASN B 87 -27.39 -10.56 -16.87
N PRO B 88 -27.37 -9.36 -16.28
CA PRO B 88 -28.22 -9.11 -15.11
C PRO B 88 -29.68 -9.19 -15.51
N ILE B 89 -30.49 -9.77 -14.61
CA ILE B 89 -31.91 -10.00 -14.88
C ILE B 89 -32.73 -9.28 -13.81
N CYS B 90 -33.56 -8.33 -14.25
CA CYS B 90 -34.51 -7.66 -13.38
C CYS B 90 -35.83 -8.41 -13.42
N THR B 91 -36.27 -8.94 -12.29
CA THR B 91 -37.58 -9.56 -12.19
C THR B 91 -38.58 -8.56 -11.63
N TRP B 92 -39.77 -8.54 -12.23
CA TRP B 92 -40.84 -7.62 -11.86
C TRP B 92 -42.10 -8.44 -11.64
N CYS B 93 -42.60 -8.47 -10.41
CA CYS B 93 -43.81 -9.20 -10.10
C CYS B 93 -44.99 -8.23 -10.09
N VAL B 94 -45.94 -8.47 -11.00
CA VAL B 94 -47.21 -7.75 -11.05
C VAL B 94 -48.34 -8.76 -11.02
N GLY B 95 -49.41 -8.44 -10.32
CA GLY B 95 -50.50 -9.38 -10.15
C GLY B 95 -50.20 -10.38 -9.05
N GLN B 96 -49.55 -11.48 -9.38
CA GLN B 96 -49.17 -12.45 -8.37
C GLN B 96 -48.09 -13.39 -8.93
N ALA B 97 -47.33 -13.99 -8.02
CA ALA B 97 -46.26 -14.91 -8.37
C ALA B 97 -46.25 -16.04 -7.34
N ALA B 98 -46.81 -17.18 -7.71
CA ALA B 98 -46.97 -18.31 -6.81
C ALA B 98 -46.21 -19.51 -7.36
N SER B 99 -45.81 -20.40 -6.45
CA SER B 99 -45.12 -21.64 -6.79
C SER B 99 -43.86 -21.28 -7.57
N MET B 100 -43.62 -21.86 -8.76
CA MET B 100 -42.43 -21.54 -9.53
C MET B 100 -42.36 -20.06 -9.90
N GLY B 101 -43.50 -19.37 -9.95
CA GLY B 101 -43.46 -17.95 -10.27
C GLY B 101 -42.61 -17.16 -9.31
N SER B 102 -42.78 -17.41 -8.01
CA SER B 102 -41.97 -16.69 -7.02
C SER B 102 -40.52 -17.17 -7.02
N LEU B 103 -40.27 -18.43 -7.38
CA LEU B 103 -38.89 -18.91 -7.46
C LEU B 103 -38.13 -18.17 -8.57
N LEU B 104 -38.75 -18.03 -9.74
CA LEU B 104 -38.13 -17.22 -10.79
C LEU B 104 -37.98 -15.77 -10.33
N LEU B 105 -38.99 -15.26 -9.62
CA LEU B 105 -38.92 -13.89 -9.10
C LEU B 105 -37.75 -13.72 -8.14
N ALA B 106 -37.62 -14.64 -7.18
CA ALA B 106 -36.53 -14.56 -6.22
C ALA B 106 -35.17 -14.81 -6.86
N ALA B 107 -35.14 -15.39 -8.05
CA ALA B 107 -33.90 -15.76 -8.71
C ALA B 107 -33.30 -14.61 -9.53
N GLY B 108 -33.90 -13.43 -9.50
CA GLY B 108 -33.33 -12.29 -10.17
C GLY B 108 -32.01 -11.84 -9.56
N THR B 109 -31.35 -10.94 -10.26
CA THR B 109 -30.10 -10.38 -9.77
C THR B 109 -30.33 -9.66 -8.45
N PRO B 110 -29.47 -9.86 -7.45
CA PRO B 110 -29.67 -9.20 -6.16
C PRO B 110 -29.73 -7.68 -6.32
N GLY B 111 -30.70 -7.07 -5.64
CA GLY B 111 -30.96 -5.65 -5.76
C GLY B 111 -31.82 -5.24 -6.93
N MET B 112 -32.26 -6.18 -7.76
CA MET B 112 -33.04 -5.87 -8.96
C MET B 112 -34.30 -6.72 -9.06
N ARG B 113 -34.78 -7.23 -7.92
CA ARG B 113 -36.00 -8.01 -7.86
C ARG B 113 -37.12 -7.10 -7.34
N HIS B 114 -38.15 -6.91 -8.15
CA HIS B 114 -39.15 -5.89 -7.88
C HIS B 114 -40.55 -6.48 -7.80
N SER B 115 -41.44 -5.72 -7.16
CA SER B 115 -42.86 -6.00 -7.15
C SER B 115 -43.63 -4.69 -7.18
N LEU B 116 -44.85 -4.75 -7.70
CA LEU B 116 -45.76 -3.62 -7.64
C LEU B 116 -46.49 -3.66 -6.29
N PRO B 117 -47.12 -2.55 -5.88
CA PRO B 117 -47.63 -2.50 -4.50
C PRO B 117 -48.59 -3.62 -4.16
N ASN B 118 -49.44 -3.99 -5.11
CA ASN B 118 -50.54 -4.94 -4.92
C ASN B 118 -50.31 -6.33 -5.51
N SER B 119 -49.06 -6.78 -5.61
CA SER B 119 -48.76 -8.12 -6.11
C SER B 119 -48.76 -9.16 -4.97
N ARG B 120 -49.04 -10.42 -5.34
CA ARG B 120 -49.13 -11.53 -4.41
C ARG B 120 -47.92 -12.44 -4.58
N ILE B 121 -47.32 -12.83 -3.45
CA ILE B 121 -46.12 -13.65 -3.46
C ILE B 121 -46.35 -14.87 -2.57
N MET B 122 -46.02 -16.04 -3.10
CA MET B 122 -46.23 -17.31 -2.42
C MET B 122 -45.12 -18.30 -2.78
N ILE B 123 -44.53 -18.91 -1.76
CA ILE B 123 -43.53 -19.95 -1.97
C ILE B 123 -44.10 -21.34 -1.76
N HIS B 124 -45.22 -21.45 -1.03
CA HIS B 124 -45.89 -22.72 -0.84
C HIS B 124 -46.14 -23.43 -2.17
N GLN B 125 -45.89 -24.73 -2.18
CA GLN B 125 -46.12 -25.45 -3.43
C GLN B 125 -47.53 -26.03 -3.44
N PRO B 126 -48.22 -26.02 -4.57
CA PRO B 126 -49.58 -26.55 -4.59
C PRO B 126 -49.57 -28.08 -4.50
N SER B 127 -50.67 -28.62 -4.01
CA SER B 127 -50.74 -30.04 -3.70
C SER B 127 -51.21 -30.84 -4.91
N ALA B 134 -42.65 -31.25 -12.30
CA ALA B 134 -42.96 -32.43 -11.51
C ALA B 134 -44.22 -33.12 -12.04
N THR B 135 -45.06 -32.37 -12.75
CA THR B 135 -46.39 -32.82 -13.13
C THR B 135 -46.50 -33.25 -14.59
N ASP B 136 -45.37 -33.39 -15.30
CA ASP B 136 -45.42 -33.95 -16.66
C ASP B 136 -45.94 -35.39 -16.66
N ILE B 137 -45.29 -36.26 -15.89
CA ILE B 137 -45.63 -37.67 -15.85
C ILE B 137 -45.72 -38.13 -14.40
N ALA B 138 -46.32 -39.30 -14.21
CA ALA B 138 -46.44 -39.88 -12.88
C ALA B 138 -45.07 -40.29 -12.37
N ILE B 139 -44.75 -39.87 -11.15
CA ILE B 139 -43.41 -40.06 -10.56
C ILE B 139 -43.56 -40.66 -9.16
N GLN B 140 -42.44 -41.10 -8.62
CA GLN B 140 -42.37 -41.77 -7.32
C GLN B 140 -42.25 -40.76 -6.18
N ALA B 141 -42.41 -41.27 -4.94
CA ALA B 141 -42.34 -40.44 -3.75
C ALA B 141 -40.94 -39.87 -3.53
N GLU B 142 -39.91 -40.64 -3.84
CA GLU B 142 -38.54 -40.16 -3.65
C GLU B 142 -38.20 -39.07 -4.65
N GLU B 143 -38.74 -39.15 -5.87
CA GLU B 143 -38.45 -38.12 -6.86
C GLU B 143 -39.15 -36.81 -6.54
N ILE B 144 -40.41 -36.87 -6.14
CA ILE B 144 -41.12 -35.64 -5.77
C ILE B 144 -40.45 -35.01 -4.56
N MET B 145 -39.90 -35.82 -3.65
CA MET B 145 -39.18 -35.28 -2.50
C MET B 145 -37.83 -34.70 -2.92
N LYS B 146 -37.12 -35.38 -3.83
CA LYS B 146 -35.88 -34.81 -4.36
C LYS B 146 -36.12 -33.47 -5.05
N LEU B 147 -37.23 -33.35 -5.78
CA LEU B 147 -37.52 -32.08 -6.44
C LEU B 147 -37.80 -30.98 -5.42
N LYS B 148 -38.55 -31.30 -4.37
CA LYS B 148 -38.84 -30.30 -3.35
C LYS B 148 -37.56 -29.85 -2.64
N LYS B 149 -36.66 -30.80 -2.35
CA LYS B 149 -35.37 -30.43 -1.74
C LYS B 149 -34.55 -29.51 -2.64
N GLN B 150 -34.58 -29.73 -3.96
CA GLN B 150 -33.91 -28.77 -4.86
C GLN B 150 -34.51 -27.38 -4.71
N LEU B 151 -35.83 -27.30 -4.53
CA LEU B 151 -36.47 -26.00 -4.35
C LEU B 151 -36.05 -25.37 -3.03
N TYR B 152 -35.90 -26.19 -1.98
CA TYR B 152 -35.43 -25.69 -0.69
C TYR B 152 -34.08 -24.98 -0.83
N ASN B 153 -33.11 -25.63 -1.48
CA ASN B 153 -31.77 -25.04 -1.60
C ASN B 153 -31.78 -23.77 -2.45
N ILE B 154 -32.54 -23.75 -3.55
CA ILE B 154 -32.58 -22.57 -4.40
C ILE B 154 -33.15 -21.38 -3.65
N TYR B 155 -34.31 -21.58 -3.00
CA TYR B 155 -34.91 -20.50 -2.23
C TYR B 155 -33.95 -20.01 -1.15
N ALA B 156 -33.32 -20.95 -0.43
CA ALA B 156 -32.35 -20.58 0.60
C ALA B 156 -31.19 -19.78 0.02
N LYS B 157 -30.73 -20.15 -1.18
CA LYS B 157 -29.61 -19.43 -1.79
C LYS B 157 -29.97 -17.97 -2.04
N HIS B 158 -31.12 -17.72 -2.65
CA HIS B 158 -31.45 -16.38 -3.13
C HIS B 158 -32.15 -15.52 -2.09
N THR B 159 -32.78 -16.14 -1.09
CA THR B 159 -33.36 -15.39 0.03
C THR B 159 -32.36 -15.17 1.17
N LYS B 160 -31.25 -15.92 1.18
CA LYS B 160 -30.23 -15.86 2.24
C LYS B 160 -30.78 -16.36 3.59
N GLN B 161 -31.79 -17.21 3.55
CA GLN B 161 -32.35 -17.84 4.73
C GLN B 161 -31.80 -19.26 4.93
N SER B 162 -31.82 -19.71 6.18
CA SER B 162 -31.44 -21.08 6.49
C SER B 162 -32.46 -22.04 5.89
N LEU B 163 -32.03 -23.30 5.69
CA LEU B 163 -32.95 -24.31 5.17
C LEU B 163 -34.15 -24.50 6.09
N GLN B 164 -33.93 -24.47 7.41
CA GLN B 164 -35.03 -24.69 8.34
C GLN B 164 -36.15 -23.66 8.16
N VAL B 165 -35.79 -22.38 8.02
CA VAL B 165 -36.83 -21.36 7.87
C VAL B 165 -37.48 -21.45 6.48
N ILE B 166 -36.75 -21.92 5.47
CA ILE B 166 -37.33 -22.03 4.13
C ILE B 166 -38.48 -23.04 4.12
N GLU B 167 -38.21 -24.26 4.58
CA GLU B 167 -39.25 -25.28 4.58
C GLU B 167 -40.39 -24.94 5.55
N SER B 168 -40.05 -24.36 6.71
CA SER B 168 -41.10 -24.00 7.66
C SER B 168 -42.03 -22.95 7.09
N ALA B 169 -41.46 -21.97 6.38
CA ALA B 169 -42.27 -20.95 5.72
C ALA B 169 -43.15 -21.56 4.65
N MET B 170 -42.58 -22.43 3.82
CA MET B 170 -43.30 -23.04 2.71
C MET B 170 -44.47 -23.91 3.18
N GLU B 171 -44.46 -24.39 4.43
CA GLU B 171 -45.60 -25.18 4.88
C GLU B 171 -46.86 -24.35 4.97
N ARG B 172 -46.73 -23.03 5.12
CA ARG B 172 -47.89 -22.13 5.18
C ARG B 172 -48.15 -21.60 3.77
N ASP B 173 -49.38 -21.76 3.30
CA ASP B 173 -49.76 -21.30 1.97
C ASP B 173 -50.16 -19.83 1.92
N ARG B 174 -49.96 -19.11 3.01
CA ARG B 174 -50.32 -17.69 3.03
C ARG B 174 -49.64 -16.99 1.88
N TYR B 175 -50.32 -15.99 1.32
CA TYR B 175 -49.58 -15.17 0.37
C TYR B 175 -48.89 -14.06 1.17
N MET B 176 -47.84 -13.52 0.59
CA MET B 176 -47.10 -12.49 1.29
C MET B 176 -47.27 -11.17 0.56
N SER B 177 -47.20 -10.10 1.32
CA SER B 177 -47.24 -8.80 0.70
C SER B 177 -45.87 -8.55 0.07
N PRO B 178 -45.81 -7.68 -0.93
CA PRO B 178 -44.50 -7.36 -1.50
C PRO B 178 -43.54 -6.85 -0.43
N MET B 179 -44.09 -6.33 0.67
CA MET B 179 -43.28 -5.92 1.80
C MET B 179 -42.80 -7.12 2.61
N GLU B 180 -43.73 -8.01 2.99
CA GLU B 180 -43.34 -9.20 3.74
C GLU B 180 -42.33 -10.02 2.96
N ALA B 181 -42.49 -10.08 1.64
CA ALA B 181 -41.54 -10.81 0.80
C ALA B 181 -40.19 -10.12 0.74
N GLN B 182 -40.14 -8.79 0.80
CA GLN B 182 -38.85 -8.11 0.81
C GLN B 182 -38.06 -8.43 2.07
N GLU B 183 -38.74 -8.43 3.23
CA GLU B 183 -38.06 -8.74 4.48
C GLU B 183 -37.62 -10.20 4.51
N PHE B 184 -38.36 -11.06 3.83
CA PHE B 184 -38.02 -12.48 3.73
C PHE B 184 -36.84 -12.72 2.79
N GLY B 185 -36.56 -11.79 1.87
CA GLY B 185 -35.49 -11.94 0.92
C GLY B 185 -35.89 -12.36 -0.47
N ILE B 186 -37.17 -12.44 -0.78
CA ILE B 186 -37.58 -12.85 -2.11
C ILE B 186 -37.39 -11.73 -3.13
N LEU B 187 -37.63 -10.48 -2.72
CA LEU B 187 -37.44 -9.33 -3.59
C LEU B 187 -36.81 -8.19 -2.80
N ASP B 188 -36.41 -7.14 -3.53
CA ASP B 188 -35.66 -6.06 -2.92
C ASP B 188 -36.27 -4.66 -3.05
N LYS B 189 -37.05 -4.38 -4.11
CA LYS B 189 -37.51 -3.01 -4.38
C LYS B 189 -38.96 -3.09 -4.87
N VAL B 190 -39.89 -2.74 -3.98
CA VAL B 190 -41.32 -2.68 -4.29
C VAL B 190 -41.71 -1.23 -4.45
N LEU B 191 -41.93 -0.83 -5.68
CA LEU B 191 -42.10 0.57 -6.05
C LEU B 191 -43.51 0.83 -6.53
N VAL B 192 -43.84 2.13 -6.55
CA VAL B 192 -45.14 2.61 -6.95
C VAL B 192 -45.05 3.47 -8.20
N HIS B 193 -43.86 3.97 -8.55
CA HIS B 193 -43.66 4.94 -9.62
C HIS B 193 -42.20 4.93 -10.06
N LEU C 4 2.68 -6.13 1.91
CA LEU C 4 3.90 -6.52 1.23
C LEU C 4 3.96 -8.04 1.17
N ILE C 5 4.83 -8.63 1.98
CA ILE C 5 5.13 -10.06 1.93
C ILE C 5 3.88 -10.82 2.35
N PRO C 6 3.41 -11.79 1.57
CA PRO C 6 2.15 -12.47 1.91
C PRO C 6 2.29 -13.35 3.14
N ILE C 7 1.15 -13.59 3.79
CA ILE C 7 1.05 -14.42 4.98
C ILE C 7 0.44 -15.75 4.58
N VAL C 8 0.96 -16.85 5.13
CA VAL C 8 0.47 -18.18 4.82
C VAL C 8 0.06 -18.93 6.09
N VAL C 9 -0.85 -19.88 5.91
CA VAL C 9 -1.43 -20.70 6.98
C VAL C 9 -1.73 -19.91 8.25
N ASP C 20 3.69 -15.62 7.57
CA ASP C 20 4.61 -14.90 6.69
C ASP C 20 5.48 -15.89 5.92
N ILE C 21 5.67 -15.64 4.63
CA ILE C 21 6.26 -16.67 3.77
C ILE C 21 7.77 -16.79 3.96
N TYR C 22 8.48 -15.69 4.26
CA TYR C 22 9.91 -15.82 4.48
C TYR C 22 10.22 -16.48 5.81
N SER C 23 9.36 -16.27 6.81
CA SER C 23 9.50 -17.03 8.05
C SER C 23 9.10 -18.48 7.83
N ARG C 24 8.18 -18.74 6.88
CA ARG C 24 7.79 -20.11 6.58
C ARG C 24 8.91 -20.86 5.85
N LEU C 25 9.69 -20.17 5.01
CA LEU C 25 10.86 -20.81 4.40
C LEU C 25 11.85 -21.21 5.48
N LEU C 26 12.06 -20.36 6.48
CA LEU C 26 12.95 -20.72 7.58
C LEU C 26 12.38 -21.87 8.38
N ARG C 27 11.05 -21.99 8.42
CA ARG C 27 10.37 -23.09 9.07
C ARG C 27 10.70 -24.44 8.44
N GLU C 28 11.13 -24.45 7.18
CA GLU C 28 11.53 -25.65 6.45
C GLU C 28 13.04 -25.81 6.35
N ARG C 29 13.80 -25.06 7.14
CA ARG C 29 15.26 -25.10 7.09
C ARG C 29 15.75 -24.58 5.73
N ILE C 30 15.10 -23.54 5.23
CA ILE C 30 15.43 -22.90 3.97
C ILE C 30 15.94 -21.50 4.28
N VAL C 31 17.23 -21.29 4.06
CA VAL C 31 17.86 -19.97 4.16
C VAL C 31 18.10 -19.45 2.76
N CYS C 32 17.70 -18.21 2.49
CA CYS C 32 17.90 -17.60 1.19
C CYS C 32 19.00 -16.55 1.29
N VAL C 33 20.00 -16.65 0.40
CA VAL C 33 21.10 -15.70 0.33
C VAL C 33 21.11 -15.00 -1.03
N MET C 34 19.99 -15.05 -1.72
CA MET C 34 19.80 -14.32 -2.96
C MET C 34 19.74 -12.81 -2.74
N GLY C 35 20.19 -12.06 -3.75
CA GLY C 35 20.39 -10.64 -3.66
C GLY C 35 21.81 -10.34 -3.21
N PRO C 36 22.22 -9.07 -3.30
CA PRO C 36 23.61 -8.72 -2.97
C PRO C 36 23.95 -8.97 -1.50
N ILE C 37 25.23 -9.29 -1.27
CA ILE C 37 25.74 -9.65 0.05
C ILE C 37 26.38 -8.41 0.66
N ASP C 38 25.88 -8.00 1.82
CA ASP C 38 26.47 -6.93 2.62
C ASP C 38 26.66 -7.44 4.04
N ASP C 39 27.21 -6.59 4.90
CA ASP C 39 27.48 -7.02 6.27
C ASP C 39 26.19 -7.38 7.02
N SER C 40 25.11 -6.65 6.77
CA SER C 40 23.84 -6.95 7.44
C SER C 40 23.23 -8.24 6.91
N VAL C 41 23.34 -8.49 5.61
CA VAL C 41 22.87 -9.75 5.05
C VAL C 41 23.63 -10.92 5.67
N ALA C 42 24.95 -10.78 5.82
CA ALA C 42 25.76 -11.83 6.40
C ALA C 42 25.31 -12.12 7.83
N SER C 43 25.13 -11.06 8.63
CA SER C 43 24.68 -11.22 10.01
C SER C 43 23.34 -11.93 10.07
N LEU C 44 22.41 -11.58 9.18
CA LEU C 44 21.10 -12.22 9.18
C LEU C 44 21.20 -13.68 8.81
N VAL C 45 21.93 -14.00 7.73
CA VAL C 45 22.13 -15.39 7.34
C VAL C 45 22.80 -16.17 8.47
N ILE C 46 23.84 -15.59 9.07
CA ILE C 46 24.54 -16.26 10.19
C ILE C 46 23.56 -16.57 11.31
N ALA C 47 22.70 -15.61 11.66
CA ALA C 47 21.73 -15.84 12.72
C ALA C 47 20.80 -17.00 12.38
N GLN C 48 20.38 -17.09 11.13
CA GLN C 48 19.47 -18.15 10.71
C GLN C 48 20.15 -19.52 10.74
N LEU C 49 21.43 -19.58 10.35
CA LEU C 49 22.13 -20.86 10.37
C LEU C 49 22.33 -21.37 11.79
N LEU C 50 22.75 -20.49 12.71
CA LEU C 50 22.89 -20.88 14.10
C LEU C 50 21.55 -21.23 14.73
N PHE C 51 20.48 -20.55 14.35
CA PHE C 51 19.16 -20.90 14.85
C PHE C 51 18.76 -22.29 14.36
N LEU C 52 19.02 -22.58 13.08
CA LEU C 52 18.67 -23.88 12.53
C LEU C 52 19.50 -24.99 13.14
N GLN C 53 20.75 -24.70 13.51
CA GLN C 53 21.56 -25.71 14.19
C GLN C 53 21.00 -26.06 15.56
N SER C 54 20.43 -25.08 16.26
CA SER C 54 19.83 -25.34 17.56
C SER C 54 18.57 -26.22 17.42
N GLU C 55 17.88 -26.14 16.28
CA GLU C 55 16.74 -27.02 16.06
C GLU C 55 17.20 -28.47 15.97
N SER C 56 18.25 -28.72 15.21
CA SER C 56 18.82 -30.05 15.05
C SER C 56 20.25 -29.89 14.58
N ASN C 57 21.19 -30.48 15.32
CA ASN C 57 22.59 -30.43 14.90
C ASN C 57 22.86 -31.27 13.66
N LYS C 58 21.91 -32.12 13.25
CA LYS C 58 22.16 -33.07 12.17
C LYS C 58 21.17 -32.99 11.02
N LYS C 59 20.02 -32.34 11.18
CA LYS C 59 19.06 -32.23 10.08
C LYS C 59 19.56 -31.23 9.04
N PRO C 60 19.46 -31.53 7.75
CA PRO C 60 20.05 -30.67 6.72
C PRO C 60 19.41 -29.28 6.64
N ILE C 61 20.25 -28.30 6.31
CA ILE C 61 19.83 -26.94 6.02
C ILE C 61 19.94 -26.72 4.51
N HIS C 62 18.94 -26.06 3.94
CA HIS C 62 18.94 -25.76 2.51
C HIS C 62 19.18 -24.27 2.32
N MET C 63 20.04 -23.93 1.36
CA MET C 63 20.44 -22.54 1.14
C MET C 63 20.29 -22.20 -0.34
N TYR C 64 19.42 -21.24 -0.64
CA TYR C 64 19.11 -20.81 -2.00
C TYR C 64 19.95 -19.60 -2.38
N ILE C 65 20.66 -19.71 -3.50
CA ILE C 65 21.59 -18.67 -3.94
C ILE C 65 21.11 -18.11 -5.27
N ASN C 66 20.89 -16.77 -5.30
CA ASN C 66 20.66 -16.01 -6.52
C ASN C 66 21.32 -14.65 -6.30
N SER C 67 22.65 -14.64 -6.26
CA SER C 67 23.36 -13.45 -5.87
C SER C 67 24.42 -13.07 -6.88
N PRO C 68 24.57 -11.78 -7.18
CA PRO C 68 25.70 -11.30 -8.00
C PRO C 68 26.99 -11.06 -7.24
N GLY C 69 27.06 -11.42 -5.96
CA GLY C 69 28.23 -11.18 -5.15
C GLY C 69 27.96 -10.16 -4.06
N GLY C 70 29.05 -9.59 -3.54
CA GLY C 70 28.92 -8.56 -2.52
C GLY C 70 30.24 -8.36 -1.78
N VAL C 71 30.11 -7.90 -0.53
CA VAL C 71 31.27 -7.62 0.31
C VAL C 71 32.00 -8.93 0.60
N VAL C 72 33.32 -8.93 0.42
CA VAL C 72 34.09 -10.16 0.54
C VAL C 72 34.13 -10.64 1.99
N THR C 73 34.39 -9.71 2.92
CA THR C 73 34.41 -10.09 4.34
C THR C 73 33.04 -10.54 4.79
N ALA C 74 31.98 -9.97 4.22
CA ALA C 74 30.63 -10.44 4.52
C ALA C 74 30.40 -11.83 3.95
N GLY C 75 30.97 -12.11 2.77
CA GLY C 75 30.87 -13.44 2.20
C GLY C 75 31.64 -14.48 3.01
N LEU C 76 32.85 -14.15 3.43
CA LEU C 76 33.64 -15.06 4.26
C LEU C 76 32.98 -15.31 5.60
N ALA C 77 32.27 -14.31 6.14
CA ALA C 77 31.53 -14.50 7.39
C ALA C 77 30.50 -15.60 7.24
N ILE C 78 29.77 -15.60 6.12
CA ILE C 78 28.83 -16.67 5.85
C ILE C 78 29.58 -18.00 5.62
N TYR C 79 30.65 -17.96 4.82
CA TYR C 79 31.40 -19.17 4.53
C TYR C 79 31.91 -19.84 5.79
N ASP C 80 32.53 -19.06 6.69
CA ASP C 80 33.03 -19.63 7.93
C ASP C 80 31.89 -20.17 8.78
N THR C 81 30.72 -19.54 8.73
CA THR C 81 29.58 -20.03 9.48
C THR C 81 29.07 -21.36 8.91
N MET C 82 29.07 -21.50 7.59
CA MET C 82 28.70 -22.79 6.99
C MET C 82 29.65 -23.88 7.43
N GLN C 83 30.95 -23.59 7.41
CA GLN C 83 31.95 -24.58 7.83
C GLN C 83 31.82 -24.91 9.32
N TYR C 84 31.44 -23.92 10.14
CA TYR C 84 31.39 -24.14 11.58
C TYR C 84 30.28 -25.10 11.99
N ILE C 85 29.06 -24.86 11.53
CA ILE C 85 27.92 -25.62 12.03
C ILE C 85 28.01 -27.08 11.60
N LEU C 86 27.39 -27.95 12.41
CA LEU C 86 27.47 -29.39 12.17
C LEU C 86 26.53 -29.86 11.09
N ASN C 87 25.52 -29.07 10.73
CA ASN C 87 24.49 -29.54 9.81
C ASN C 87 25.06 -29.69 8.40
N PRO C 88 24.65 -30.73 7.67
CA PRO C 88 24.86 -30.72 6.21
C PRO C 88 24.07 -29.59 5.56
N ILE C 89 24.69 -28.96 4.56
CA ILE C 89 24.09 -27.81 3.88
C ILE C 89 23.99 -28.11 2.40
N CYS C 90 22.77 -28.11 1.89
CA CYS C 90 22.51 -28.24 0.46
C CYS C 90 22.44 -26.84 -0.14
N THR C 91 23.32 -26.55 -1.09
CA THR C 91 23.27 -25.29 -1.79
C THR C 91 22.52 -25.45 -3.10
N TRP C 92 21.68 -24.46 -3.42
CA TRP C 92 20.84 -24.47 -4.60
C TRP C 92 21.05 -23.15 -5.34
N CYS C 93 21.59 -23.22 -6.55
CA CYS C 93 21.79 -22.03 -7.37
C CYS C 93 20.60 -21.91 -8.31
N VAL C 94 19.85 -20.83 -8.15
CA VAL C 94 18.76 -20.46 -9.04
C VAL C 94 19.02 -19.04 -9.51
N GLY C 95 18.77 -18.78 -10.78
CA GLY C 95 19.07 -17.48 -11.35
C GLY C 95 20.54 -17.35 -11.72
N GLN C 96 21.36 -16.87 -10.78
CA GLN C 96 22.79 -16.74 -11.01
C GLN C 96 23.54 -16.57 -9.69
N ALA C 97 24.82 -16.94 -9.72
CA ALA C 97 25.71 -16.89 -8.54
C ALA C 97 27.11 -16.47 -8.97
N ALA C 98 27.45 -15.20 -8.72
CA ALA C 98 28.72 -14.63 -9.13
C ALA C 98 29.49 -14.15 -7.90
N SER C 99 30.82 -14.14 -8.03
CA SER C 99 31.73 -13.61 -7.02
C SER C 99 31.52 -14.38 -5.72
N MET C 100 31.18 -13.73 -4.61
CA MET C 100 30.96 -14.44 -3.35
C MET C 100 29.81 -15.44 -3.46
N GLY C 101 28.86 -15.20 -4.35
CA GLY C 101 27.75 -16.11 -4.51
C GLY C 101 28.18 -17.51 -4.91
N SER C 102 29.09 -17.60 -5.88
CA SER C 102 29.57 -18.91 -6.32
C SER C 102 30.45 -19.56 -5.26
N LEU C 103 31.13 -18.77 -4.43
CA LEU C 103 31.92 -19.35 -3.35
C LEU C 103 31.03 -20.05 -2.32
N LEU C 104 29.95 -19.39 -1.91
CA LEU C 104 28.99 -20.02 -1.00
C LEU C 104 28.38 -21.25 -1.65
N LEU C 105 28.06 -21.17 -2.94
CA LEU C 105 27.52 -22.31 -3.67
C LEU C 105 28.51 -23.47 -3.66
N ALA C 106 29.78 -23.20 -3.98
CA ALA C 106 30.80 -24.24 -3.99
C ALA C 106 31.13 -24.74 -2.59
N ALA C 107 30.78 -23.97 -1.56
CA ALA C 107 31.11 -24.32 -0.18
C ALA C 107 30.10 -25.24 0.45
N GLY C 108 29.10 -25.69 -0.29
CA GLY C 108 28.14 -26.64 0.22
C GLY C 108 28.75 -28.01 0.52
N THR C 109 27.94 -28.84 1.17
CA THR C 109 28.37 -30.20 1.49
C THR C 109 28.66 -30.98 0.21
N PRO C 110 29.77 -31.72 0.16
CA PRO C 110 30.08 -32.48 -1.07
C PRO C 110 28.94 -33.41 -1.45
N GLY C 111 28.62 -33.42 -2.74
CA GLY C 111 27.50 -34.19 -3.23
C GLY C 111 26.15 -33.54 -3.07
N MET C 112 26.10 -32.30 -2.55
CA MET C 112 24.85 -31.64 -2.19
C MET C 112 24.76 -30.23 -2.76
N ARG C 113 25.56 -29.93 -3.79
CA ARG C 113 25.58 -28.63 -4.43
C ARG C 113 24.87 -28.71 -5.77
N HIS C 114 23.80 -27.94 -5.92
CA HIS C 114 22.92 -28.04 -7.08
C HIS C 114 22.79 -26.69 -7.78
N SER C 115 22.35 -26.79 -9.04
CA SER C 115 21.94 -25.64 -9.83
C SER C 115 20.76 -26.06 -10.70
N LEU C 116 19.93 -25.10 -11.04
CA LEU C 116 18.85 -25.31 -12.00
C LEU C 116 19.38 -25.11 -13.41
N PRO C 117 18.66 -25.60 -14.43
CA PRO C 117 19.26 -25.69 -15.77
C PRO C 117 19.80 -24.38 -16.36
N ASN C 118 19.11 -23.26 -16.16
CA ASN C 118 19.47 -22.01 -16.83
C ASN C 118 20.23 -21.04 -15.93
N SER C 119 20.96 -21.55 -14.93
CA SER C 119 21.67 -20.66 -14.02
C SER C 119 23.04 -20.23 -14.57
N ARG C 120 23.50 -19.08 -14.09
CA ARG C 120 24.77 -18.49 -14.50
C ARG C 120 25.70 -18.52 -13.28
N ILE C 121 26.93 -19.01 -13.46
CA ILE C 121 27.90 -19.09 -12.37
C ILE C 121 29.18 -18.40 -12.79
N MET C 122 29.73 -17.57 -11.90
CA MET C 122 30.96 -16.84 -12.15
C MET C 122 31.79 -16.80 -10.88
N ILE C 123 33.06 -17.19 -11.02
CA ILE C 123 34.01 -17.13 -9.92
C ILE C 123 34.93 -15.91 -10.04
N HIS C 124 35.07 -15.33 -11.23
CA HIS C 124 35.84 -14.12 -11.44
C HIS C 124 35.44 -13.03 -10.45
N GLN C 125 36.44 -12.34 -9.90
CA GLN C 125 36.03 -11.31 -8.96
C GLN C 125 35.88 -9.97 -9.66
N PRO C 126 34.84 -9.21 -9.33
CA PRO C 126 34.63 -7.91 -9.96
C PRO C 126 35.60 -6.86 -9.43
N SER C 127 35.84 -5.85 -10.26
CA SER C 127 36.85 -4.84 -9.97
C SER C 127 36.24 -3.67 -9.18
N ALA C 134 31.39 -4.02 -2.40
CA ALA C 134 32.47 -5.01 -2.45
C ALA C 134 33.53 -4.75 -1.38
N THR C 135 33.63 -3.51 -0.93
CA THR C 135 34.69 -3.08 -0.01
C THR C 135 34.06 -2.30 1.14
N ASP C 136 34.21 -2.82 2.36
CA ASP C 136 33.73 -2.10 3.54
C ASP C 136 34.41 -0.75 3.67
N ILE C 137 35.75 -0.74 3.70
CA ILE C 137 36.53 0.48 3.81
C ILE C 137 37.65 0.41 2.79
N ALA C 138 38.25 1.57 2.53
CA ALA C 138 39.38 1.63 1.62
C ALA C 138 40.58 0.92 2.26
N ILE C 139 41.21 0.03 1.49
CA ILE C 139 42.24 -0.85 2.02
C ILE C 139 43.48 -0.75 1.14
N GLN C 140 44.57 -1.35 1.64
CA GLN C 140 45.84 -1.33 0.95
C GLN C 140 45.86 -2.43 -0.11
N ALA C 141 46.83 -2.36 -1.02
CA ALA C 141 46.93 -3.38 -2.06
C ALA C 141 47.37 -4.73 -1.51
N GLU C 142 48.14 -4.74 -0.43
CA GLU C 142 48.57 -6.03 0.12
C GLU C 142 47.39 -6.79 0.71
N GLU C 143 46.42 -6.07 1.28
CA GLU C 143 45.24 -6.73 1.84
C GLU C 143 44.33 -7.25 0.74
N ILE C 144 44.15 -6.49 -0.35
CA ILE C 144 43.34 -6.98 -1.46
C ILE C 144 43.95 -8.25 -2.02
N MET C 145 45.29 -8.34 -2.03
CA MET C 145 45.94 -9.56 -2.48
C MET C 145 45.83 -10.67 -1.43
N LYS C 146 45.96 -10.32 -0.15
CA LYS C 146 45.74 -11.29 0.91
C LYS C 146 44.34 -11.86 0.84
N LEU C 147 43.34 -11.02 0.56
CA LEU C 147 41.96 -11.50 0.46
C LEU C 147 41.77 -12.40 -0.75
N LYS C 148 42.31 -12.00 -1.91
CA LYS C 148 42.13 -12.82 -3.10
C LYS C 148 42.81 -14.17 -2.94
N LYS C 149 43.99 -14.20 -2.32
CA LYS C 149 44.65 -15.46 -2.03
C LYS C 149 43.77 -16.34 -1.14
N GLN C 150 43.06 -15.71 -0.20
CA GLN C 150 42.12 -16.45 0.64
C GLN C 150 41.04 -17.13 -0.20
N LEU C 151 40.56 -16.45 -1.24
CA LEU C 151 39.56 -17.06 -2.11
C LEU C 151 40.18 -18.16 -2.96
N TYR C 152 41.42 -17.97 -3.41
CA TYR C 152 42.13 -19.01 -4.14
C TYR C 152 42.13 -20.33 -3.38
N ASN C 153 42.51 -20.29 -2.10
CA ASN C 153 42.59 -21.51 -1.31
C ASN C 153 41.21 -22.12 -1.07
N ILE C 154 40.20 -21.28 -0.83
CA ILE C 154 38.85 -21.77 -0.60
C ILE C 154 38.31 -22.46 -1.85
N TYR C 155 38.41 -21.79 -3.01
CA TYR C 155 37.96 -22.40 -4.25
C TYR C 155 38.70 -23.70 -4.54
N ALA C 156 40.02 -23.68 -4.37
CA ALA C 156 40.82 -24.89 -4.59
C ALA C 156 40.40 -26.02 -3.65
N LYS C 157 40.05 -25.68 -2.41
CA LYS C 157 39.65 -26.69 -1.43
C LYS C 157 38.41 -27.46 -1.90
N HIS C 158 37.37 -26.74 -2.32
CA HIS C 158 36.08 -27.37 -2.58
C HIS C 158 35.89 -27.84 -4.02
N THR C 159 36.65 -27.28 -4.97
CA THR C 159 36.62 -27.78 -6.34
C THR C 159 37.62 -28.90 -6.57
N LYS C 160 38.60 -29.07 -5.67
CA LYS C 160 39.68 -30.04 -5.80
C LYS C 160 40.58 -29.74 -6.98
N GLN C 161 40.62 -28.47 -7.39
CA GLN C 161 41.49 -28.03 -8.45
C GLN C 161 42.77 -27.43 -7.85
N SER C 162 43.85 -27.49 -8.63
CA SER C 162 45.10 -26.91 -8.17
C SER C 162 44.98 -25.39 -8.06
N LEU C 163 45.87 -24.80 -7.25
CA LEU C 163 45.86 -23.34 -7.12
C LEU C 163 46.11 -22.67 -8.46
N GLN C 164 47.02 -23.23 -9.27
CA GLN C 164 47.34 -22.65 -10.56
C GLN C 164 46.13 -22.57 -11.48
N VAL C 165 45.33 -23.64 -11.55
CA VAL C 165 44.18 -23.60 -12.43
C VAL C 165 43.11 -22.65 -11.91
N ILE C 166 42.98 -22.53 -10.58
CA ILE C 166 42.00 -21.61 -10.01
C ILE C 166 42.36 -20.17 -10.34
N GLU C 167 43.62 -19.78 -10.07
CA GLU C 167 44.02 -18.40 -10.35
C GLU C 167 43.89 -18.10 -11.84
N SER C 168 44.22 -19.07 -12.69
CA SER C 168 44.06 -18.89 -14.13
C SER C 168 42.59 -18.78 -14.51
N ALA C 169 41.72 -19.57 -13.88
CA ALA C 169 40.30 -19.56 -14.23
C ALA C 169 39.62 -18.22 -13.94
N MET C 170 39.80 -17.69 -12.73
CA MET C 170 39.16 -16.42 -12.40
C MET C 170 39.69 -15.25 -13.21
N GLU C 171 40.82 -15.40 -13.88
CA GLU C 171 41.35 -14.29 -14.68
C GLU C 171 40.42 -13.92 -15.82
N ARG C 172 39.54 -14.83 -16.22
CA ARG C 172 38.62 -14.60 -17.33
C ARG C 172 37.29 -14.04 -16.84
N ASP C 173 36.86 -12.94 -17.44
CA ASP C 173 35.59 -12.29 -17.11
C ASP C 173 34.46 -12.94 -17.90
N ARG C 174 34.20 -14.21 -17.58
CA ARG C 174 33.16 -14.97 -18.26
C ARG C 174 32.35 -15.77 -17.26
N TYR C 175 31.10 -16.04 -17.60
CA TYR C 175 30.23 -16.88 -16.80
C TYR C 175 30.33 -18.34 -17.25
N MET C 176 29.90 -19.23 -16.37
CA MET C 176 29.91 -20.66 -16.64
C MET C 176 28.49 -21.22 -16.63
N SER C 177 28.26 -22.24 -17.46
CA SER C 177 26.98 -22.93 -17.45
C SER C 177 26.97 -23.95 -16.32
N PRO C 178 25.79 -24.35 -15.84
CA PRO C 178 25.74 -25.35 -14.76
C PRO C 178 26.46 -26.66 -15.07
N MET C 179 26.49 -27.07 -16.34
N MET C 179 26.53 -27.07 -16.34
CA MET C 179 27.18 -28.30 -16.70
CA MET C 179 27.19 -28.32 -16.64
C MET C 179 28.69 -28.14 -16.58
C MET C 179 28.71 -28.19 -16.64
N GLU C 180 29.24 -27.09 -17.19
CA GLU C 180 30.69 -26.88 -17.11
C GLU C 180 31.11 -26.49 -15.70
N ALA C 181 30.22 -25.85 -14.94
CA ALA C 181 30.55 -25.60 -13.53
C ALA C 181 30.63 -26.90 -12.75
N GLN C 182 29.81 -27.89 -13.13
CA GLN C 182 29.90 -29.20 -12.49
C GLN C 182 31.20 -29.90 -12.82
N GLU C 183 31.65 -29.85 -14.09
CA GLU C 183 32.90 -30.51 -14.42
C GLU C 183 34.08 -29.80 -13.78
N PHE C 184 33.95 -28.50 -13.53
CA PHE C 184 34.98 -27.73 -12.85
C PHE C 184 35.01 -28.01 -11.35
N GLY C 185 33.91 -28.49 -10.78
CA GLY C 185 33.85 -28.78 -9.36
C GLY C 185 33.11 -27.79 -8.49
N ILE C 186 32.44 -26.78 -9.07
CA ILE C 186 31.72 -25.82 -8.23
C ILE C 186 30.43 -26.44 -7.69
N LEU C 187 29.76 -27.28 -8.47
CA LEU C 187 28.54 -27.92 -8.03
C LEU C 187 28.57 -29.38 -8.49
N ASP C 188 27.58 -30.15 -8.03
CA ASP C 188 27.60 -31.60 -8.20
C ASP C 188 26.51 -32.15 -9.09
N LYS C 189 25.34 -31.51 -9.14
CA LYS C 189 24.20 -32.05 -9.86
C LYS C 189 23.40 -30.92 -10.48
N VAL C 190 23.15 -31.02 -11.79
CA VAL C 190 22.27 -30.09 -12.50
C VAL C 190 20.96 -30.85 -12.73
N LEU C 191 19.95 -30.53 -11.92
CA LEU C 191 18.70 -31.26 -11.91
C LEU C 191 17.57 -30.40 -12.49
N VAL C 192 16.56 -31.07 -13.03
CA VAL C 192 15.52 -30.38 -13.78
C VAL C 192 14.12 -30.64 -13.23
N HIS C 193 13.92 -31.82 -12.63
CA HIS C 193 12.54 -32.35 -12.45
C HIS C 193 11.65 -31.96 -13.62
N SER D 3 1.09 -0.13 0.66
CA SER D 3 0.08 0.63 1.40
C SER D 3 -1.27 0.59 0.70
N LEU D 4 -2.30 1.02 1.42
CA LEU D 4 -3.67 1.09 0.90
C LEU D 4 -4.18 -0.27 0.44
N ILE D 5 -3.69 -1.34 1.06
CA ILE D 5 -4.09 -2.70 0.71
C ILE D 5 -5.27 -3.08 1.59
N PRO D 6 -6.41 -3.45 1.02
CA PRO D 6 -7.58 -3.78 1.85
C PRO D 6 -7.43 -5.13 2.53
N ILE D 7 -8.16 -5.29 3.62
CA ILE D 7 -8.21 -6.55 4.36
C ILE D 7 -9.54 -7.22 4.06
N VAL D 8 -9.50 -8.53 3.83
CA VAL D 8 -10.69 -9.32 3.58
C VAL D 8 -10.73 -10.48 4.57
N VAL D 9 -11.93 -10.96 4.84
CA VAL D 9 -12.13 -12.00 5.84
C VAL D 9 -13.12 -13.04 5.33
N ASP D 20 -6.18 -10.04 4.22
CA ASP D 20 -5.36 -9.33 3.25
C ASP D 20 -5.61 -9.91 1.86
N ILE D 21 -5.77 -9.02 0.87
CA ILE D 21 -6.25 -9.48 -0.43
C ILE D 21 -5.15 -10.16 -1.24
N TYR D 22 -3.90 -9.73 -1.10
CA TYR D 22 -2.83 -10.44 -1.80
C TYR D 22 -2.53 -11.78 -1.12
N SER D 23 -2.70 -11.85 0.20
CA SER D 23 -2.59 -13.14 0.88
C SER D 23 -3.78 -14.03 0.58
N ARG D 24 -4.96 -13.44 0.37
CA ARG D 24 -6.13 -14.23 0.01
C ARG D 24 -6.02 -14.78 -1.40
N LEU D 25 -5.36 -14.04 -2.30
CA LEU D 25 -5.07 -14.55 -3.63
C LEU D 25 -4.21 -15.81 -3.55
N LEU D 26 -3.29 -15.86 -2.59
CA LEU D 26 -2.42 -17.02 -2.47
C LEU D 26 -3.19 -18.25 -1.98
N ARG D 27 -4.20 -18.07 -1.12
CA ARG D 27 -5.06 -19.23 -0.77
C ARG D 27 -5.87 -19.74 -1.96
N GLU D 28 -5.98 -18.99 -3.05
CA GLU D 28 -6.63 -19.48 -4.26
C GLU D 28 -5.61 -20.00 -5.27
N ARG D 29 -4.36 -20.17 -4.84
CA ARG D 29 -3.28 -20.70 -5.67
C ARG D 29 -3.00 -19.78 -6.87
N ILE D 30 -3.06 -18.47 -6.63
CA ILE D 30 -2.82 -17.45 -7.64
C ILE D 30 -1.59 -16.63 -7.26
N VAL D 31 -0.53 -16.74 -8.07
CA VAL D 31 0.69 -15.96 -7.93
C VAL D 31 0.66 -14.81 -8.92
N CYS D 32 1.02 -13.61 -8.45
CA CYS D 32 1.03 -12.40 -9.28
C CYS D 32 2.47 -12.01 -9.61
N VAL D 33 2.73 -11.77 -10.90
CA VAL D 33 4.05 -11.37 -11.42
C VAL D 33 3.91 -9.99 -12.05
N MET D 34 2.89 -9.25 -11.62
CA MET D 34 2.68 -7.88 -12.06
C MET D 34 3.87 -6.99 -11.72
N GLY D 35 4.14 -6.01 -12.57
CA GLY D 35 5.28 -5.14 -12.39
C GLY D 35 6.57 -5.70 -12.95
N PRO D 36 7.63 -4.89 -12.95
CA PRO D 36 8.91 -5.36 -13.49
C PRO D 36 9.50 -6.51 -12.67
N ILE D 37 10.36 -7.28 -13.33
CA ILE D 37 11.01 -8.43 -12.71
C ILE D 37 12.37 -7.99 -12.18
N ASP D 38 12.58 -8.14 -10.88
CA ASP D 38 13.90 -8.00 -10.29
C ASP D 38 14.11 -9.16 -9.32
N ASP D 39 15.28 -9.19 -8.67
CA ASP D 39 15.62 -10.31 -7.80
C ASP D 39 14.64 -10.46 -6.64
N SER D 40 14.13 -9.35 -6.11
CA SER D 40 13.20 -9.44 -4.99
C SER D 40 11.86 -10.03 -5.43
N VAL D 41 11.38 -9.66 -6.62
CA VAL D 41 10.19 -10.27 -7.16
C VAL D 41 10.41 -11.76 -7.40
N ALA D 42 11.58 -12.13 -7.94
CA ALA D 42 11.85 -13.52 -8.27
C ALA D 42 11.82 -14.40 -7.01
N SER D 43 12.53 -13.98 -5.96
CA SER D 43 12.52 -14.74 -4.71
C SER D 43 11.11 -14.86 -4.15
N LEU D 44 10.36 -13.76 -4.19
CA LEU D 44 9.00 -13.77 -3.64
C LEU D 44 8.10 -14.70 -4.44
N VAL D 45 8.15 -14.61 -5.77
CA VAL D 45 7.38 -15.52 -6.62
C VAL D 45 7.82 -16.97 -6.39
N ILE D 46 9.14 -17.21 -6.39
CA ILE D 46 9.64 -18.57 -6.23
C ILE D 46 9.17 -19.18 -4.92
N ALA D 47 9.25 -18.40 -3.84
CA ALA D 47 8.80 -18.90 -2.54
C ALA D 47 7.34 -19.30 -2.57
N GLN D 48 6.50 -18.51 -3.25
CA GLN D 48 5.08 -18.86 -3.34
C GLN D 48 4.86 -20.10 -4.19
N LEU D 49 5.65 -20.26 -5.25
CA LEU D 49 5.51 -21.45 -6.09
C LEU D 49 5.88 -22.71 -5.33
N LEU D 50 7.00 -22.68 -4.61
CA LEU D 50 7.41 -23.83 -3.80
C LEU D 50 6.40 -24.09 -2.68
N PHE D 51 5.83 -23.02 -2.12
CA PHE D 51 4.80 -23.20 -1.09
C PHE D 51 3.56 -23.85 -1.66
N LEU D 52 3.16 -23.43 -2.86
CA LEU D 52 1.94 -23.97 -3.47
C LEU D 52 2.13 -25.43 -3.86
N GLN D 53 3.34 -25.82 -4.26
CA GLN D 53 3.60 -27.23 -4.55
C GLN D 53 3.58 -28.06 -3.28
N SER D 54 4.07 -27.51 -2.17
CA SER D 54 4.06 -28.25 -0.92
C SER D 54 2.64 -28.49 -0.42
N GLU D 55 1.73 -27.58 -0.73
CA GLU D 55 0.32 -27.81 -0.40
C GLU D 55 -0.25 -28.92 -1.26
N SER D 56 0.04 -28.91 -2.56
CA SER D 56 -0.41 -29.97 -3.45
C SER D 56 0.46 -29.99 -4.69
N ASN D 57 1.12 -31.12 -4.93
CA ASN D 57 1.91 -31.35 -6.14
C ASN D 57 1.04 -31.54 -7.37
N LYS D 58 -0.29 -31.60 -7.22
CA LYS D 58 -1.18 -31.95 -8.32
C LYS D 58 -2.26 -30.93 -8.63
N LYS D 59 -2.59 -30.02 -7.69
CA LYS D 59 -3.54 -28.96 -7.97
C LYS D 59 -2.91 -27.86 -8.82
N PRO D 60 -3.63 -27.32 -9.80
CA PRO D 60 -3.05 -26.29 -10.68
C PRO D 60 -2.70 -25.01 -9.93
N ILE D 61 -1.62 -24.37 -10.38
CA ILE D 61 -1.19 -23.05 -9.90
C ILE D 61 -1.46 -22.04 -10.99
N HIS D 62 -1.96 -20.87 -10.61
CA HIS D 62 -2.25 -19.80 -11.55
C HIS D 62 -1.29 -18.63 -11.37
N MET D 63 -0.85 -18.06 -12.50
CA MET D 63 0.09 -16.94 -12.52
C MET D 63 -0.49 -15.82 -13.38
N TYR D 64 -0.71 -14.67 -12.77
CA TYR D 64 -1.23 -13.50 -13.46
C TYR D 64 -0.03 -12.64 -13.84
N ILE D 65 0.11 -12.33 -15.12
CA ILE D 65 1.27 -11.59 -15.61
C ILE D 65 0.78 -10.28 -16.20
N ASN D 66 1.30 -9.16 -15.66
CA ASN D 66 1.10 -7.82 -16.20
C ASN D 66 2.43 -7.10 -15.99
N SER D 67 3.44 -7.51 -16.76
CA SER D 67 4.80 -7.09 -16.52
C SER D 67 5.44 -6.54 -17.79
N PRO D 68 6.22 -5.46 -17.67
CA PRO D 68 7.02 -4.96 -18.80
C PRO D 68 8.37 -5.65 -18.97
N GLY D 69 8.65 -6.69 -18.21
CA GLY D 69 9.93 -7.38 -18.29
C GLY D 69 10.76 -7.17 -17.04
N GLY D 70 12.05 -7.40 -17.18
CA GLY D 70 12.92 -7.16 -16.04
C GLY D 70 14.27 -7.84 -16.21
N VAL D 71 14.90 -8.14 -15.08
CA VAL D 71 16.22 -8.75 -15.07
C VAL D 71 16.13 -10.15 -15.66
N VAL D 72 17.05 -10.46 -16.58
CA VAL D 72 16.96 -11.72 -17.32
C VAL D 72 17.22 -12.91 -16.41
N THR D 73 18.26 -12.84 -15.59
CA THR D 73 18.56 -13.96 -14.70
C THR D 73 17.48 -14.15 -13.64
N ALA D 74 16.84 -13.05 -13.20
CA ALA D 74 15.74 -13.18 -12.25
C ALA D 74 14.52 -13.81 -12.92
N GLY D 75 14.28 -13.48 -14.19
CA GLY D 75 13.19 -14.12 -14.91
C GLY D 75 13.44 -15.60 -15.16
N LEU D 76 14.67 -15.95 -15.54
CA LEU D 76 15.01 -17.35 -15.74
C LEU D 76 14.89 -18.14 -14.44
N ALA D 77 15.14 -17.49 -13.30
CA ALA D 77 14.96 -18.15 -12.01
C ALA D 77 13.52 -18.59 -11.81
N ILE D 78 12.55 -17.74 -12.17
CA ILE D 78 11.15 -18.12 -12.10
C ILE D 78 10.84 -19.22 -13.11
N TYR D 79 11.31 -19.05 -14.35
CA TYR D 79 11.05 -20.03 -15.40
C TYR D 79 11.53 -21.42 -14.97
N ASP D 80 12.74 -21.49 -14.41
CA ASP D 80 13.28 -22.77 -13.95
C ASP D 80 12.44 -23.37 -12.84
N THR D 81 11.87 -22.51 -11.97
CA THR D 81 11.02 -23.03 -10.90
C THR D 81 9.72 -23.59 -11.45
N MET D 82 9.16 -22.94 -12.46
CA MET D 82 7.96 -23.47 -13.11
C MET D 82 8.23 -24.83 -13.74
N GLN D 83 9.36 -24.97 -14.44
CA GLN D 83 9.70 -26.25 -15.04
C GLN D 83 9.96 -27.31 -13.99
N TYR D 84 10.56 -26.92 -12.86
CA TYR D 84 10.91 -27.90 -11.82
C TYR D 84 9.66 -28.47 -11.15
N ILE D 85 8.75 -27.59 -10.73
CA ILE D 85 7.62 -28.04 -9.93
C ILE D 85 6.69 -28.91 -10.78
N LEU D 86 6.00 -29.84 -10.11
CA LEU D 86 5.17 -30.82 -10.79
C LEU D 86 3.79 -30.28 -11.17
N ASN D 87 3.37 -29.19 -10.55
CA ASN D 87 2.00 -28.72 -10.75
C ASN D 87 1.81 -28.26 -12.18
N PRO D 88 0.62 -28.45 -12.74
CA PRO D 88 0.26 -27.70 -13.95
C PRO D 88 0.18 -26.21 -13.61
N ILE D 89 0.69 -25.37 -14.52
CA ILE D 89 0.73 -23.93 -14.30
C ILE D 89 -0.07 -23.27 -15.41
N CYS D 90 -1.15 -22.58 -15.02
CA CYS D 90 -1.92 -21.76 -15.94
C CYS D 90 -1.40 -20.33 -15.87
N THR D 91 -0.90 -19.82 -17.01
CA THR D 91 -0.47 -18.44 -17.12
C THR D 91 -1.58 -17.58 -17.71
N TRP D 92 -1.75 -16.38 -17.15
CA TRP D 92 -2.79 -15.44 -17.55
C TRP D 92 -2.15 -14.08 -17.80
N CYS D 93 -2.22 -13.61 -19.03
CA CYS D 93 -1.71 -12.28 -19.39
C CYS D 93 -2.85 -11.27 -19.39
N VAL D 94 -2.75 -10.28 -18.51
CA VAL D 94 -3.64 -9.13 -18.48
C VAL D 94 -2.78 -7.88 -18.55
N GLY D 95 -3.26 -6.87 -19.27
CA GLY D 95 -2.47 -5.67 -19.47
C GLY D 95 -1.47 -5.86 -20.59
N GLN D 96 -0.30 -6.43 -20.25
CA GLN D 96 0.75 -6.75 -21.22
C GLN D 96 1.72 -7.79 -20.62
N ALA D 97 2.52 -8.39 -21.52
CA ALA D 97 3.56 -9.37 -21.20
C ALA D 97 4.69 -9.12 -22.19
N ALA D 98 5.73 -8.42 -21.75
CA ALA D 98 6.83 -8.00 -22.61
C ALA D 98 8.14 -8.58 -22.09
N SER D 99 9.00 -8.94 -23.04
CA SER D 99 10.37 -9.41 -22.76
C SER D 99 10.28 -10.66 -21.88
N MET D 100 10.85 -10.65 -20.68
CA MET D 100 10.78 -11.84 -19.81
C MET D 100 9.35 -12.13 -19.38
N GLY D 101 8.50 -11.12 -19.32
CA GLY D 101 7.10 -11.36 -18.96
C GLY D 101 6.42 -12.32 -19.93
N SER D 102 6.63 -12.09 -21.23
CA SER D 102 6.03 -12.97 -22.23
C SER D 102 6.66 -14.36 -22.19
N LEU D 103 7.92 -14.45 -21.76
CA LEU D 103 8.55 -15.77 -21.61
C LEU D 103 7.87 -16.58 -20.51
N LEU D 104 7.61 -15.94 -19.36
CA LEU D 104 6.88 -16.63 -18.31
C LEU D 104 5.48 -17.01 -18.79
N LEU D 105 4.84 -16.12 -19.55
CA LEU D 105 3.53 -16.43 -20.13
C LEU D 105 3.61 -17.65 -21.02
N ALA D 106 4.62 -17.70 -21.90
CA ALA D 106 4.79 -18.82 -22.81
C ALA D 106 5.20 -20.10 -22.09
N ALA D 107 5.69 -20.00 -20.86
CA ALA D 107 6.19 -21.15 -20.12
C ALA D 107 5.11 -21.91 -19.35
N GLY D 108 3.86 -21.50 -19.46
CA GLY D 108 2.78 -22.22 -18.80
C GLY D 108 2.59 -23.62 -19.38
N THR D 109 1.78 -24.41 -18.67
CA THR D 109 1.44 -25.74 -19.12
C THR D 109 0.70 -25.66 -20.44
N PRO D 110 1.05 -26.46 -21.45
CA PRO D 110 0.38 -26.37 -22.75
C PRO D 110 -1.12 -26.56 -22.61
N GLY D 111 -1.87 -25.72 -23.33
CA GLY D 111 -3.31 -25.69 -23.21
C GLY D 111 -3.85 -24.86 -22.07
N MET D 112 -2.96 -24.25 -21.27
CA MET D 112 -3.38 -23.50 -20.08
C MET D 112 -2.78 -22.11 -20.07
N ARG D 113 -2.37 -21.60 -21.22
CA ARG D 113 -1.84 -20.24 -21.36
C ARG D 113 -2.93 -19.37 -21.97
N HIS D 114 -3.39 -18.37 -21.22
CA HIS D 114 -4.53 -17.57 -21.62
C HIS D 114 -4.16 -16.10 -21.66
N SER D 115 -4.95 -15.32 -22.38
CA SER D 115 -4.82 -13.87 -22.40
C SER D 115 -6.20 -13.23 -22.46
N LEU D 116 -6.28 -12.01 -21.96
CA LEU D 116 -7.48 -11.22 -22.09
C LEU D 116 -7.49 -10.49 -23.44
N PRO D 117 -8.65 -10.01 -23.89
CA PRO D 117 -8.74 -9.53 -25.28
C PRO D 117 -7.80 -8.39 -25.64
N ASN D 118 -7.60 -7.41 -24.75
CA ASN D 118 -6.79 -6.24 -25.07
C ASN D 118 -5.39 -6.32 -24.46
N SER D 119 -4.88 -7.52 -24.20
CA SER D 119 -3.55 -7.63 -23.63
C SER D 119 -2.51 -7.54 -24.73
N ARG D 120 -1.32 -7.07 -24.37
CA ARG D 120 -0.24 -6.86 -25.30
C ARG D 120 0.89 -7.85 -25.00
N ILE D 121 1.44 -8.45 -26.05
CA ILE D 121 2.49 -9.45 -25.92
C ILE D 121 3.68 -9.03 -26.76
N MET D 122 4.87 -9.15 -26.19
CA MET D 122 6.12 -8.78 -26.85
C MET D 122 7.24 -9.72 -26.47
N ILE D 123 7.93 -10.28 -27.45
CA ILE D 123 9.10 -11.12 -27.19
C ILE D 123 10.41 -10.40 -27.46
N HIS D 124 10.40 -9.31 -28.23
CA HIS D 124 11.59 -8.49 -28.44
C HIS D 124 12.20 -8.13 -27.09
N GLN D 125 13.52 -8.21 -27.01
CA GLN D 125 14.14 -7.94 -25.71
C GLN D 125 14.48 -6.46 -25.61
N PRO D 126 14.39 -5.85 -24.43
CA PRO D 126 14.61 -4.41 -24.33
C PRO D 126 16.07 -4.07 -24.58
N SER D 127 16.28 -2.86 -25.07
CA SER D 127 17.54 -2.45 -25.65
C SER D 127 18.51 -1.87 -24.62
N ALA D 134 17.66 -4.62 -16.44
CA ALA D 134 17.84 -5.78 -17.29
C ALA D 134 19.10 -6.55 -16.92
N THR D 135 20.06 -5.84 -16.34
CA THR D 135 21.39 -6.37 -16.02
C THR D 135 21.72 -6.10 -14.57
N ASP D 136 21.85 -7.17 -13.78
CA ASP D 136 22.29 -7.01 -12.40
C ASP D 136 23.66 -6.34 -12.32
N ILE D 137 24.64 -6.89 -13.03
CA ILE D 137 26.00 -6.36 -13.04
C ILE D 137 26.48 -6.26 -14.48
N ALA D 138 27.53 -5.48 -14.67
CA ALA D 138 28.09 -5.31 -16.00
C ALA D 138 28.76 -6.60 -16.49
N ILE D 139 28.39 -7.02 -17.70
CA ILE D 139 28.85 -8.26 -18.30
C ILE D 139 29.31 -7.96 -19.73
N GLN D 140 30.06 -8.90 -20.29
CA GLN D 140 30.56 -8.74 -21.65
C GLN D 140 29.56 -9.25 -22.68
N ALA D 141 29.83 -8.94 -23.94
CA ALA D 141 28.94 -9.38 -25.01
C ALA D 141 28.97 -10.88 -25.18
N GLU D 142 30.07 -11.55 -24.84
CA GLU D 142 30.06 -13.00 -24.97
C GLU D 142 29.02 -13.59 -24.05
N GLU D 143 28.91 -13.04 -22.84
CA GLU D 143 27.90 -13.54 -21.92
C GLU D 143 26.50 -12.99 -22.22
N ILE D 144 26.38 -11.71 -22.56
CA ILE D 144 25.06 -11.17 -22.86
C ILE D 144 24.46 -11.89 -24.07
N MET D 145 25.29 -12.30 -25.02
CA MET D 145 24.78 -13.06 -26.16
C MET D 145 24.41 -14.49 -25.75
N LYS D 146 25.19 -15.11 -24.84
CA LYS D 146 24.79 -16.42 -24.34
C LYS D 146 23.40 -16.36 -23.72
N LEU D 147 23.08 -15.27 -23.04
CA LEU D 147 21.75 -15.12 -22.46
C LEU D 147 20.68 -15.05 -23.55
N LYS D 148 20.95 -14.32 -24.62
CA LYS D 148 19.96 -14.16 -25.67
C LYS D 148 19.68 -15.49 -26.35
N LYS D 149 20.73 -16.24 -26.68
CA LYS D 149 20.55 -17.58 -27.24
C LYS D 149 19.84 -18.50 -26.25
N GLN D 150 20.15 -18.34 -24.96
CA GLN D 150 19.47 -19.12 -23.93
C GLN D 150 17.96 -18.89 -23.99
N LEU D 151 17.55 -17.65 -24.26
CA LEU D 151 16.13 -17.35 -24.44
C LEU D 151 15.60 -17.92 -25.77
N TYR D 152 16.41 -17.86 -26.83
CA TYR D 152 16.01 -18.42 -28.12
C TYR D 152 15.56 -19.87 -27.98
N ASN D 153 16.38 -20.70 -27.33
CA ASN D 153 16.05 -22.11 -27.19
C ASN D 153 14.81 -22.29 -26.31
N ILE D 154 14.68 -21.49 -25.26
CA ILE D 154 13.49 -21.57 -24.41
C ILE D 154 12.25 -21.17 -25.19
N TYR D 155 12.31 -20.04 -25.89
CA TYR D 155 11.19 -19.60 -26.72
C TYR D 155 10.87 -20.62 -27.80
N ALA D 156 11.89 -21.12 -28.49
CA ALA D 156 11.66 -22.13 -29.52
C ALA D 156 10.99 -23.38 -28.95
N LYS D 157 11.35 -23.75 -27.72
CA LYS D 157 10.78 -24.95 -27.11
C LYS D 157 9.26 -24.85 -26.96
N HIS D 158 8.78 -23.75 -26.41
CA HIS D 158 7.40 -23.68 -25.96
C HIS D 158 6.45 -23.18 -27.04
N THR D 159 6.94 -22.45 -28.04
CA THR D 159 6.11 -22.11 -29.18
C THR D 159 6.17 -23.15 -30.29
N LYS D 160 7.17 -24.03 -30.25
CA LYS D 160 7.40 -25.07 -31.25
C LYS D 160 7.78 -24.50 -32.61
N GLN D 161 8.39 -23.32 -32.61
CA GLN D 161 8.95 -22.72 -33.82
C GLN D 161 10.44 -22.99 -33.89
N SER D 162 10.97 -23.00 -35.11
CA SER D 162 12.40 -23.16 -35.30
C SER D 162 13.14 -21.93 -34.77
N LEU D 163 14.43 -22.10 -34.49
CA LEU D 163 15.22 -20.97 -34.01
C LEU D 163 15.18 -19.82 -35.00
N GLN D 164 15.25 -20.12 -36.30
CA GLN D 164 15.20 -19.06 -37.30
C GLN D 164 13.94 -18.22 -37.16
N VAL D 165 12.80 -18.88 -36.87
CA VAL D 165 11.54 -18.15 -36.74
C VAL D 165 11.49 -17.33 -35.45
N ILE D 166 12.03 -17.88 -34.35
CA ILE D 166 11.96 -17.18 -33.06
C ILE D 166 12.83 -15.92 -33.09
N GLU D 167 14.09 -16.08 -33.48
CA GLU D 167 15.04 -14.97 -33.48
C GLU D 167 14.63 -13.88 -34.46
N SER D 168 14.07 -14.26 -35.61
CA SER D 168 13.60 -13.26 -36.57
C SER D 168 12.42 -12.47 -36.01
N ALA D 169 11.47 -13.14 -35.35
CA ALA D 169 10.34 -12.41 -34.76
C ALA D 169 10.83 -11.47 -33.68
N MET D 170 11.69 -11.96 -32.80
CA MET D 170 12.20 -11.18 -31.70
C MET D 170 13.13 -10.06 -32.16
N GLU D 171 13.68 -10.18 -33.37
CA GLU D 171 14.52 -9.13 -33.91
C GLU D 171 13.72 -7.88 -34.23
N ARG D 172 12.42 -8.02 -34.47
CA ARG D 172 11.55 -6.91 -34.82
C ARG D 172 10.87 -6.33 -33.58
N ASP D 173 10.93 -5.00 -33.44
CA ASP D 173 10.31 -4.32 -32.32
C ASP D 173 8.84 -4.12 -32.61
N ARG D 174 7.99 -4.88 -31.92
CA ARG D 174 6.56 -4.82 -32.16
C ARG D 174 5.86 -5.66 -31.10
N TYR D 175 4.63 -5.24 -30.77
CA TYR D 175 3.74 -6.05 -29.96
C TYR D 175 2.83 -6.90 -30.83
N MET D 176 2.28 -7.92 -30.22
CA MET D 176 1.34 -8.83 -30.86
C MET D 176 -0.01 -8.71 -30.17
N SER D 177 -1.06 -8.92 -30.94
CA SER D 177 -2.37 -8.98 -30.32
C SER D 177 -2.50 -10.35 -29.68
N PRO D 178 -3.39 -10.51 -28.71
CA PRO D 178 -3.53 -11.82 -28.07
C PRO D 178 -3.79 -12.94 -29.07
N MET D 179 -4.46 -12.64 -30.18
CA MET D 179 -4.64 -13.63 -31.22
C MET D 179 -3.30 -13.97 -31.86
N GLU D 180 -2.50 -12.93 -32.13
CA GLU D 180 -1.25 -13.13 -32.86
C GLU D 180 -0.26 -13.93 -32.04
N ALA D 181 -0.23 -13.70 -30.72
CA ALA D 181 0.65 -14.46 -29.83
C ALA D 181 0.21 -15.90 -29.75
N GLN D 182 -1.09 -16.15 -29.85
CA GLN D 182 -1.56 -17.52 -29.97
C GLN D 182 -1.04 -18.16 -31.24
N GLU D 183 -1.14 -17.49 -32.36
CA GLU D 183 -0.72 -18.19 -33.57
C GLU D 183 0.78 -18.39 -33.61
N PHE D 184 1.55 -17.45 -33.07
CA PHE D 184 2.99 -17.65 -32.99
C PHE D 184 3.35 -18.77 -32.04
N GLY D 185 2.44 -19.13 -31.13
CA GLY D 185 2.70 -20.19 -30.16
C GLY D 185 2.96 -19.77 -28.73
N ILE D 186 2.77 -18.49 -28.37
CA ILE D 186 3.02 -18.09 -26.99
C ILE D 186 1.90 -18.56 -26.08
N LEU D 187 0.66 -18.52 -26.56
CA LEU D 187 -0.47 -18.91 -25.74
C LEU D 187 -1.46 -19.73 -26.55
N ASP D 188 -2.48 -20.23 -25.87
CA ASP D 188 -3.44 -21.18 -26.42
C ASP D 188 -4.86 -20.65 -26.50
N LYS D 189 -5.25 -19.72 -25.64
CA LYS D 189 -6.65 -19.32 -25.52
C LYS D 189 -6.75 -17.81 -25.31
N VAL D 190 -7.49 -17.13 -26.17
CA VAL D 190 -7.86 -15.73 -25.98
C VAL D 190 -9.33 -15.71 -25.61
N LEU D 191 -9.59 -15.59 -24.32
CA LEU D 191 -10.91 -15.76 -23.76
C LEU D 191 -11.46 -14.45 -23.19
N VAL D 192 -12.78 -14.38 -23.11
CA VAL D 192 -13.48 -13.14 -22.78
C VAL D 192 -14.32 -13.23 -21.51
N HIS D 193 -14.73 -14.43 -21.09
CA HIS D 193 -15.67 -14.57 -19.98
C HIS D 193 -15.77 -16.02 -19.52
N SER E 3 11.49 -7.82 3.24
CA SER E 3 11.96 -9.10 3.75
C SER E 3 13.25 -8.92 4.51
N LEU E 4 13.20 -8.13 5.58
CA LEU E 4 14.40 -7.76 6.33
C LEU E 4 14.66 -8.64 7.54
N ILE E 5 13.64 -9.16 8.22
CA ILE E 5 13.86 -9.92 9.45
C ILE E 5 12.96 -11.14 9.56
N PRO E 6 13.51 -12.34 9.69
CA PRO E 6 12.67 -13.53 9.88
C PRO E 6 12.20 -13.66 11.33
N ILE E 7 11.10 -14.39 11.49
CA ILE E 7 10.53 -14.71 12.81
C ILE E 7 10.82 -16.18 13.09
N VAL E 8 11.13 -16.50 14.36
CA VAL E 8 11.43 -17.87 14.75
C VAL E 8 10.27 -18.43 15.57
N VAL E 9 10.12 -19.75 15.50
CA VAL E 9 8.95 -20.48 16.01
C VAL E 9 8.67 -20.32 17.50
N ASP E 20 10.95 -13.43 16.61
CA ASP E 20 11.95 -12.51 16.10
C ASP E 20 13.34 -13.11 16.34
N ILE E 21 14.19 -13.09 15.31
CA ILE E 21 15.45 -13.81 15.39
C ILE E 21 16.50 -13.03 16.18
N TYR E 22 16.49 -11.70 16.10
CA TYR E 22 17.46 -10.93 16.87
C TYR E 22 17.09 -10.90 18.35
N SER E 23 15.80 -10.94 18.67
CA SER E 23 15.40 -11.08 20.07
C SER E 23 15.68 -12.48 20.58
N ARG E 24 15.63 -13.50 19.70
CA ARG E 24 15.95 -14.85 20.12
C ARG E 24 17.44 -15.02 20.39
N LEU E 25 18.28 -14.33 19.63
CA LEU E 25 19.71 -14.31 19.93
C LEU E 25 19.96 -13.73 21.32
N LEU E 26 19.21 -12.70 21.68
CA LEU E 26 19.35 -12.08 23.00
C LEU E 26 18.88 -13.01 24.11
N ARG E 27 17.88 -13.87 23.84
CA ARG E 27 17.49 -14.88 24.81
C ARG E 27 18.57 -15.90 25.06
N GLU E 28 19.55 -16.01 24.16
CA GLU E 28 20.65 -16.96 24.28
C GLU E 28 21.90 -16.33 24.84
N ARG E 29 21.80 -15.15 25.45
CA ARG E 29 22.95 -14.45 26.06
C ARG E 29 23.99 -14.07 24.99
N ILE E 30 23.52 -13.76 23.79
CA ILE E 30 24.36 -13.38 22.65
C ILE E 30 24.05 -11.94 22.23
N VAL E 31 25.01 -11.04 22.40
CA VAL E 31 24.90 -9.70 21.84
C VAL E 31 25.77 -9.67 20.59
N CYS E 32 25.20 -9.26 19.45
CA CYS E 32 25.95 -9.18 18.21
C CYS E 32 26.13 -7.73 17.80
N VAL E 33 27.37 -7.35 17.51
CA VAL E 33 27.72 -6.02 17.05
C VAL E 33 28.32 -6.17 15.65
N MET E 34 27.50 -6.00 14.61
CA MET E 34 27.99 -6.07 13.23
C MET E 34 28.19 -4.70 12.59
N GLY E 35 27.14 -3.89 12.51
CA GLY E 35 27.23 -2.62 11.82
C GLY E 35 28.29 -1.72 12.43
N PRO E 36 28.60 -0.61 11.76
CA PRO E 36 29.63 0.28 12.32
C PRO E 36 29.18 0.83 13.66
N ILE E 37 30.16 1.10 14.53
CA ILE E 37 29.88 1.57 15.87
C ILE E 37 29.51 3.05 15.86
N ASP E 38 28.27 3.36 16.21
CA ASP E 38 27.82 4.73 16.44
C ASP E 38 27.09 4.81 17.78
N ASP E 39 26.60 5.99 18.13
CA ASP E 39 25.96 6.17 19.42
C ASP E 39 24.69 5.34 19.55
N SER E 40 23.93 5.18 18.46
CA SER E 40 22.71 4.40 18.53
C SER E 40 23.02 2.92 18.72
N VAL E 41 24.07 2.41 18.07
CA VAL E 41 24.50 1.04 18.30
C VAL E 41 24.99 0.86 19.74
N ALA E 42 25.77 1.82 20.23
CA ALA E 42 26.35 1.71 21.57
C ALA E 42 25.27 1.65 22.64
N SER E 43 24.30 2.57 22.57
CA SER E 43 23.22 2.57 23.55
C SER E 43 22.47 1.24 23.53
N LEU E 44 22.17 0.73 22.34
CA LEU E 44 21.42 -0.51 22.22
C LEU E 44 22.24 -1.69 22.72
N VAL E 45 23.52 -1.76 22.35
CA VAL E 45 24.41 -2.81 22.86
C VAL E 45 24.51 -2.73 24.38
N ILE E 46 24.74 -1.53 24.91
CA ILE E 46 24.88 -1.35 26.35
C ILE E 46 23.63 -1.83 27.08
N ALA E 47 22.45 -1.47 26.56
CA ALA E 47 21.20 -1.87 27.20
C ALA E 47 21.09 -3.39 27.31
N GLN E 48 21.52 -4.12 26.27
CA GLN E 48 21.46 -5.57 26.32
C GLN E 48 22.44 -6.14 27.34
N LEU E 49 23.62 -5.53 27.46
CA LEU E 49 24.61 -6.03 28.42
C LEU E 49 24.11 -5.87 29.85
N LEU E 50 23.56 -4.70 30.17
CA LEU E 50 22.98 -4.51 31.50
C LEU E 50 21.78 -5.42 31.71
N PHE E 51 21.02 -5.67 30.64
CA PHE E 51 19.89 -6.60 30.75
C PHE E 51 20.38 -8.01 31.01
N LEU E 52 21.42 -8.44 30.30
CA LEU E 52 21.92 -9.80 30.48
C LEU E 52 22.59 -9.98 31.83
N GLN E 53 23.21 -8.92 32.38
CA GLN E 53 23.77 -9.02 33.73
C GLN E 53 22.66 -9.11 34.78
N SER E 54 21.56 -8.40 34.56
CA SER E 54 20.46 -8.46 35.52
C SER E 54 19.79 -9.83 35.51
N GLU E 55 19.80 -10.52 34.37
CA GLU E 55 19.29 -11.88 34.33
C GLU E 55 20.19 -12.82 35.12
N SER E 56 21.50 -12.69 34.96
CA SER E 56 22.46 -13.49 35.73
C SER E 56 23.79 -12.76 35.73
N ASN E 57 24.30 -12.41 36.91
CA ASN E 57 25.63 -11.82 37.02
C ASN E 57 26.75 -12.80 36.75
N LYS E 58 26.46 -14.10 36.58
CA LYS E 58 27.52 -15.10 36.46
C LYS E 58 27.47 -15.93 35.18
N LYS E 59 26.34 -16.00 34.50
CA LYS E 59 26.32 -16.72 33.24
C LYS E 59 27.07 -15.91 32.18
N PRO E 60 27.89 -16.54 31.35
CA PRO E 60 28.68 -15.76 30.39
C PRO E 60 27.79 -15.04 29.41
N ILE E 61 28.22 -13.83 29.03
CA ILE E 61 27.56 -13.01 28.02
C ILE E 61 28.42 -13.09 26.77
N HIS E 62 27.77 -13.24 25.63
CA HIS E 62 28.46 -13.45 24.37
C HIS E 62 28.34 -12.24 23.45
N MET E 63 29.44 -11.94 22.76
CA MET E 63 29.50 -10.79 21.87
C MET E 63 30.02 -11.25 20.51
N TYR E 64 29.18 -11.13 19.48
CA TYR E 64 29.57 -11.46 18.11
C TYR E 64 29.95 -10.13 17.47
N ILE E 65 31.18 -10.03 16.97
CA ILE E 65 31.72 -8.78 16.46
C ILE E 65 32.06 -8.96 14.99
N ASN E 66 31.49 -8.12 14.12
CA ASN E 66 31.85 -8.05 12.71
C ASN E 66 31.74 -6.60 12.23
N SER E 67 32.66 -5.74 12.69
CA SER E 67 32.49 -4.31 12.45
C SER E 67 33.73 -3.70 11.82
N PRO E 68 33.55 -2.76 10.89
CA PRO E 68 34.68 -2.00 10.35
C PRO E 68 35.12 -0.81 11.21
N GLY E 69 34.57 -0.66 12.41
CA GLY E 69 34.91 0.44 13.30
C GLY E 69 33.76 1.40 13.49
N GLY E 70 34.10 2.59 13.97
CA GLY E 70 33.08 3.61 14.16
C GLY E 70 33.57 4.72 15.07
N VAL E 71 32.61 5.36 15.74
CA VAL E 71 32.89 6.47 16.64
C VAL E 71 33.68 5.98 17.84
N VAL E 72 34.75 6.70 18.17
CA VAL E 72 35.68 6.23 19.20
C VAL E 72 35.03 6.30 20.58
N THR E 73 34.39 7.42 20.92
CA THR E 73 33.75 7.52 22.23
C THR E 73 32.59 6.53 22.35
N ALA E 74 31.91 6.22 21.25
CA ALA E 74 30.87 5.22 21.29
C ALA E 74 31.45 3.83 21.51
N GLY E 75 32.62 3.54 20.95
CA GLY E 75 33.26 2.27 21.21
C GLY E 75 33.74 2.13 22.65
N LEU E 76 34.31 3.20 23.19
CA LEU E 76 34.74 3.20 24.59
C LEU E 76 33.58 3.02 25.54
N ALA E 77 32.40 3.55 25.18
CA ALA E 77 31.21 3.34 26.00
C ALA E 77 30.88 1.86 26.11
N ILE E 78 30.97 1.13 25.00
CA ILE E 78 30.79 -0.32 25.05
C ILE E 78 31.93 -0.95 25.84
N TYR E 79 33.17 -0.55 25.56
CA TYR E 79 34.32 -1.11 26.24
C TYR E 79 34.21 -0.93 27.75
N ASP E 80 33.86 0.28 28.19
CA ASP E 80 33.71 0.55 29.61
C ASP E 80 32.59 -0.28 30.22
N THR E 81 31.52 -0.52 29.46
CA THR E 81 30.42 -1.32 29.96
C THR E 81 30.82 -2.78 30.12
N MET E 82 31.65 -3.29 29.22
CA MET E 82 32.15 -4.66 29.33
C MET E 82 32.94 -4.86 30.62
N GLN E 83 33.85 -3.92 30.92
CA GLN E 83 34.67 -4.05 32.14
C GLN E 83 33.82 -3.94 33.39
N TYR E 84 32.78 -3.11 33.35
CA TYR E 84 31.98 -2.87 34.55
C TYR E 84 31.22 -4.13 34.96
N ILE E 85 30.54 -4.78 34.02
CA ILE E 85 29.68 -5.91 34.37
C ILE E 85 30.53 -7.09 34.83
N LEU E 86 29.94 -7.92 35.68
CA LEU E 86 30.62 -9.04 36.32
C LEU E 86 30.73 -10.27 35.44
N ASN E 87 29.91 -10.37 34.39
CA ASN E 87 29.83 -11.60 33.62
C ASN E 87 31.13 -11.84 32.86
N PRO E 88 31.54 -13.11 32.72
CA PRO E 88 32.54 -13.43 31.71
C PRO E 88 31.98 -13.09 30.34
N ILE E 89 32.81 -12.49 29.50
CA ILE E 89 32.38 -12.04 28.19
C ILE E 89 33.21 -12.76 27.14
N CYS E 90 32.54 -13.57 26.33
CA CYS E 90 33.16 -14.25 25.20
C CYS E 90 32.96 -13.38 23.97
N THR E 91 34.05 -12.90 23.38
CA THR E 91 34.00 -12.16 22.13
C THR E 91 34.28 -13.08 20.96
N TRP E 92 33.51 -12.93 19.88
CA TRP E 92 33.59 -13.76 18.69
C TRP E 92 33.70 -12.87 17.47
N CYS E 93 34.82 -12.96 16.76
CA CYS E 93 35.05 -12.20 15.53
C CYS E 93 34.71 -13.06 14.33
N VAL E 94 33.75 -12.62 13.53
CA VAL E 94 33.41 -13.23 12.26
C VAL E 94 33.51 -12.15 11.18
N GLY E 95 34.06 -12.51 10.02
CA GLY E 95 34.24 -11.51 8.99
C GLY E 95 35.47 -10.65 9.22
N GLN E 96 35.32 -9.62 10.04
CA GLN E 96 36.42 -8.72 10.34
C GLN E 96 36.13 -7.96 11.63
N ALA E 97 37.21 -7.44 12.22
CA ALA E 97 37.14 -6.61 13.42
C ALA E 97 38.23 -5.55 13.26
N ALA E 98 37.84 -4.35 12.86
CA ALA E 98 38.78 -3.29 12.54
C ALA E 98 38.56 -2.07 13.43
N SER E 99 39.65 -1.41 13.80
CA SER E 99 39.63 -0.24 14.68
C SER E 99 38.89 -0.55 15.98
N MET E 100 37.79 0.16 16.24
CA MET E 100 37.06 -0.09 17.48
C MET E 100 36.54 -1.52 17.54
N GLY E 101 36.31 -2.16 16.40
CA GLY E 101 35.87 -3.55 16.41
C GLY E 101 36.88 -4.47 17.07
N SER E 102 38.15 -4.32 16.71
CA SER E 102 39.20 -5.16 17.31
C SER E 102 39.44 -4.80 18.77
N LEU E 103 39.21 -3.56 19.15
CA LEU E 103 39.32 -3.20 20.57
C LEU E 103 38.27 -3.92 21.39
N LEU E 104 37.03 -3.96 20.91
CA LEU E 104 35.99 -4.72 21.60
C LEU E 104 36.32 -6.21 21.62
N LEU E 105 36.83 -6.74 20.51
CA LEU E 105 37.20 -8.16 20.47
C LEU E 105 38.28 -8.47 21.49
N ALA E 106 39.34 -7.65 21.53
CA ALA E 106 40.43 -7.88 22.48
C ALA E 106 40.04 -7.65 23.92
N ALA E 107 38.93 -6.96 24.18
CA ALA E 107 38.52 -6.64 25.54
C ALA E 107 37.70 -7.73 26.21
N GLY E 108 37.51 -8.87 25.55
CA GLY E 108 36.81 -9.98 26.16
C GLY E 108 37.57 -10.58 27.33
N THR E 109 36.89 -11.47 28.03
CA THR E 109 37.50 -12.16 29.16
C THR E 109 38.67 -13.02 28.67
N PRO E 110 39.83 -12.97 29.34
CA PRO E 110 40.98 -13.77 28.87
C PRO E 110 40.63 -15.25 28.77
N GLY E 111 41.10 -15.86 27.67
CA GLY E 111 40.75 -17.23 27.36
C GLY E 111 39.44 -17.39 26.63
N MET E 112 38.74 -16.28 26.35
CA MET E 112 37.41 -16.32 25.76
C MET E 112 37.29 -15.41 24.54
N ARG E 113 38.43 -15.07 23.92
CA ARG E 113 38.45 -14.24 22.72
C ARG E 113 38.71 -15.14 21.52
N HIS E 114 37.75 -15.19 20.60
CA HIS E 114 37.79 -16.16 19.51
C HIS E 114 37.70 -15.45 18.17
N SER E 115 38.15 -16.15 17.13
CA SER E 115 37.95 -15.71 15.75
C SER E 115 37.75 -16.94 14.88
N LEU E 116 37.02 -16.75 13.79
CA LEU E 116 36.85 -17.80 12.80
C LEU E 116 38.02 -17.78 11.82
N PRO E 117 38.21 -18.86 11.05
CA PRO E 117 39.48 -19.00 10.32
C PRO E 117 39.81 -17.87 9.34
N ASN E 118 38.83 -17.36 8.60
CA ASN E 118 39.10 -16.38 7.54
C ASN E 118 38.75 -14.95 7.93
N SER E 119 38.77 -14.62 9.22
CA SER E 119 38.45 -13.28 9.71
C SER E 119 39.68 -12.36 9.68
N ARG E 120 39.42 -11.06 9.59
CA ARG E 120 40.46 -10.04 9.51
C ARG E 120 40.47 -9.16 10.76
N ILE E 121 41.67 -8.86 11.25
CA ILE E 121 41.85 -8.04 12.44
C ILE E 121 42.75 -6.87 12.08
N MET E 122 42.35 -5.66 12.48
CA MET E 122 43.13 -4.46 12.24
C MET E 122 43.00 -3.54 13.44
N ILE E 123 44.14 -3.12 13.99
CA ILE E 123 44.15 -2.19 15.10
C ILE E 123 44.49 -0.78 14.64
N HIS E 124 45.09 -0.62 13.46
CA HIS E 124 45.36 0.68 12.88
C HIS E 124 44.10 1.55 12.91
N GLN E 125 44.28 2.81 13.30
CA GLN E 125 43.03 3.58 13.30
C GLN E 125 42.86 4.29 11.98
N PRO E 126 41.63 4.37 11.47
CA PRO E 126 41.42 5.00 10.16
C PRO E 126 41.61 6.51 10.23
N SER E 127 41.95 7.08 9.08
CA SER E 127 42.36 8.48 9.02
C SER E 127 41.16 9.40 8.86
N ALA E 134 34.44 8.92 13.24
CA ALA E 134 35.22 8.63 14.44
C ALA E 134 34.96 9.76 15.44
N THR E 135 34.29 10.82 14.96
CA THR E 135 34.08 12.02 15.74
C THR E 135 32.63 12.51 15.67
N ASP E 136 31.94 12.45 16.80
CA ASP E 136 30.58 12.98 16.86
C ASP E 136 30.60 14.44 16.45
N ILE E 137 31.49 15.23 17.05
CA ILE E 137 31.63 16.65 16.76
C ILE E 137 33.09 16.94 16.47
N ALA E 138 33.32 18.15 15.95
CA ALA E 138 34.67 18.61 15.64
C ALA E 138 35.51 18.74 16.90
N ILE E 139 36.75 18.26 16.82
CA ILE E 139 37.65 18.16 17.96
C ILE E 139 38.98 18.81 17.59
N GLN E 140 39.75 19.17 18.62
CA GLN E 140 41.08 19.71 18.41
C GLN E 140 42.07 18.55 18.30
N ALA E 141 43.28 18.86 17.84
CA ALA E 141 44.30 17.82 17.68
C ALA E 141 44.71 17.24 19.02
N GLU E 142 44.63 18.05 20.07
CA GLU E 142 45.10 17.65 21.39
C GLU E 142 44.27 16.50 21.95
N GLU E 143 42.95 16.55 21.74
CA GLU E 143 42.07 15.50 22.23
C GLU E 143 42.17 14.24 21.38
N ILE E 144 42.36 14.39 20.07
CA ILE E 144 42.53 13.23 19.19
C ILE E 144 43.74 12.43 19.66
N MET E 145 44.78 13.12 20.11
CA MET E 145 45.95 12.43 20.64
C MET E 145 45.65 11.79 21.99
N LYS E 146 44.88 12.48 22.83
CA LYS E 146 44.46 11.88 24.11
C LYS E 146 43.64 10.61 23.87
N LEU E 147 42.79 10.62 22.84
CA LEU E 147 42.02 9.43 22.48
C LEU E 147 42.93 8.32 21.98
N LYS E 148 43.91 8.67 21.13
CA LYS E 148 44.82 7.65 20.61
C LYS E 148 45.58 7.00 21.76
N LYS E 149 46.03 7.80 22.72
CA LYS E 149 46.71 7.28 23.90
C LYS E 149 45.81 6.39 24.72
N GLN E 150 44.53 6.77 24.80
CA GLN E 150 43.54 5.95 25.47
C GLN E 150 43.47 4.55 24.87
N LEU E 151 43.59 4.46 23.54
CA LEU E 151 43.61 3.15 22.90
C LEU E 151 44.89 2.40 23.22
N TYR E 152 46.02 3.12 23.29
CA TYR E 152 47.28 2.49 23.65
C TYR E 152 47.17 1.74 24.98
N ASN E 153 46.68 2.41 26.02
CA ASN E 153 46.60 1.74 27.32
C ASN E 153 45.58 0.61 27.32
N ILE E 154 44.45 0.78 26.64
CA ILE E 154 43.48 -0.32 26.56
C ILE E 154 44.10 -1.50 25.82
N TYR E 155 44.69 -1.23 24.65
CA TYR E 155 45.36 -2.28 23.90
C TYR E 155 46.52 -2.91 24.68
N ALA E 156 47.38 -2.06 25.27
CA ALA E 156 48.51 -2.58 26.04
C ALA E 156 48.02 -3.45 27.20
N LYS E 157 46.92 -3.05 27.83
CA LYS E 157 46.37 -3.79 28.96
C LYS E 157 45.98 -5.20 28.56
N HIS E 158 45.23 -5.34 27.46
CA HIS E 158 44.59 -6.60 27.13
C HIS E 158 45.43 -7.51 26.25
N THR E 159 46.39 -6.98 25.51
CA THR E 159 47.32 -7.81 24.77
C THR E 159 48.55 -8.20 25.59
N LYS E 160 48.80 -7.51 26.71
CA LYS E 160 49.97 -7.72 27.54
C LYS E 160 51.24 -7.38 26.78
N GLN E 161 51.10 -6.54 25.77
CA GLN E 161 52.19 -6.07 24.94
C GLN E 161 52.71 -4.73 25.44
N SER E 162 53.95 -4.42 25.07
CA SER E 162 54.55 -3.18 25.49
C SER E 162 53.79 -1.99 24.92
N LEU E 163 53.89 -0.86 25.63
CA LEU E 163 53.29 0.36 25.12
C LEU E 163 53.91 0.74 23.78
N GLN E 164 55.23 0.59 23.66
CA GLN E 164 55.93 0.89 22.42
C GLN E 164 55.49 -0.01 21.28
N VAL E 165 55.34 -1.31 21.53
CA VAL E 165 54.99 -2.21 20.43
C VAL E 165 53.58 -1.92 19.94
N ILE E 166 52.69 -1.45 20.83
CA ILE E 166 51.34 -1.10 20.42
C ILE E 166 51.35 0.10 19.48
N GLU E 167 52.06 1.17 19.88
CA GLU E 167 52.06 2.39 19.08
C GLU E 167 52.68 2.18 17.70
N SER E 168 53.79 1.43 17.63
CA SER E 168 54.40 1.15 16.33
C SER E 168 53.53 0.22 15.50
N ALA E 169 52.88 -0.75 16.14
CA ALA E 169 52.00 -1.66 15.40
C ALA E 169 50.83 -0.92 14.78
N MET E 170 50.16 -0.07 15.56
CA MET E 170 48.98 0.64 15.06
C MET E 170 49.31 1.60 13.92
N GLU E 171 50.55 2.10 13.85
CA GLU E 171 50.89 3.01 12.74
C GLU E 171 50.98 2.28 11.41
N ARG E 172 51.07 0.94 11.41
CA ARG E 172 51.15 0.18 10.17
C ARG E 172 49.74 -0.09 9.65
N ASP E 173 49.48 0.30 8.41
CA ASP E 173 48.16 0.19 7.78
C ASP E 173 47.98 -1.20 7.15
N ARG E 174 47.85 -2.20 8.02
CA ARG E 174 47.75 -3.57 7.56
C ARG E 174 46.68 -4.33 8.33
N TYR E 175 46.08 -5.32 7.67
CA TYR E 175 45.27 -6.30 8.37
C TYR E 175 46.14 -7.49 8.75
N MET E 176 45.74 -8.16 9.81
CA MET E 176 46.46 -9.33 10.29
C MET E 176 45.52 -10.52 10.37
N SER E 177 46.06 -11.72 10.18
CA SER E 177 45.26 -12.94 10.22
C SER E 177 44.98 -13.35 11.66
N PRO E 178 43.94 -14.16 11.88
CA PRO E 178 43.61 -14.58 13.25
C PRO E 178 44.74 -15.27 13.99
N MET E 179 45.71 -15.86 13.30
CA MET E 179 46.77 -16.56 14.02
C MET E 179 47.91 -15.63 14.42
N GLU E 180 48.26 -14.68 13.55
CA GLU E 180 49.17 -13.62 14.00
C GLU E 180 48.48 -12.71 15.02
N ALA E 181 47.15 -12.56 14.91
CA ALA E 181 46.44 -11.80 15.94
C ALA E 181 46.44 -12.55 17.26
N GLN E 182 46.38 -13.89 17.23
CA GLN E 182 46.49 -14.66 18.46
C GLN E 182 47.88 -14.54 19.04
N GLU E 183 48.92 -14.59 18.20
CA GLU E 183 50.28 -14.46 18.68
C GLU E 183 50.53 -13.07 19.22
N PHE E 184 49.83 -12.07 18.70
CA PHE E 184 49.93 -10.69 19.17
C PHE E 184 49.21 -10.48 20.50
N GLY E 185 48.24 -11.31 20.83
CA GLY E 185 47.49 -11.18 22.07
C GLY E 185 46.11 -10.56 21.96
N ILE E 186 45.62 -10.30 20.74
CA ILE E 186 44.29 -9.73 20.58
C ILE E 186 43.21 -10.77 20.83
N LEU E 187 43.46 -12.00 20.42
CA LEU E 187 42.51 -13.08 20.61
C LEU E 187 43.29 -14.30 21.07
N ASP E 188 42.56 -15.32 21.48
CA ASP E 188 43.19 -16.47 22.11
C ASP E 188 42.99 -17.77 21.35
N LYS E 189 41.92 -17.89 20.57
CA LYS E 189 41.56 -19.16 19.96
C LYS E 189 41.07 -18.91 18.54
N VAL E 190 41.72 -19.56 17.59
CA VAL E 190 41.30 -19.60 16.19
C VAL E 190 40.70 -21.00 16.02
N LEU E 191 39.38 -21.07 15.95
CA LEU E 191 38.68 -22.34 16.04
C LEU E 191 38.23 -22.80 14.67
N VAL E 192 38.06 -24.12 14.55
CA VAL E 192 38.18 -24.77 13.26
C VAL E 192 36.92 -25.49 12.78
N HIS E 193 35.95 -25.83 13.64
CA HIS E 193 34.80 -26.61 13.16
C HIS E 193 34.23 -26.08 11.85
N LEU F 4 2.30 9.29 15.86
CA LEU F 4 2.37 10.49 16.69
C LEU F 4 0.95 10.90 17.13
N ILE F 5 -0.02 10.09 16.73
CA ILE F 5 -1.42 10.34 17.04
C ILE F 5 -1.76 9.62 18.34
N PRO F 6 -2.30 10.30 19.35
CA PRO F 6 -2.59 9.63 20.63
C PRO F 6 -3.76 8.69 20.50
N ILE F 7 -3.78 7.68 21.38
CA ILE F 7 -4.84 6.66 21.40
C ILE F 7 -5.75 6.86 22.60
N VAL F 8 -7.05 6.73 22.36
CA VAL F 8 -8.07 6.73 23.40
C VAL F 8 -8.95 5.50 23.20
N VAL F 9 -9.59 5.07 24.28
CA VAL F 9 -10.42 3.85 24.37
C VAL F 9 -10.73 3.15 23.03
N ASP F 20 -7.82 5.65 18.87
CA ASP F 20 -7.26 6.69 18.02
C ASP F 20 -8.11 7.95 18.13
N ILE F 21 -7.45 9.10 18.20
CA ILE F 21 -8.18 10.33 18.49
C ILE F 21 -8.93 10.81 17.26
N TYR F 22 -8.35 10.63 16.07
CA TYR F 22 -9.05 11.01 14.85
C TYR F 22 -10.14 10.01 14.51
N SER F 23 -9.93 8.73 14.85
CA SER F 23 -11.00 7.74 14.71
C SER F 23 -12.09 7.97 15.75
N ARG F 24 -11.72 8.48 16.93
CA ARG F 24 -12.74 8.79 17.93
C ARG F 24 -13.56 10.00 17.52
N LEU F 25 -12.95 10.96 16.82
CA LEU F 25 -13.69 12.09 16.28
C LEU F 25 -14.70 11.64 15.23
N LEU F 26 -14.28 10.76 14.32
CA LEU F 26 -15.19 10.26 13.29
C LEU F 26 -16.27 9.39 13.91
N ARG F 27 -15.96 8.70 15.00
CA ARG F 27 -16.93 7.90 15.71
C ARG F 27 -18.10 8.74 16.22
N GLU F 28 -17.92 10.06 16.34
CA GLU F 28 -18.99 10.97 16.72
C GLU F 28 -19.53 11.83 15.58
N ARG F 29 -19.29 11.44 14.33
CA ARG F 29 -19.83 12.16 13.17
C ARG F 29 -19.20 13.54 13.02
N ILE F 30 -17.91 13.64 13.29
CA ILE F 30 -17.17 14.89 13.13
C ILE F 30 -16.14 14.64 12.05
N VAL F 31 -16.43 15.11 10.84
CA VAL F 31 -15.51 14.96 9.72
C VAL F 31 -14.61 16.17 9.67
N CYS F 32 -13.31 15.93 9.53
CA CYS F 32 -12.32 16.99 9.48
C CYS F 32 -11.81 17.17 8.05
N VAL F 33 -11.80 18.42 7.60
CA VAL F 33 -11.29 18.81 6.30
C VAL F 33 -10.06 19.73 6.47
N MET F 34 -9.43 19.67 7.64
CA MET F 34 -8.23 20.44 7.90
C MET F 34 -7.13 20.07 6.90
N GLY F 35 -6.32 21.05 6.52
CA GLY F 35 -5.29 20.85 5.52
C GLY F 35 -5.77 21.00 4.09
N PRO F 36 -4.84 21.01 3.14
CA PRO F 36 -5.20 21.21 1.73
C PRO F 36 -6.02 20.06 1.16
N ILE F 37 -6.90 20.40 0.21
CA ILE F 37 -7.71 19.41 -0.47
C ILE F 37 -6.92 18.83 -1.63
N ASP F 38 -6.83 17.50 -1.69
CA ASP F 38 -6.40 16.80 -2.88
C ASP F 38 -7.26 15.55 -3.01
N ASP F 39 -7.00 14.76 -4.05
CA ASP F 39 -7.84 13.58 -4.31
C ASP F 39 -7.79 12.59 -3.16
N SER F 40 -6.64 12.45 -2.49
CA SER F 40 -6.55 11.50 -1.38
C SER F 40 -7.38 11.97 -0.18
N VAL F 41 -7.38 13.28 0.09
CA VAL F 41 -8.26 13.82 1.13
C VAL F 41 -9.72 13.63 0.74
N ALA F 42 -10.06 13.90 -0.52
CA ALA F 42 -11.44 13.83 -0.98
C ALA F 42 -12.02 12.43 -0.83
N SER F 43 -11.27 11.41 -1.24
CA SER F 43 -11.75 10.03 -1.12
C SER F 43 -12.08 9.70 0.32
N LEU F 44 -11.22 10.10 1.24
CA LEU F 44 -11.42 9.82 2.65
C LEU F 44 -12.63 10.55 3.22
N VAL F 45 -12.75 11.85 2.93
CA VAL F 45 -13.93 12.59 3.39
C VAL F 45 -15.21 11.96 2.84
N ILE F 46 -15.21 11.64 1.55
CA ILE F 46 -16.39 11.05 0.93
C ILE F 46 -16.76 9.74 1.62
N ALA F 47 -15.76 8.87 1.83
CA ALA F 47 -16.01 7.59 2.48
C ALA F 47 -16.60 7.77 3.86
N GLN F 48 -16.10 8.76 4.61
CA GLN F 48 -16.62 9.01 5.94
C GLN F 48 -18.05 9.54 5.89
N LEU F 49 -18.36 10.39 4.91
CA LEU F 49 -19.72 10.91 4.79
C LEU F 49 -20.69 9.80 4.43
N LEU F 50 -20.32 8.95 3.47
CA LEU F 50 -21.16 7.83 3.09
C LEU F 50 -21.31 6.83 4.23
N PHE F 51 -20.24 6.62 5.00
CA PHE F 51 -20.31 5.72 6.15
C PHE F 51 -21.25 6.25 7.22
N LEU F 52 -21.16 7.55 7.50
CA LEU F 52 -22.00 8.16 8.52
C LEU F 52 -23.46 8.17 8.11
N GLN F 53 -23.74 8.29 6.82
CA GLN F 53 -25.11 8.19 6.35
C GLN F 53 -25.68 6.79 6.51
N SER F 54 -24.85 5.76 6.34
CA SER F 54 -25.34 4.39 6.48
C SER F 54 -25.75 4.07 7.91
N GLU F 55 -25.08 4.65 8.90
CA GLU F 55 -25.52 4.49 10.28
C GLU F 55 -26.83 5.22 10.53
N SER F 56 -26.96 6.45 10.03
CA SER F 56 -28.19 7.20 10.18
C SER F 56 -28.27 8.25 9.09
N ASN F 57 -29.31 8.18 8.27
CA ASN F 57 -29.56 9.22 7.29
C ASN F 57 -30.06 10.52 7.91
N LYS F 58 -30.33 10.55 9.23
CA LYS F 58 -30.96 11.71 9.84
C LYS F 58 -30.16 12.35 10.97
N LYS F 59 -29.18 11.66 11.55
CA LYS F 59 -28.37 12.31 12.58
C LYS F 59 -27.43 13.33 11.94
N PRO F 60 -27.31 14.53 12.50
CA PRO F 60 -26.48 15.56 11.88
C PRO F 60 -25.01 15.16 11.82
N ILE F 61 -24.34 15.61 10.76
CA ILE F 61 -22.90 15.43 10.59
C ILE F 61 -22.23 16.77 10.83
N HIS F 62 -21.11 16.75 11.55
CA HIS F 62 -20.35 17.95 11.83
C HIS F 62 -19.05 17.90 11.03
N MET F 63 -18.68 19.02 10.42
CA MET F 63 -17.54 19.08 9.51
C MET F 63 -16.63 20.24 9.92
N TYR F 64 -15.40 19.92 10.28
CA TYR F 64 -14.42 20.90 10.72
C TYR F 64 -13.52 21.30 9.55
N ILE F 65 -13.44 22.60 9.28
CA ILE F 65 -12.68 23.11 8.15
C ILE F 65 -11.58 24.03 8.65
N ASN F 66 -10.34 23.69 8.30
CA ASN F 66 -9.16 24.53 8.50
C ASN F 66 -8.27 24.29 7.28
N SER F 67 -8.72 24.78 6.13
CA SER F 67 -8.09 24.45 4.87
C SER F 67 -7.74 25.72 4.09
N PRO F 68 -6.56 25.76 3.49
CA PRO F 68 -6.19 26.86 2.59
C PRO F 68 -6.63 26.68 1.14
N GLY F 69 -7.39 25.64 0.85
CA GLY F 69 -7.84 25.33 -0.50
C GLY F 69 -7.20 24.05 -1.02
N GLY F 70 -7.23 23.89 -2.33
CA GLY F 70 -6.62 22.73 -2.93
C GLY F 70 -7.12 22.49 -4.35
N VAL F 71 -7.07 21.23 -4.76
CA VAL F 71 -7.50 20.87 -6.11
C VAL F 71 -9.01 21.09 -6.23
N VAL F 72 -9.41 21.77 -7.30
CA VAL F 72 -10.81 22.18 -7.45
C VAL F 72 -11.71 20.97 -7.71
N THR F 73 -11.28 20.06 -8.58
CA THR F 73 -12.10 18.89 -8.88
C THR F 73 -12.29 18.02 -7.65
N ALA F 74 -11.26 17.92 -6.80
CA ALA F 74 -11.39 17.17 -5.56
C ALA F 74 -12.31 17.88 -4.57
N GLY F 75 -12.28 19.21 -4.54
CA GLY F 75 -13.19 19.94 -3.69
C GLY F 75 -14.64 19.79 -4.13
N LEU F 76 -14.88 19.83 -5.44
CA LEU F 76 -16.23 19.63 -5.95
C LEU F 76 -16.76 18.24 -5.64
N ALA F 77 -15.88 17.23 -5.60
CA ALA F 77 -16.31 15.89 -5.23
C ALA F 77 -16.87 15.83 -3.82
N ILE F 78 -16.21 16.51 -2.88
CA ILE F 78 -16.74 16.60 -1.52
C ILE F 78 -18.05 17.37 -1.51
N TYR F 79 -18.09 18.49 -2.22
CA TYR F 79 -19.31 19.29 -2.31
C TYR F 79 -20.47 18.44 -2.82
N ASP F 80 -20.24 17.67 -3.88
CA ASP F 80 -21.28 16.83 -4.44
C ASP F 80 -21.75 15.77 -3.44
N THR F 81 -20.83 15.24 -2.62
CA THR F 81 -21.21 14.23 -1.64
C THR F 81 -22.06 14.82 -0.53
N MET F 82 -21.75 16.04 -0.08
CA MET F 82 -22.57 16.69 0.93
C MET F 82 -23.99 16.91 0.44
N GLN F 83 -24.13 17.40 -0.79
CA GLN F 83 -25.45 17.65 -1.34
C GLN F 83 -26.23 16.34 -1.52
N TYR F 84 -25.53 15.26 -1.87
CA TYR F 84 -26.21 14.01 -2.15
C TYR F 84 -26.84 13.41 -0.89
N ILE F 85 -26.06 13.32 0.20
CA ILE F 85 -26.54 12.64 1.39
C ILE F 85 -27.67 13.45 2.03
N LEU F 86 -28.55 12.73 2.73
CA LEU F 86 -29.75 13.31 3.34
C LEU F 86 -29.47 14.01 4.66
N ASN F 87 -28.31 13.77 5.27
CA ASN F 87 -28.05 14.27 6.61
C ASN F 87 -27.96 15.79 6.60
N PRO F 88 -28.48 16.46 7.63
CA PRO F 88 -28.08 17.84 7.87
C PRO F 88 -26.60 17.88 8.22
N ILE F 89 -25.89 18.87 7.66
CA ILE F 89 -24.45 18.98 7.83
C ILE F 89 -24.13 20.34 8.44
N CYS F 90 -23.55 20.32 9.63
CA CYS F 90 -23.04 21.52 10.28
C CYS F 90 -21.57 21.68 9.93
N THR F 91 -21.22 22.76 9.25
CA THR F 91 -19.82 23.08 8.96
C THR F 91 -19.29 24.06 9.99
N TRP F 92 -18.04 23.83 10.40
CA TRP F 92 -17.38 24.62 11.44
C TRP F 92 -16.03 25.09 10.92
N CYS F 93 -15.87 26.40 10.81
CA CYS F 93 -14.61 26.98 10.37
C CYS F 93 -13.78 27.41 11.57
N VAL F 94 -12.60 26.82 11.71
CA VAL F 94 -11.62 27.24 12.70
C VAL F 94 -10.31 27.50 11.98
N GLY F 95 -9.60 28.55 12.37
CA GLY F 95 -8.39 28.91 11.66
C GLY F 95 -8.67 29.69 10.39
N GLN F 96 -8.91 28.98 9.29
CA GLN F 96 -9.21 29.64 8.03
C GLN F 96 -9.92 28.67 7.08
N ALA F 97 -10.64 29.26 6.12
CA ALA F 97 -11.33 28.50 5.07
C ALA F 97 -11.24 29.33 3.80
N ALA F 98 -10.30 28.96 2.92
CA ALA F 98 -10.02 29.71 1.71
C ALA F 98 -10.22 28.82 0.48
N SER F 99 -10.50 29.46 -0.65
CA SER F 99 -10.66 28.80 -1.94
C SER F 99 -11.73 27.73 -1.81
N MET F 100 -11.43 26.46 -2.04
CA MET F 100 -12.43 25.40 -1.90
C MET F 100 -12.86 25.21 -0.46
N GLY F 101 -12.00 25.56 0.50
CA GLY F 101 -12.37 25.44 1.90
C GLY F 101 -13.59 26.25 2.25
N SER F 102 -13.65 27.50 1.79
CA SER F 102 -14.82 28.33 2.05
C SER F 102 -16.03 27.84 1.29
N LEU F 103 -15.83 27.20 0.13
CA LEU F 103 -16.96 26.63 -0.60
C LEU F 103 -17.63 25.51 0.20
N LEU F 104 -16.82 24.61 0.77
CA LEU F 104 -17.36 23.57 1.64
C LEU F 104 -18.04 24.19 2.87
N LEU F 105 -17.43 25.24 3.43
CA LEU F 105 -18.03 25.93 4.56
C LEU F 105 -19.41 26.49 4.21
N ALA F 106 -19.50 27.20 3.09
CA ALA F 106 -20.77 27.78 2.68
C ALA F 106 -21.80 26.73 2.26
N ALA F 107 -21.36 25.51 1.97
CA ALA F 107 -22.23 24.46 1.48
C ALA F 107 -22.92 23.67 2.58
N GLY F 108 -22.72 24.05 3.84
CA GLY F 108 -23.41 23.39 4.93
C GLY F 108 -24.92 23.64 4.90
N THR F 109 -25.61 22.90 5.77
CA THR F 109 -27.05 23.06 5.90
C THR F 109 -27.36 24.48 6.35
N PRO F 110 -28.30 25.18 5.71
CA PRO F 110 -28.62 26.56 6.11
C PRO F 110 -29.01 26.64 7.58
N GLY F 111 -28.49 27.65 8.26
CA GLY F 111 -28.67 27.80 9.68
C GLY F 111 -27.69 27.02 10.54
N MET F 112 -26.76 26.27 9.92
CA MET F 112 -25.84 25.42 10.66
C MET F 112 -24.40 25.64 10.24
N ARG F 113 -24.09 26.80 9.68
CA ARG F 113 -22.73 27.16 9.27
C ARG F 113 -22.14 28.09 10.32
N HIS F 114 -21.06 27.65 10.96
CA HIS F 114 -20.48 28.35 12.09
C HIS F 114 -19.03 28.70 11.84
N SER F 115 -18.54 29.67 12.61
CA SER F 115 -17.12 29.99 12.64
C SER F 115 -16.72 30.36 14.07
N LEU F 116 -15.45 30.15 14.37
CA LEU F 116 -14.90 30.58 15.64
C LEU F 116 -14.45 32.03 15.54
N PRO F 117 -14.22 32.71 16.67
CA PRO F 117 -14.06 34.17 16.62
C PRO F 117 -12.97 34.64 15.68
N ASN F 118 -11.81 33.98 15.64
CA ASN F 118 -10.71 34.45 14.83
C ASN F 118 -10.52 33.66 13.55
N SER F 119 -11.55 32.99 13.04
CA SER F 119 -11.33 32.22 11.83
C SER F 119 -11.42 33.15 10.62
N ARG F 120 -10.66 32.82 9.58
CA ARG F 120 -10.55 33.68 8.42
C ARG F 120 -11.20 33.01 7.21
N ILE F 121 -11.92 33.78 6.42
CA ILE F 121 -12.63 33.27 5.26
C ILE F 121 -12.20 34.03 4.01
N MET F 122 -11.95 33.29 2.93
CA MET F 122 -11.60 33.90 1.65
C MET F 122 -12.20 33.10 0.52
N ILE F 123 -12.89 33.78 -0.39
CA ILE F 123 -13.47 33.14 -1.57
C ILE F 123 -12.62 33.34 -2.82
N HIS F 124 -11.72 34.33 -2.82
CA HIS F 124 -10.80 34.53 -3.93
C HIS F 124 -10.10 33.24 -4.31
N GLN F 125 -10.04 32.97 -5.60
CA GLN F 125 -9.38 31.70 -5.96
C GLN F 125 -7.90 31.93 -6.22
N PRO F 126 -7.04 30.99 -5.83
CA PRO F 126 -5.60 31.22 -6.03
C PRO F 126 -5.20 31.07 -7.49
N SER F 127 -4.11 31.75 -7.82
CA SER F 127 -3.70 31.87 -9.21
C SER F 127 -2.78 30.73 -9.63
N ALA F 134 -3.96 23.35 -7.43
CA ALA F 134 -4.51 23.87 -8.68
C ALA F 134 -5.48 22.88 -9.28
N THR F 135 -5.06 22.21 -10.35
CA THR F 135 -5.86 21.17 -11.00
C THR F 135 -5.04 19.88 -11.10
N ASP F 136 -5.75 18.78 -11.34
CA ASP F 136 -5.09 17.47 -11.50
C ASP F 136 -4.13 17.47 -12.68
N ILE F 137 -4.59 17.91 -13.85
CA ILE F 137 -3.76 17.88 -15.05
C ILE F 137 -3.80 19.24 -15.72
N ALA F 138 -2.83 19.45 -16.61
CA ALA F 138 -2.75 20.69 -17.36
C ALA F 138 -3.93 20.78 -18.32
N ILE F 139 -4.61 21.92 -18.31
CA ILE F 139 -5.86 22.07 -19.06
C ILE F 139 -5.85 23.38 -19.85
N GLN F 140 -6.88 23.54 -20.70
CA GLN F 140 -7.05 24.69 -21.58
C GLN F 140 -7.69 25.85 -20.83
N ALA F 141 -7.66 27.03 -21.47
CA ALA F 141 -8.24 28.22 -20.86
C ALA F 141 -9.76 28.12 -20.75
N GLU F 142 -10.41 27.44 -21.70
CA GLU F 142 -11.86 27.32 -21.66
C GLU F 142 -12.33 26.44 -20.50
N GLU F 143 -11.54 25.41 -20.15
CA GLU F 143 -11.96 24.51 -19.09
C GLU F 143 -11.83 25.17 -17.71
N ILE F 144 -10.73 25.89 -17.47
CA ILE F 144 -10.60 26.60 -16.19
C ILE F 144 -11.73 27.61 -16.08
N MET F 145 -12.12 28.20 -17.20
CA MET F 145 -13.21 29.17 -17.17
C MET F 145 -14.55 28.49 -16.92
N LYS F 146 -14.76 27.29 -17.49
CA LYS F 146 -15.97 26.55 -17.13
C LYS F 146 -16.04 26.29 -15.63
N LEU F 147 -14.88 26.01 -15.01
CA LEU F 147 -14.86 25.74 -13.58
C LEU F 147 -15.22 26.97 -12.76
N LYS F 148 -14.71 28.16 -13.11
CA LYS F 148 -15.05 29.33 -12.31
C LYS F 148 -16.52 29.68 -12.40
N LYS F 149 -17.11 29.65 -13.58
CA LYS F 149 -18.55 29.88 -13.66
C LYS F 149 -19.30 28.82 -12.87
N GLN F 150 -18.80 27.58 -12.89
CA GLN F 150 -19.37 26.51 -12.09
C GLN F 150 -19.29 26.82 -10.59
N LEU F 151 -18.16 27.37 -10.14
CA LEU F 151 -18.06 27.76 -8.72
C LEU F 151 -18.92 28.96 -8.42
N TYR F 152 -19.03 29.88 -9.37
CA TYR F 152 -19.90 31.05 -9.23
C TYR F 152 -21.32 30.63 -8.84
N ASN F 153 -21.88 29.68 -9.57
CA ASN F 153 -23.25 29.23 -9.30
C ASN F 153 -23.36 28.58 -7.93
N ILE F 154 -22.35 27.81 -7.53
CA ILE F 154 -22.37 27.15 -6.23
C ILE F 154 -22.40 28.19 -5.12
N TYR F 155 -21.49 29.16 -5.20
CA TYR F 155 -21.45 30.23 -4.21
C TYR F 155 -22.75 31.04 -4.22
N ALA F 156 -23.21 31.42 -5.42
CA ALA F 156 -24.45 32.19 -5.53
C ALA F 156 -25.63 31.43 -4.93
N LYS F 157 -25.66 30.11 -5.12
CA LYS F 157 -26.76 29.31 -4.59
C LYS F 157 -26.81 29.39 -3.06
N HIS F 158 -25.67 29.19 -2.41
CA HIS F 158 -25.68 29.02 -0.96
C HIS F 158 -25.51 30.32 -0.19
N THR F 159 -24.92 31.34 -0.80
CA THR F 159 -24.90 32.67 -0.20
C THR F 159 -26.13 33.48 -0.58
N LYS F 160 -26.86 33.05 -1.62
CA LYS F 160 -28.09 33.68 -2.11
C LYS F 160 -27.86 35.12 -2.60
N GLN F 161 -26.63 35.39 -3.06
CA GLN F 161 -26.27 36.62 -3.76
C GLN F 161 -26.32 36.38 -5.27
N SER F 162 -26.49 37.48 -6.01
CA SER F 162 -26.51 37.37 -7.45
C SER F 162 -25.15 36.92 -7.97
N LEU F 163 -25.13 36.38 -9.17
CA LEU F 163 -23.89 35.88 -9.72
C LEU F 163 -22.93 37.01 -9.78
N GLN F 164 -23.40 38.16 -10.18
CA GLN F 164 -22.55 39.35 -10.15
C GLN F 164 -21.89 39.58 -8.80
N VAL F 165 -22.63 39.43 -7.69
CA VAL F 165 -22.03 39.77 -6.42
C VAL F 165 -20.90 38.79 -6.09
N ILE F 166 -21.03 37.54 -6.51
CA ILE F 166 -19.98 36.56 -6.26
C ILE F 166 -18.72 36.91 -7.05
N GLU F 167 -18.87 37.19 -8.35
CA GLU F 167 -17.72 37.46 -9.20
C GLU F 167 -16.94 38.69 -8.71
N SER F 168 -17.65 39.74 -8.30
CA SER F 168 -16.98 40.93 -7.78
C SER F 168 -16.28 40.63 -6.46
N ALA F 169 -16.93 39.87 -5.58
CA ALA F 169 -16.35 39.54 -4.28
C ALA F 169 -15.10 38.67 -4.43
N MET F 170 -15.19 37.59 -5.21
CA MET F 170 -14.04 36.71 -5.39
C MET F 170 -12.89 37.42 -6.09
N GLU F 171 -13.20 38.49 -6.80
CA GLU F 171 -12.19 39.26 -7.53
C GLU F 171 -11.23 39.99 -6.59
N ARG F 172 -11.64 40.25 -5.35
CA ARG F 172 -10.79 40.97 -4.42
C ARG F 172 -9.94 39.96 -3.66
N ASP F 173 -8.62 40.16 -3.68
CA ASP F 173 -7.66 39.26 -3.03
C ASP F 173 -7.56 39.60 -1.55
N ARG F 174 -8.66 39.36 -0.84
CA ARG F 174 -8.76 39.71 0.57
C ARG F 174 -9.44 38.60 1.35
N TYR F 175 -9.09 38.52 2.64
CA TYR F 175 -9.80 37.67 3.59
C TYR F 175 -10.93 38.45 4.27
N MET F 176 -11.89 37.70 4.79
CA MET F 176 -13.07 38.24 5.44
C MET F 176 -13.09 37.81 6.90
N SER F 177 -13.66 38.66 7.75
CA SER F 177 -13.88 38.30 9.14
C SER F 177 -15.14 37.46 9.26
N PRO F 178 -15.27 36.69 10.34
CA PRO F 178 -16.50 35.89 10.50
C PRO F 178 -17.77 36.73 10.48
N MET F 179 -17.69 37.98 10.93
N MET F 179 -17.70 37.98 10.91
CA MET F 179 -18.85 38.86 10.84
CA MET F 179 -18.87 38.86 10.84
C MET F 179 -19.16 39.22 9.38
C MET F 179 -19.17 39.24 9.39
N GLU F 180 -18.13 39.52 8.60
CA GLU F 180 -18.33 39.73 7.17
C GLU F 180 -18.84 38.48 6.49
N ALA F 181 -18.43 37.30 6.97
CA ALA F 181 -18.85 36.05 6.34
C ALA F 181 -20.33 35.75 6.54
N GLN F 182 -20.86 36.01 7.73
CA GLN F 182 -22.30 35.79 7.91
C GLN F 182 -23.11 36.84 7.15
N GLU F 183 -22.65 38.09 7.13
CA GLU F 183 -23.36 39.15 6.42
C GLU F 183 -23.38 38.91 4.92
N PHE F 184 -22.32 38.28 4.39
CA PHE F 184 -22.25 37.93 2.98
C PHE F 184 -23.13 36.73 2.63
N GLY F 185 -23.47 35.90 3.61
CA GLY F 185 -24.24 34.71 3.37
C GLY F 185 -23.44 33.43 3.37
N ILE F 186 -22.16 33.47 3.71
CA ILE F 186 -21.35 32.27 3.73
C ILE F 186 -21.65 31.41 4.96
N LEU F 187 -21.89 32.04 6.11
CA LEU F 187 -22.19 31.30 7.33
C LEU F 187 -23.30 32.01 8.10
N ASP F 188 -23.74 31.38 9.18
CA ASP F 188 -24.91 31.82 9.93
C ASP F 188 -24.62 32.24 11.36
N LYS F 189 -23.60 31.67 12.00
CA LYS F 189 -23.32 31.88 13.43
C LYS F 189 -21.82 31.89 13.72
N VAL F 190 -21.36 32.94 14.40
CA VAL F 190 -19.99 32.99 14.91
C VAL F 190 -20.05 32.86 16.43
N LEU F 191 -19.74 31.68 16.96
CA LEU F 191 -19.86 31.45 18.39
C LEU F 191 -18.50 31.29 19.06
N VAL F 192 -18.50 31.59 20.36
CA VAL F 192 -17.31 31.56 21.20
C VAL F 192 -17.45 30.57 22.35
N HIS F 193 -18.68 30.13 22.65
CA HIS F 193 -19.03 29.28 23.79
C HIS F 193 -20.39 28.65 23.49
N ILE G 5 9.76 5.65 21.07
CA ILE G 5 8.78 6.13 22.04
C ILE G 5 8.41 4.97 22.98
N PRO G 6 8.57 5.20 24.27
CA PRO G 6 8.37 4.14 25.26
C PRO G 6 6.91 3.82 25.54
N ILE G 7 6.70 2.61 26.05
CA ILE G 7 5.41 2.10 26.48
C ILE G 7 5.41 2.09 28.01
N VAL G 8 4.27 2.48 28.60
CA VAL G 8 4.08 2.48 30.05
C VAL G 8 2.86 1.64 30.39
N VAL G 9 2.76 1.28 31.66
CA VAL G 9 1.75 0.33 32.15
C VAL G 9 0.33 0.74 31.79
N ASP G 20 1.80 3.40 26.12
CA ASP G 20 2.34 4.48 25.30
C ASP G 20 2.42 5.71 26.19
N ILE G 21 3.54 6.41 26.13
CA ILE G 21 3.81 7.47 27.11
C ILE G 21 3.05 8.74 26.75
N TYR G 22 2.90 9.05 25.46
CA TYR G 22 2.11 10.22 25.09
C TYR G 22 0.62 9.97 25.23
N SER G 23 0.18 8.73 25.03
CA SER G 23 -1.22 8.39 25.29
C SER G 23 -1.51 8.43 26.79
N ARG G 24 -0.51 8.11 27.62
CA ARG G 24 -0.69 8.16 29.07
C ARG G 24 -0.75 9.59 29.58
N LEU G 25 -0.01 10.51 28.96
CA LEU G 25 -0.12 11.92 29.32
C LEU G 25 -1.52 12.44 29.07
N LEU G 26 -2.16 12.01 27.98
CA LEU G 26 -3.52 12.43 27.71
C LEU G 26 -4.49 11.86 28.74
N ARG G 27 -4.19 10.67 29.26
CA ARG G 27 -5.00 10.12 30.35
C ARG G 27 -4.91 10.96 31.61
N GLU G 28 -3.88 11.80 31.72
CA GLU G 28 -3.72 12.71 32.84
C GLU G 28 -4.19 14.11 32.50
N ARG G 29 -4.92 14.25 31.40
CA ARG G 29 -5.49 15.53 30.96
C ARG G 29 -4.40 16.55 30.64
N ILE G 30 -3.31 16.08 30.02
CA ILE G 30 -2.18 16.93 29.65
C ILE G 30 -2.06 16.92 28.14
N VAL G 31 -2.29 18.08 27.51
CA VAL G 31 -2.04 18.26 26.09
C VAL G 31 -0.69 18.97 25.96
N CYS G 32 0.21 18.39 25.17
CA CYS G 32 1.54 18.96 24.98
C CYS G 32 1.66 19.52 23.57
N VAL G 33 2.17 20.74 23.47
CA VAL G 33 2.43 21.37 22.18
C VAL G 33 3.87 21.04 21.81
N MET G 34 4.80 21.68 22.50
CA MET G 34 6.22 21.30 22.45
C MET G 34 6.80 21.37 21.03
N GLY G 35 6.41 22.37 20.25
CA GLY G 35 6.85 22.40 18.86
C GLY G 35 6.13 23.38 17.98
N PRO G 36 6.56 23.50 16.72
CA PRO G 36 5.94 24.49 15.81
C PRO G 36 4.45 24.20 15.59
N ILE G 37 3.69 25.27 15.40
CA ILE G 37 2.23 25.18 15.30
C ILE G 37 1.88 24.97 13.83
N ASP G 38 1.79 23.71 13.43
CA ASP G 38 1.28 23.40 12.10
C ASP G 38 -0.24 23.46 12.11
N ASP G 39 -0.83 23.29 10.92
CA ASP G 39 -2.24 22.91 10.89
C ASP G 39 -2.43 21.51 11.45
N SER G 40 -1.46 20.62 11.23
CA SER G 40 -1.55 19.26 11.76
C SER G 40 -1.40 19.25 13.28
N VAL G 41 -0.51 20.08 13.81
CA VAL G 41 -0.42 20.23 15.27
C VAL G 41 -1.71 20.81 15.81
N ALA G 42 -2.23 21.84 15.15
CA ALA G 42 -3.46 22.49 15.61
C ALA G 42 -4.62 21.52 15.64
N SER G 43 -4.80 20.76 14.55
CA SER G 43 -5.88 19.78 14.48
C SER G 43 -5.76 18.75 15.61
N LEU G 44 -4.54 18.26 15.84
CA LEU G 44 -4.33 17.23 16.85
C LEU G 44 -4.56 17.80 18.25
N VAL G 45 -4.02 19.00 18.52
CA VAL G 45 -4.27 19.67 19.79
C VAL G 45 -5.76 19.95 19.99
N ILE G 46 -6.41 20.50 18.96
CA ILE G 46 -7.84 20.84 19.07
C ILE G 46 -8.67 19.60 19.39
N ALA G 47 -8.39 18.49 18.70
CA ALA G 47 -9.11 17.25 18.96
C ALA G 47 -8.95 16.79 20.41
N GLN G 48 -7.75 16.93 20.96
CA GLN G 48 -7.51 16.51 22.34
C GLN G 48 -8.28 17.39 23.33
N LEU G 49 -8.37 18.69 23.05
CA LEU G 49 -9.12 19.57 23.94
C LEU G 49 -10.60 19.22 23.95
N LEU G 50 -11.18 19.01 22.77
CA LEU G 50 -12.59 18.64 22.67
C LEU G 50 -12.85 17.28 23.31
N PHE G 51 -11.91 16.35 23.18
CA PHE G 51 -12.07 15.04 23.82
C PHE G 51 -12.04 15.16 25.33
N LEU G 52 -11.11 15.96 25.87
CA LEU G 52 -10.98 16.10 27.31
C LEU G 52 -12.16 16.84 27.92
N GLN G 53 -12.76 17.79 27.18
CA GLN G 53 -13.97 18.43 27.70
C GLN G 53 -15.14 17.45 27.74
N SER G 54 -15.22 16.57 26.74
CA SER G 54 -16.32 15.62 26.72
C SER G 54 -16.21 14.64 27.88
N GLU G 55 -14.98 14.35 28.31
CA GLU G 55 -14.79 13.54 29.50
C GLU G 55 -15.25 14.30 30.74
N SER G 56 -14.88 15.57 30.84
CA SER G 56 -15.31 16.39 31.96
C SER G 56 -15.20 17.86 31.58
N ASN G 57 -16.32 18.58 31.62
CA ASN G 57 -16.32 20.03 31.38
C ASN G 57 -15.72 20.83 32.54
N LYS G 58 -15.41 20.21 33.68
CA LYS G 58 -14.98 20.96 34.85
C LYS G 58 -13.61 20.59 35.39
N LYS G 59 -13.06 19.44 35.03
CA LYS G 59 -11.70 19.12 35.47
C LYS G 59 -10.69 19.92 34.66
N PRO G 60 -9.68 20.49 35.32
CA PRO G 60 -8.71 21.32 34.59
C PRO G 60 -7.91 20.51 33.57
N ILE G 61 -7.60 21.16 32.45
CA ILE G 61 -6.74 20.60 31.41
C ILE G 61 -5.40 21.33 31.47
N HIS G 62 -4.31 20.59 31.33
CA HIS G 62 -2.98 21.16 31.36
C HIS G 62 -2.39 21.16 29.95
N MET G 63 -1.73 22.26 29.61
CA MET G 63 -1.18 22.45 28.28
C MET G 63 0.30 22.82 28.44
N TYR G 64 1.18 21.96 27.93
CA TYR G 64 2.62 22.15 28.04
C TYR G 64 3.11 22.82 26.76
N ILE G 65 3.81 23.95 26.91
CA ILE G 65 4.23 24.74 25.77
C ILE G 65 5.75 24.80 25.75
N ASN G 66 6.35 24.33 24.63
CA ASN G 66 7.77 24.50 24.33
C ASN G 66 7.87 24.74 22.82
N SER G 67 7.38 25.89 22.39
CA SER G 67 7.25 26.14 20.96
C SER G 67 7.89 27.48 20.60
N PRO G 68 8.61 27.53 19.49
CA PRO G 68 9.12 28.81 18.97
C PRO G 68 8.11 29.56 18.13
N GLY G 69 6.87 29.09 18.06
CA GLY G 69 5.84 29.69 17.25
C GLY G 69 5.44 28.80 16.09
N GLY G 70 4.83 29.42 15.10
CA GLY G 70 4.44 28.68 13.91
C GLY G 70 3.43 29.48 13.08
N VAL G 71 2.60 28.73 12.36
CA VAL G 71 1.59 29.36 11.52
C VAL G 71 0.58 30.08 12.40
N VAL G 72 0.27 31.32 12.04
CA VAL G 72 -0.56 32.16 12.90
C VAL G 72 -2.01 31.68 12.90
N THR G 73 -2.56 31.36 11.72
CA THR G 73 -3.94 30.89 11.66
C THR G 73 -4.11 29.58 12.41
N ALA G 74 -3.08 28.73 12.39
CA ALA G 74 -3.15 27.48 13.15
C ALA G 74 -3.10 27.76 14.65
N GLY G 75 -2.33 28.76 15.07
CA GLY G 75 -2.30 29.12 16.48
C GLY G 75 -3.61 29.73 16.96
N LEU G 76 -4.20 30.62 16.15
CA LEU G 76 -5.49 31.18 16.49
C LEU G 76 -6.56 30.10 16.56
N ALA G 77 -6.41 29.05 15.75
CA ALA G 77 -7.33 27.92 15.82
C ALA G 77 -7.30 27.26 17.19
N ILE G 78 -6.09 27.05 17.74
CA ILE G 78 -5.97 26.51 19.09
C ILE G 78 -6.52 27.51 20.11
N TYR G 79 -6.15 28.78 19.97
CA TYR G 79 -6.62 29.81 20.89
C TYR G 79 -8.15 29.84 20.95
N ASP G 80 -8.80 29.82 19.79
CA ASP G 80 -10.26 29.85 19.78
C ASP G 80 -10.85 28.63 20.48
N THR G 81 -10.18 27.48 20.36
CA THR G 81 -10.64 26.27 21.02
C THR G 81 -10.47 26.36 22.53
N MET G 82 -9.38 26.96 23.01
CA MET G 82 -9.17 27.10 24.45
C MET G 82 -10.27 27.94 25.10
N GLN G 83 -10.60 29.09 24.52
CA GLN G 83 -11.64 29.94 25.09
C GLN G 83 -13.01 29.28 24.97
N TYR G 84 -13.21 28.49 23.93
CA TYR G 84 -14.52 27.87 23.69
C TYR G 84 -14.86 26.90 24.81
N ILE G 85 -13.94 26.01 25.15
CA ILE G 85 -14.23 24.98 26.13
C ILE G 85 -14.41 25.60 27.51
N LEU G 86 -15.21 24.95 28.34
CA LEU G 86 -15.55 25.46 29.66
C LEU G 86 -14.45 25.22 30.68
N ASN G 87 -13.51 24.35 30.36
CA ASN G 87 -12.51 23.89 31.32
C ASN G 87 -11.58 25.02 31.74
N PRO G 88 -11.17 25.06 33.01
CA PRO G 88 -9.99 25.85 33.36
C PRO G 88 -8.78 25.23 32.67
N ILE G 89 -7.90 26.08 32.16
CA ILE G 89 -6.75 25.63 31.38
C ILE G 89 -5.49 26.13 32.07
N CYS G 90 -4.67 25.18 32.54
CA CYS G 90 -3.38 25.51 33.11
C CYS G 90 -2.33 25.41 31.99
N THR G 91 -1.71 26.53 31.66
CA THR G 91 -0.63 26.54 30.70
C THR G 91 0.70 26.51 31.43
N TRP G 92 1.62 25.69 30.92
CA TRP G 92 2.94 25.51 31.51
C TRP G 92 3.97 25.67 30.42
N CYS G 93 4.79 26.72 30.53
CA CYS G 93 5.85 26.95 29.56
C CYS G 93 7.13 26.37 30.12
N VAL G 94 7.70 25.40 29.42
CA VAL G 94 8.99 24.82 29.75
C VAL G 94 9.87 24.94 28.53
N GLY G 95 11.15 25.25 28.76
CA GLY G 95 12.03 25.47 27.64
C GLY G 95 11.88 26.87 27.09
N GLN G 96 10.93 27.05 26.17
CA GLN G 96 10.72 28.38 25.61
C GLN G 96 9.35 28.45 24.95
N ALA G 97 8.84 29.69 24.83
CA ALA G 97 7.54 29.97 24.23
C ALA G 97 7.65 31.28 23.47
N ALA G 98 7.78 31.19 22.15
CA ALA G 98 8.00 32.35 21.29
C ALA G 98 6.87 32.48 20.29
N SER G 99 6.57 33.73 19.91
CA SER G 99 5.60 34.06 18.86
C SER G 99 4.24 33.46 19.23
N MET G 100 3.65 32.60 18.39
CA MET G 100 2.36 32.01 18.71
C MET G 100 2.40 31.20 20.00
N GLY G 101 3.57 30.68 20.36
CA GLY G 101 3.69 29.90 21.59
C GLY G 101 3.32 30.70 22.84
N SER G 102 3.85 31.93 22.92
CA SER G 102 3.55 32.76 24.08
C SER G 102 2.10 33.22 24.10
N LEU G 103 1.47 33.32 22.93
CA LEU G 103 0.05 33.66 22.89
C LEU G 103 -0.79 32.57 23.54
N LEU G 104 -0.49 31.31 23.23
CA LEU G 104 -1.17 30.19 23.88
C LEU G 104 -0.92 30.21 25.38
N LEU G 105 0.33 30.52 25.78
CA LEU G 105 0.68 30.58 27.20
C LEU G 105 -0.15 31.63 27.94
N ALA G 106 -0.23 32.83 27.39
CA ALA G 106 -0.99 33.89 28.04
C ALA G 106 -2.49 33.63 28.01
N ALA G 107 -2.97 32.72 27.17
CA ALA G 107 -4.40 32.47 27.02
C ALA G 107 -4.92 31.45 28.03
N GLY G 108 -4.08 30.96 28.93
CA GLY G 108 -4.55 30.07 29.98
C GLY G 108 -5.49 30.78 30.94
N THR G 109 -6.14 29.98 31.77
CA THR G 109 -7.06 30.53 32.77
C THR G 109 -6.27 31.41 33.75
N PRO G 110 -6.77 32.62 34.06
CA PRO G 110 -6.03 33.50 34.98
C PRO G 110 -5.74 32.84 36.32
N GLY G 111 -4.52 33.05 36.80
CA GLY G 111 -4.04 32.39 38.00
C GLY G 111 -3.47 31.01 37.77
N MET G 112 -3.48 30.53 36.52
CA MET G 112 -3.07 29.17 36.19
C MET G 112 -2.06 29.13 35.05
N ARG G 113 -1.38 30.24 34.79
CA ARG G 113 -0.35 30.31 33.76
C ARG G 113 1.01 30.31 34.44
N HIS G 114 1.80 29.27 34.17
CA HIS G 114 3.05 29.05 34.89
C HIS G 114 4.22 28.98 33.92
N SER G 115 5.42 29.13 34.49
CA SER G 115 6.66 28.92 33.77
C SER G 115 7.67 28.25 34.69
N LEU G 116 8.58 27.52 34.08
CA LEU G 116 9.71 26.94 34.80
C LEU G 116 10.82 27.99 34.88
N PRO G 117 11.79 27.82 35.79
CA PRO G 117 12.71 28.93 36.07
C PRO G 117 13.48 29.42 34.85
N ASN G 118 13.94 28.53 33.98
CA ASN G 118 14.77 28.90 32.84
C ASN G 118 13.98 28.90 31.52
N SER G 119 12.68 29.14 31.57
CA SER G 119 11.86 29.12 30.36
C SER G 119 11.96 30.48 29.65
N ARG G 120 11.75 30.45 28.34
CA ARG G 120 11.89 31.63 27.50
C ARG G 120 10.52 32.08 26.99
N ILE G 121 10.29 33.38 27.04
CA ILE G 121 9.05 33.98 26.57
C ILE G 121 9.40 35.05 25.54
N MET G 122 8.71 35.01 24.41
CA MET G 122 8.92 35.97 23.33
C MET G 122 7.59 36.28 22.68
N ILE G 123 7.25 37.56 22.60
CA ILE G 123 6.03 37.99 21.93
C ILE G 123 6.32 38.60 20.56
N HIS G 124 7.55 39.04 20.32
CA HIS G 124 7.94 39.57 19.02
C HIS G 124 7.55 38.59 17.92
N GLN G 125 7.02 39.12 16.86
CA GLN G 125 6.62 38.15 15.85
C GLN G 125 7.73 37.94 14.83
N PRO G 126 7.90 36.71 14.34
CA PRO G 126 8.99 36.43 13.43
C PRO G 126 8.77 37.08 12.07
N SER G 127 9.88 37.32 11.39
CA SER G 127 9.86 38.09 10.16
C SER G 127 9.66 37.15 8.97
N ALA G 134 2.63 32.11 9.59
CA ALA G 134 1.36 32.27 8.88
C ALA G 134 1.57 32.22 7.39
N THR G 135 2.38 31.28 6.92
CA THR G 135 2.69 31.18 5.50
C THR G 135 2.01 29.94 4.89
N ASP G 136 0.80 29.62 5.37
CA ASP G 136 0.02 28.58 4.71
C ASP G 136 -0.22 28.96 3.26
N ILE G 137 -0.68 30.19 3.05
CA ILE G 137 -0.89 30.75 1.72
C ILE G 137 -0.19 32.10 1.71
N ALA G 138 0.31 32.49 0.54
CA ALA G 138 0.90 33.80 0.40
C ALA G 138 -0.22 34.82 0.50
N ILE G 139 0.00 35.88 1.28
CA ILE G 139 -1.07 36.79 1.64
C ILE G 139 -0.64 38.22 1.28
N GLN G 140 -1.62 39.12 1.23
CA GLN G 140 -1.45 40.52 0.91
C GLN G 140 -1.04 41.31 2.15
N ALA G 141 -0.59 42.55 1.93
CA ALA G 141 -0.13 43.39 3.02
C ALA G 141 -1.26 43.84 3.94
N GLU G 142 -2.46 44.05 3.39
CA GLU G 142 -3.57 44.55 4.17
C GLU G 142 -4.06 43.48 5.13
N GLU G 143 -4.04 42.24 4.66
CA GLU G 143 -4.48 41.11 5.46
C GLU G 143 -3.44 40.77 6.50
N ILE G 144 -2.16 40.85 6.16
CA ILE G 144 -1.10 40.58 7.14
C ILE G 144 -1.20 41.55 8.31
N MET G 145 -1.53 42.82 8.04
CA MET G 145 -1.68 43.79 9.12
C MET G 145 -2.95 43.55 9.91
N LYS G 146 -4.03 43.20 9.22
CA LYS G 146 -5.26 42.82 9.90
C LYS G 146 -4.99 41.67 10.87
N LEU G 147 -4.06 40.78 10.50
CA LEU G 147 -3.72 39.63 11.34
C LEU G 147 -2.96 40.05 12.62
N LYS G 148 -1.95 40.92 12.51
CA LYS G 148 -1.24 41.34 13.73
C LYS G 148 -2.13 42.13 14.67
N LYS G 149 -2.96 43.02 14.12
CA LYS G 149 -3.91 43.76 14.94
C LYS G 149 -4.81 42.78 15.69
N GLN G 150 -5.16 41.68 15.02
CA GLN G 150 -5.89 40.60 15.67
C GLN G 150 -5.09 40.00 16.82
N LEU G 151 -3.76 39.90 16.66
CA LEU G 151 -2.91 39.41 17.75
C LEU G 151 -2.79 40.45 18.87
N TYR G 152 -2.71 41.74 18.52
CA TYR G 152 -2.63 42.79 19.52
C TYR G 152 -3.78 42.70 20.52
N ASN G 153 -5.00 42.56 20.01
CA ASN G 153 -6.16 42.54 20.90
C ASN G 153 -6.15 41.33 21.81
N ILE G 154 -5.72 40.17 21.31
CA ILE G 154 -5.65 38.97 22.14
C ILE G 154 -4.64 39.17 23.26
N TYR G 155 -3.43 39.62 22.92
CA TYR G 155 -2.43 39.95 23.93
C TYR G 155 -2.93 41.03 24.89
N ALA G 156 -3.50 42.10 24.33
CA ALA G 156 -4.02 43.17 25.19
C ALA G 156 -5.09 42.65 26.14
N LYS G 157 -5.92 41.73 25.66
CA LYS G 157 -6.98 41.17 26.49
C LYS G 157 -6.41 40.42 27.70
N HIS G 158 -5.43 39.54 27.47
CA HIS G 158 -5.01 38.58 28.47
C HIS G 158 -3.87 39.08 29.37
N THR G 159 -3.08 40.05 28.93
CA THR G 159 -2.09 40.65 29.81
C THR G 159 -2.65 41.82 30.62
N LYS G 160 -3.83 42.32 30.25
CA LYS G 160 -4.45 43.50 30.85
C LYS G 160 -3.62 44.75 30.59
N GLN G 161 -2.84 44.73 29.52
CA GLN G 161 -2.05 45.87 29.10
C GLN G 161 -2.82 46.67 28.05
N SER G 162 -2.50 47.96 27.98
CA SER G 162 -3.12 48.78 26.96
C SER G 162 -2.65 48.32 25.58
N LEU G 163 -3.45 48.65 24.57
CA LEU G 163 -3.06 48.30 23.20
C LEU G 163 -1.73 48.95 22.83
N GLN G 164 -1.53 50.20 23.27
CA GLN G 164 -0.30 50.92 22.95
C GLN G 164 0.94 50.22 23.48
N VAL G 165 0.90 49.77 24.74
CA VAL G 165 2.09 49.14 25.31
C VAL G 165 2.32 47.76 24.69
N ILE G 166 1.24 47.09 24.28
CA ILE G 166 1.39 45.78 23.65
C ILE G 166 2.13 45.91 22.31
N GLU G 167 1.68 46.84 21.44
CA GLU G 167 2.32 47.01 20.13
C GLU G 167 3.78 47.45 20.23
N SER G 168 4.10 48.35 21.19
CA SER G 168 5.48 48.79 21.39
C SER G 168 6.35 47.64 21.87
N ALA G 169 5.83 46.82 22.74
CA ALA G 169 6.61 45.71 23.26
C ALA G 169 6.91 44.69 22.17
N MET G 170 5.91 44.35 21.37
CA MET G 170 6.10 43.35 20.32
C MET G 170 7.10 43.81 19.26
N GLU G 171 7.28 45.12 19.10
CA GLU G 171 8.24 45.64 18.13
C GLU G 171 9.68 45.39 18.57
N ARG G 172 9.91 45.12 19.85
CA ARG G 172 11.26 44.88 20.35
C ARG G 172 11.59 43.40 20.19
N ASP G 173 12.68 43.10 19.50
CA ASP G 173 13.10 41.72 19.24
C ASP G 173 13.93 41.19 20.42
N ARG G 174 13.25 41.00 21.55
CA ARG G 174 13.91 40.54 22.76
C ARG G 174 13.07 39.45 23.42
N TYR G 175 13.75 38.56 24.14
CA TYR G 175 13.11 37.57 24.98
C TYR G 175 12.89 38.13 26.39
N MET G 176 11.98 37.50 27.11
CA MET G 176 11.65 37.91 28.47
C MET G 176 11.98 36.78 29.44
N SER G 177 12.34 37.16 30.66
CA SER G 177 12.53 36.17 31.71
C SER G 177 11.17 35.79 32.28
N PRO G 178 11.06 34.61 32.90
CA PRO G 178 9.78 34.23 33.51
C PRO G 178 9.25 35.25 34.50
N MET G 179 10.12 36.03 35.15
CA MET G 179 9.62 37.13 35.97
C MET G 179 9.14 38.31 35.12
N GLU G 180 9.96 38.75 34.16
CA GLU G 180 9.53 39.75 33.20
C GLU G 180 8.19 39.33 32.57
N ALA G 181 8.00 38.02 32.36
CA ALA G 181 6.74 37.56 31.81
C ALA G 181 5.61 37.61 32.85
N GLN G 182 5.90 37.31 34.12
CA GLN G 182 4.85 37.37 35.14
C GLN G 182 4.37 38.80 35.35
N GLU G 183 5.30 39.75 35.45
CA GLU G 183 4.91 41.13 35.68
C GLU G 183 4.24 41.74 34.45
N PHE G 184 4.58 41.27 33.24
CA PHE G 184 3.94 41.82 32.05
C PHE G 184 2.51 41.33 31.88
N GLY G 185 2.14 40.23 32.52
CA GLY G 185 0.81 39.68 32.40
C GLY G 185 0.68 38.48 31.50
N ILE G 186 1.79 37.95 30.98
CA ILE G 186 1.72 36.75 30.16
C ILE G 186 1.51 35.52 31.04
N LEU G 187 2.10 35.50 32.23
CA LEU G 187 1.95 34.39 33.16
C LEU G 187 1.78 34.94 34.57
N ASP G 188 1.49 34.04 35.50
CA ASP G 188 1.14 34.39 36.87
C ASP G 188 2.11 33.85 37.92
N LYS G 189 2.78 32.73 37.66
CA LYS G 189 3.58 32.05 38.69
C LYS G 189 4.84 31.46 38.09
N VAL G 190 6.00 31.83 38.64
CA VAL G 190 7.28 31.24 38.27
C VAL G 190 7.73 30.36 39.44
N LEU G 191 7.56 29.06 39.28
CA LEU G 191 7.77 28.08 40.34
C LEU G 191 8.95 27.18 40.02
N VAL G 192 9.48 26.54 41.07
CA VAL G 192 10.67 25.73 40.94
C VAL G 192 10.36 24.26 41.23
N HIS G 193 9.33 23.98 42.01
CA HIS G 193 8.89 22.64 42.37
C HIS G 193 7.59 22.76 43.17
C10 R89 H . -19.11 2.39 4.22
C13 R89 H . -19.64 9.06 -4.04
C15 R89 H . -21.68 10.52 -3.18
C17 R89 H . -22.11 8.26 -4.49
C20 R89 H . -23.09 7.24 -5.06
C22 R89 H . -23.72 6.10 -3.15
C24 R89 H . -23.44 3.59 -3.27
C26 R89 H . -23.02 5.20 -5.25
C28 R89 H . -23.97 4.72 -1.04
C02 R89 H . -24.23 3.36 1.03
C03 R89 H . -22.94 3.13 1.81
C04 R89 H . -22.93 2.12 2.97
C05 R89 H . -21.65 1.88 3.76
C06 R89 H . -20.38 2.65 3.41
C07 R89 H . -20.39 3.65 2.25
C08 R89 H . -21.67 3.90 1.45
C14 R89 H . -20.17 10.30 -3.32
C16 R89 H . -22.64 9.50 -3.76
C18 R89 H . -20.61 8.03 -4.62
C23 R89 H . -23.72 4.81 -2.49
C25 R89 H . -23.21 3.69 -4.63
C30 R89 H . -23.69 2.18 -1.20
C32 R89 H . -23.35 0.13 -1.96
C33 R89 H . -23.24 1.02 -3.05
F09 R89 H . -18.36 1.40 3.63
F11 R89 H . -19.45 1.99 5.48
F12 R89 H . -18.40 3.54 4.32
N01 R89 H . -23.96 3.43 -0.39
N21 R89 H . -22.88 6.15 -4.47
N27 R89 H . -23.45 2.26 -2.59
N31 R89 H . -23.63 0.87 -0.85
O29 R89 H . -24.19 5.70 -0.41
CL19 R89 H . -17.89 8.80 -4.19
C10 R89 I . -42.79 -1.49 -25.67
C13 R89 I . -44.99 -3.84 -15.08
C15 R89 I . -44.96 -1.37 -14.19
C17 R89 I . -42.71 -2.52 -14.95
C20 R89 I . -41.20 -2.53 -15.17
C22 R89 I . -41.27 -0.88 -16.86
C24 R89 I . -39.18 -1.61 -18.04
C26 R89 I . -39.45 -1.72 -15.61
C28 R89 I . -40.57 0.29 -19.04
C02 R89 I . -39.85 1.37 -21.16
C03 R89 I . -40.57 0.67 -22.30
C04 R89 I . -41.65 -0.37 -21.96
C05 R89 I . -42.39 -1.09 -23.09
C06 R89 I . -42.06 -0.77 -24.53
C07 R89 I . -40.99 0.27 -24.87
C08 R89 I . -40.24 1.00 -23.75
C14 R89 I . -45.73 -2.63 -14.54
C16 R89 I . -43.44 -1.30 -14.39
C18 R89 I . -43.48 -3.78 -15.29
C23 R89 I . -40.34 -0.72 -17.97
C25 R89 I . -39.03 -2.50 -17.01
C30 R89 I . -38.42 -0.53 -20.19
C32 R89 I . -36.57 -1.62 -20.66
C33 R89 I . -37.09 -2.14 -19.47
F09 R89 I . -42.80 -2.84 -25.44
F11 R89 I . -42.14 -1.25 -26.84
F12 R89 I . -44.06 -1.05 -25.73
N01 R89 I . -39.62 0.39 -20.13
N21 R89 I . -40.65 -1.46 -15.52
N27 R89 I . -38.20 -1.49 -19.18
N31 R89 I . -37.40 -0.64 -21.09
O29 R89 I . -41.51 0.99 -18.99
CL19 R89 I . -45.88 -5.33 -15.49
C10 R89 J . 7.49 -23.01 2.15
C13 R89 J . 14.57 -23.38 -6.11
C15 R89 J . 13.06 -24.86 -7.68
C17 R89 J . 14.41 -25.98 -5.68
C20 R89 J . 14.80 -27.23 -4.89
C22 R89 J . 12.97 -27.55 -3.49
C24 R89 J . 13.58 -27.92 -1.05
C26 R89 J . 15.26 -27.68 -2.97
C28 R89 J . 11.14 -27.97 -1.78
C02 R89 J . 9.35 -28.38 -0.09
C03 R89 J . 8.89 -27.02 0.47
C04 R89 J . 7.82 -26.97 1.54
C05 R89 J . 7.35 -25.64 2.10
C06 R89 J . 7.97 -24.34 1.58
C07 R89 J . 9.04 -24.39 0.50
C08 R89 J . 9.50 -25.73 -0.06
C14 R89 J . 13.62 -23.50 -7.29
C16 R89 J . 13.46 -26.09 -6.86
C18 R89 J . 14.98 -24.61 -5.30
C23 R89 J . 12.57 -27.82 -2.11
C25 R89 J . 14.92 -27.78 -1.36
C30 R89 J . 11.78 -28.35 0.68
C32 R89 J . 12.92 -28.57 2.54
C33 R89 J . 13.84 -28.33 1.49
F09 R89 J . 8.37 -22.56 3.10
F11 R89 J . 6.25 -23.18 2.70
F12 R89 J . 7.39 -22.11 1.12
N01 R89 J . 10.75 -28.23 -0.42
N21 R89 J . 14.45 -27.09 -3.69
N27 R89 J . 13.14 -28.20 0.36
N31 R89 J . 11.67 -28.57 2.01
O29 R89 J . 10.31 -27.89 -2.64
CL19 R89 J . 15.22 -21.78 -5.68
C10 R89 K . -9.64 -13.94 -4.02
C13 R89 K . -7.12 -11.73 -14.46
C15 R89 K . -9.73 -11.36 -14.66
C17 R89 K . -8.73 -13.80 -14.80
C20 R89 K . -8.91 -15.30 -14.95
C22 R89 K . -10.05 -15.98 -13.04
C24 R89 K . -8.97 -17.86 -11.77
C26 R89 K . -7.96 -16.80 -13.93
C28 R89 K . -11.00 -16.68 -10.76
C02 R89 K . -11.90 -17.38 -8.54
C03 R89 K . -11.33 -16.51 -7.41
C04 R89 K . -11.88 -16.65 -6.00
C05 R89 K . -11.32 -15.79 -4.87
C06 R89 K . -10.20 -14.79 -5.17
C07 R89 K . -9.65 -14.66 -6.58
C08 R89 K . -10.21 -15.51 -7.71
C14 R89 K . -8.33 -10.79 -14.48
C16 R89 K . -9.93 -12.87 -14.81
C18 R89 K . -7.32 -13.24 -14.62
C23 R89 K . -10.01 -16.83 -11.87
C25 R89 K . -8.07 -18.01 -12.81
C30 R89 K . -9.86 -18.60 -9.52
C32 R89 K . -8.50 -20.25 -8.97
C33 R89 K . -8.11 -19.75 -10.22
F09 R89 K . -8.40 -14.40 -3.69
F11 R89 K . -10.48 -13.97 -2.95
F12 R89 K . -9.55 -12.64 -4.45
N01 R89 K . -10.94 -17.53 -9.61
N21 R89 K . -8.70 -15.82 -13.82
N27 R89 K . -8.93 -18.76 -10.56
N31 R89 K . -9.58 -19.52 -8.56
O29 R89 K . -11.84 -15.84 -10.83
CL19 R89 K . -5.49 -11.07 -14.25
C10 R89 L . 19.18 -18.67 18.44
C13 R89 L . 30.00 -18.40 13.97
C15 R89 L . 29.46 -15.94 14.75
C17 R89 L . 29.59 -17.94 16.53
C20 R89 L . 29.48 -18.35 18.00
C22 R89 L . 28.40 -20.47 18.11
C24 R89 L . 27.62 -19.73 20.42
C26 R89 L . 29.99 -19.51 19.54
C28 R89 L . 26.17 -21.31 19.04
C02 R89 L . 23.98 -22.13 19.97
C03 R89 L . 22.79 -21.25 19.59
C04 R89 L . 23.00 -19.94 18.82
C05 R89 L . 21.80 -19.07 18.44
C06 R89 L . 20.39 -19.52 18.83
C07 R89 L . 20.17 -20.83 19.58
C08 R89 L . 21.37 -21.70 19.97
C14 R89 L . 29.77 -16.93 13.64
C16 R89 L . 29.37 -16.47 16.19
C18 R89 L . 29.91 -18.92 15.41
C23 R89 L . 27.41 -20.50 19.19
C25 R89 L . 28.78 -18.98 20.55
C30 R89 L . 25.41 -20.55 21.35
C32 R89 L . 25.30 -19.57 23.32
C33 R89 L . 26.51 -19.19 22.68
F09 R89 L . 19.03 -17.63 19.33
F11 R89 L . 18.07 -19.45 18.45
F12 R89 L . 19.37 -18.17 17.18
N01 R89 L . 25.19 -21.34 20.09
N21 R89 L . 29.67 -19.56 18.34
N27 R89 L . 26.58 -19.78 21.50
N31 R89 L . 24.65 -20.40 22.47
O29 R89 L . 25.99 -21.94 18.05
CL19 R89 L . 30.37 -19.54 12.66
C10 R89 M . -14.22 13.21 21.04
C13 R89 M . -13.69 23.13 16.49
C15 R89 M . -13.66 23.98 18.97
C17 R89 M . -15.99 23.56 17.75
C20 R89 M . -17.53 23.60 17.81
C22 R89 M . -17.72 21.71 19.26
C24 R89 M . -19.07 19.80 18.25
C26 R89 M . -18.26 21.85 16.95
C28 R89 M . -18.12 19.58 20.61
C02 R89 M . -18.51 17.48 21.92
C03 R89 M . -17.42 16.43 21.69
C04 R89 M . -17.52 15.10 22.40
C05 R89 M . -16.43 14.04 22.20
C06 R89 M . -15.27 14.29 21.25
C07 R89 M . -15.18 15.63 20.52
C08 R89 M . -16.25 16.69 20.73
C14 R89 M . -12.91 23.55 17.72
C16 R89 M . -15.19 23.99 18.96
C18 R89 M . -15.22 23.14 16.50
C23 R89 M . -18.31 20.37 19.37
C25 R89 M . -19.26 20.56 17.09
C30 R89 M . -19.49 17.68 19.55
C32 R89 M . -20.69 16.48 18.15
C33 R89 M . -20.40 17.70 17.53
F09 R89 M . -14.59 12.42 19.98
F11 R89 M . -14.10 12.44 22.16
F12 R89 M . -13.03 13.80 20.76
N01 R89 M . -18.69 18.26 20.70
N21 R89 M . -18.17 22.52 17.98
N27 R89 M . -19.67 18.44 18.37
N31 R89 M . -20.12 16.49 19.39
O29 R89 M . -17.49 20.03 21.52
CL19 R89 M . -12.81 22.62 15.03
C10 R89 N . 2.39 10.40 32.94
C13 R89 N . 6.46 20.34 33.12
C15 R89 N . 7.69 20.08 35.44
C17 R89 N . 5.12 20.76 35.38
C20 R89 N . 3.85 21.14 36.15
C22 R89 N . 3.42 18.80 36.48
C24 R89 N . 0.98 18.20 36.10
C26 R89 N . 2.11 20.39 35.35
C28 R89 N . 2.56 16.46 37.09
C02 R89 N . 1.72 14.17 37.69
C03 R89 N . 1.88 13.23 36.50
C04 R89 N . 1.19 11.86 36.51
C05 R89 N . 1.36 10.91 35.32
C06 R89 N . 2.22 11.34 34.12
C07 R89 N . 2.90 12.70 34.12
C08 R89 N . 2.73 13.64 35.30
C14 R89 N . 7.72 20.03 33.92
C16 R89 N . 6.40 20.46 36.15
C18 R89 N . 5.16 20.71 33.84
C23 R89 N . 2.33 17.82 36.56
C25 R89 N . 0.75 19.48 35.61
C30 R89 N . 0.10 15.91 36.70
C32 R89 N . -2.03 16.04 36.16
C33 R89 N . -1.42 17.28 35.86
F09 R89 N . 3.38 10.86 32.14
F11 R89 N . 1.22 10.35 32.23
F12 R89 N . 2.70 9.15 33.40
N01 R89 N . 1.48 15.52 37.17
N21 R89 N . 2.93 20.27 36.26
N27 R89 N . -0.14 17.20 36.20
N31 R89 N . -1.08 15.22 36.67
O29 R89 N . 3.64 16.14 37.46
CL19 R89 N . 6.49 20.27 31.34
#